data_6G6D
# 
_entry.id   6G6D 
# 
_audit_conform.dict_name       mmcif_pdbx.dic 
_audit_conform.dict_version    5.399 
_audit_conform.dict_location   http://mmcif.pdb.org/dictionaries/ascii/mmcif_pdbx.dic 
# 
loop_
_database_2.database_id 
_database_2.database_code 
_database_2.pdbx_database_accession 
_database_2.pdbx_DOI 
PDB   6G6D         pdb_00006g6d 10.2210/pdb6g6d/pdb 
WWPDB D_1200009466 ?            ?                   
# 
loop_
_pdbx_audit_revision_history.ordinal 
_pdbx_audit_revision_history.data_content_type 
_pdbx_audit_revision_history.major_revision 
_pdbx_audit_revision_history.minor_revision 
_pdbx_audit_revision_history.revision_date 
1 'Structure model' 1 0 2018-10-17 
2 'Structure model' 1 1 2024-11-20 
# 
_pdbx_audit_revision_details.ordinal             1 
_pdbx_audit_revision_details.revision_ordinal    1 
_pdbx_audit_revision_details.data_content_type   'Structure model' 
_pdbx_audit_revision_details.provider            repository 
_pdbx_audit_revision_details.type                'Initial release' 
_pdbx_audit_revision_details.description         ? 
_pdbx_audit_revision_details.details             ? 
# 
loop_
_pdbx_audit_revision_group.ordinal 
_pdbx_audit_revision_group.revision_ordinal 
_pdbx_audit_revision_group.data_content_type 
_pdbx_audit_revision_group.group 
1 2 'Structure model' Advisory              
2 2 'Structure model' 'Data collection'     
3 2 'Structure model' 'Database references' 
4 2 'Structure model' 'Structure summary'   
# 
loop_
_pdbx_audit_revision_category.ordinal 
_pdbx_audit_revision_category.revision_ordinal 
_pdbx_audit_revision_category.data_content_type 
_pdbx_audit_revision_category.category 
1 2 'Structure model' chem_comp_atom               
2 2 'Structure model' chem_comp_bond               
3 2 'Structure model' database_2                   
4 2 'Structure model' pdbx_entry_details           
5 2 'Structure model' pdbx_modification_feature    
6 2 'Structure model' pdbx_unobs_or_zero_occ_atoms 
# 
loop_
_pdbx_audit_revision_item.ordinal 
_pdbx_audit_revision_item.revision_ordinal 
_pdbx_audit_revision_item.data_content_type 
_pdbx_audit_revision_item.item 
1 2 'Structure model' '_database_2.pdbx_DOI'                
2 2 'Structure model' '_database_2.pdbx_database_accession' 
# 
_pdbx_database_status.status_code                     REL 
_pdbx_database_status.status_code_sf                  REL 
_pdbx_database_status.status_code_mr                  ? 
_pdbx_database_status.entry_id                        6G6D 
_pdbx_database_status.recvd_initial_deposition_date   2018-04-01 
_pdbx_database_status.SG_entry                        N 
_pdbx_database_status.deposit_site                    PDBE 
_pdbx_database_status.process_site                    PDBE 
_pdbx_database_status.status_code_cs                  ? 
_pdbx_database_status.methods_development_category    ? 
_pdbx_database_status.pdb_format_compatible           Y 
_pdbx_database_status.status_code_nmr_data            ? 
# 
loop_
_audit_author.name 
_audit_author.pdbx_ordinal 
_audit_author.identifier_ORCID 
'Rhys, G.G.'     1 0000-0002-0247-9495 
'Brady, R.L.'    2 ?                   
'Woolfson, D.N.' 3 ?                   
# 
_citation.abstract                  ? 
_citation.abstract_id_CAS           ? 
_citation.book_id_ISBN              ? 
_citation.book_publisher            ? 
_citation.book_publisher_city       ? 
_citation.book_title                ? 
_citation.coordinate_linkage        ? 
_citation.country                   UK 
_citation.database_id_Medline       ? 
_citation.details                   ? 
_citation.id                        primary 
_citation.journal_abbrev            'Nat Commun' 
_citation.journal_id_ASTM           ? 
_citation.journal_id_CSD            ? 
_citation.journal_id_ISSN           2041-1723 
_citation.journal_full              ? 
_citation.journal_issue             ? 
_citation.journal_volume            9 
_citation.language                  ? 
_citation.page_first                4132 
_citation.page_last                 4132 
_citation.title                     'Maintaining and breaking symmetry in homomeric coiled-coil assemblies.' 
_citation.year                      2018 
_citation.database_id_CSD           ? 
_citation.pdbx_database_id_DOI      10.1038/s41467-018-06391-y 
_citation.pdbx_database_id_PubMed   30297707 
_citation.unpublished_flag          ? 
# 
loop_
_citation_author.citation_id 
_citation_author.name 
_citation_author.ordinal 
_citation_author.identifier_ORCID 
primary 'Rhys, G.G.'       1 0000-0002-0247-9495 
primary 'Wood, C.W.'       2 0000-0003-1243-3105 
primary 'Lang, E.J.M.'     3 0000-0002-3808-054X 
primary 'Mulholland, A.J.' 4 ?                   
primary 'Brady, R.L.'      5 0000-0002-3575-5513 
primary 'Thomson, A.R.'    6 0000-0002-1066-1369 
primary 'Woolfson, D.N.'   7 0000-0002-0394-3202 
# 
loop_
_entity.id 
_entity.type 
_entity.src_method 
_entity.pdbx_description 
_entity.formula_weight 
_entity.pdbx_number_of_molecules 
_entity.pdbx_ec 
_entity.pdbx_mutation 
_entity.pdbx_fragment 
_entity.details 
1 polymer     syn CC-Type2-LL-Sg 3298.871 3  ? ? ? ? 
2 non-polymer syn GLYCEROL       92.094   1  ? ? ? ? 
3 water       nat water          18.015   17 ? ? ? ? 
# 
_entity_poly.entity_id                      1 
_entity_poly.type                           'polypeptide(L)' 
_entity_poly.nstd_linkage                   no 
_entity_poly.nstd_monomer                   yes 
_entity_poly.pdbx_seq_one_letter_code       '(ACE)GELAQSLKELAKSLKELAWSLKELAQSLKG(NH2)' 
_entity_poly.pdbx_seq_one_letter_code_can   XGELAQSLKELAKSLKELAWSLKELAQSLKGX 
_entity_poly.pdbx_strand_id                 A,B,C 
_entity_poly.pdbx_target_identifier         ? 
# 
loop_
_pdbx_entity_nonpoly.entity_id 
_pdbx_entity_nonpoly.name 
_pdbx_entity_nonpoly.comp_id 
2 GLYCEROL GOL 
3 water    HOH 
# 
loop_
_entity_poly_seq.entity_id 
_entity_poly_seq.num 
_entity_poly_seq.mon_id 
_entity_poly_seq.hetero 
1 1  ACE n 
1 2  GLY n 
1 3  GLU n 
1 4  LEU n 
1 5  ALA n 
1 6  GLN n 
1 7  SER n 
1 8  LEU n 
1 9  LYS n 
1 10 GLU n 
1 11 LEU n 
1 12 ALA n 
1 13 LYS n 
1 14 SER n 
1 15 LEU n 
1 16 LYS n 
1 17 GLU n 
1 18 LEU n 
1 19 ALA n 
1 20 TRP n 
1 21 SER n 
1 22 LEU n 
1 23 LYS n 
1 24 GLU n 
1 25 LEU n 
1 26 ALA n 
1 27 GLN n 
1 28 SER n 
1 29 LEU n 
1 30 LYS n 
1 31 GLY n 
1 32 NH2 n 
# 
_pdbx_entity_src_syn.entity_id              1 
_pdbx_entity_src_syn.pdbx_src_id            1 
_pdbx_entity_src_syn.pdbx_alt_source_flag   sample 
_pdbx_entity_src_syn.pdbx_beg_seq_num       1 
_pdbx_entity_src_syn.pdbx_end_seq_num       32 
_pdbx_entity_src_syn.organism_scientific    'synthetic construct' 
_pdbx_entity_src_syn.organism_common_name   ? 
_pdbx_entity_src_syn.ncbi_taxonomy_id       32630 
_pdbx_entity_src_syn.details                'solid-phase peptide synthesis using the fmoc-based strategy' 
# 
loop_
_chem_comp.id 
_chem_comp.type 
_chem_comp.mon_nstd_flag 
_chem_comp.name 
_chem_comp.pdbx_synonyms 
_chem_comp.formula 
_chem_comp.formula_weight 
ACE non-polymer         . 'ACETYL GROUP'  ?                               'C2 H4 O'        44.053  
ALA 'L-peptide linking' y ALANINE         ?                               'C3 H7 N O2'     89.093  
GLN 'L-peptide linking' y GLUTAMINE       ?                               'C5 H10 N2 O3'   146.144 
GLU 'L-peptide linking' y 'GLUTAMIC ACID' ?                               'C5 H9 N O4'     147.129 
GLY 'peptide linking'   y GLYCINE         ?                               'C2 H5 N O2'     75.067  
GOL non-polymer         . GLYCEROL        'GLYCERIN; PROPANE-1,2,3-TRIOL' 'C3 H8 O3'       92.094  
HOH non-polymer         . WATER           ?                               'H2 O'           18.015  
LEU 'L-peptide linking' y LEUCINE         ?                               'C6 H13 N O2'    131.173 
LYS 'L-peptide linking' y LYSINE          ?                               'C6 H15 N2 O2 1' 147.195 
NH2 non-polymer         . 'AMINO GROUP'   ?                               'H2 N'           16.023  
SER 'L-peptide linking' y SERINE          ?                               'C3 H7 N O3'     105.093 
TRP 'L-peptide linking' y TRYPTOPHAN      ?                               'C11 H12 N2 O2'  204.225 
# 
loop_
_pdbx_poly_seq_scheme.asym_id 
_pdbx_poly_seq_scheme.entity_id 
_pdbx_poly_seq_scheme.seq_id 
_pdbx_poly_seq_scheme.mon_id 
_pdbx_poly_seq_scheme.ndb_seq_num 
_pdbx_poly_seq_scheme.pdb_seq_num 
_pdbx_poly_seq_scheme.auth_seq_num 
_pdbx_poly_seq_scheme.pdb_mon_id 
_pdbx_poly_seq_scheme.auth_mon_id 
_pdbx_poly_seq_scheme.pdb_strand_id 
_pdbx_poly_seq_scheme.pdb_ins_code 
_pdbx_poly_seq_scheme.hetero 
A 1 1  ACE 1  0  0  ACE ACE A . n 
A 1 2  GLY 2  1  1  GLY GLY A . n 
A 1 3  GLU 3  2  2  GLU GLU A . n 
A 1 4  LEU 4  3  3  LEU LEU A . n 
A 1 5  ALA 5  4  4  ALA ALA A . n 
A 1 6  GLN 6  5  5  GLN GLN A . n 
A 1 7  SER 7  6  6  SER SER A . n 
A 1 8  LEU 8  7  7  LEU LEU A . n 
A 1 9  LYS 9  8  8  LYS LYS A . n 
A 1 10 GLU 10 9  9  GLU GLU A . n 
A 1 11 LEU 11 10 10 LEU LEU A . n 
A 1 12 ALA 12 11 11 ALA ALA A . n 
A 1 13 LYS 13 12 12 LYS LYS A . n 
A 1 14 SER 14 13 13 SER SER A . n 
A 1 15 LEU 15 14 14 LEU LEU A . n 
A 1 16 LYS 16 15 15 LYS LYS A . n 
A 1 17 GLU 17 16 16 GLU GLU A . n 
A 1 18 LEU 18 17 17 LEU LEU A . n 
A 1 19 ALA 19 18 18 ALA ALA A . n 
A 1 20 TRP 20 19 19 TRP TRP A . n 
A 1 21 SER 21 20 20 SER SER A . n 
A 1 22 LEU 22 21 21 LEU LEU A . n 
A 1 23 LYS 23 22 22 LYS LYS A . n 
A 1 24 GLU 24 23 23 GLU GLU A . n 
A 1 25 LEU 25 24 24 LEU LEU A . n 
A 1 26 ALA 26 25 25 ALA ALA A . n 
A 1 27 GLN 27 26 26 GLN GLN A . n 
A 1 28 SER 28 27 27 SER SER A . n 
A 1 29 LEU 29 28 28 LEU LEU A . n 
A 1 30 LYS 30 29 29 LYS LYS A . n 
A 1 31 GLY 31 30 30 GLY GLY A . n 
A 1 32 NH2 32 31 ?  ?   ?   A . n 
B 1 1  ACE 1  0  0  ACE ACE B . n 
B 1 2  GLY 2  1  1  GLY GLY B . n 
B 1 3  GLU 3  2  2  GLU GLU B . n 
B 1 4  LEU 4  3  3  LEU LEU B . n 
B 1 5  ALA 5  4  4  ALA ALA B . n 
B 1 6  GLN 6  5  5  GLN GLN B . n 
B 1 7  SER 7  6  6  SER SER B . n 
B 1 8  LEU 8  7  7  LEU LEU B . n 
B 1 9  LYS 9  8  8  LYS LYS B . n 
B 1 10 GLU 10 9  9  GLU GLU B . n 
B 1 11 LEU 11 10 10 LEU LEU B . n 
B 1 12 ALA 12 11 11 ALA ALA B . n 
B 1 13 LYS 13 12 12 LYS LYS B . n 
B 1 14 SER 14 13 13 SER SER B . n 
B 1 15 LEU 15 14 14 LEU LEU B . n 
B 1 16 LYS 16 15 15 LYS LYS B . n 
B 1 17 GLU 17 16 16 GLU GLU B . n 
B 1 18 LEU 18 17 17 LEU LEU B . n 
B 1 19 ALA 19 18 18 ALA ALA B . n 
B 1 20 TRP 20 19 19 TRP TRP B . n 
B 1 21 SER 21 20 20 SER SER B . n 
B 1 22 LEU 22 21 21 LEU LEU B . n 
B 1 23 LYS 23 22 22 LYS LYS B . n 
B 1 24 GLU 24 23 23 GLU GLU B . n 
B 1 25 LEU 25 24 24 LEU LEU B . n 
B 1 26 ALA 26 25 25 ALA ALA B . n 
B 1 27 GLN 27 26 26 GLN GLN B . n 
B 1 28 SER 28 27 27 SER SER B . n 
B 1 29 LEU 29 28 28 LEU LEU B . n 
B 1 30 LYS 30 29 29 LYS LYS B . n 
B 1 31 GLY 31 30 30 GLY GLY B . n 
B 1 32 NH2 32 31 ?  ?   ?   B . n 
C 1 1  ACE 1  0  ?  ?   ?   C . n 
C 1 2  GLY 2  1  1  GLY GLY C . n 
C 1 3  GLU 3  2  2  GLU GLU C . n 
C 1 4  LEU 4  3  3  LEU LEU C . n 
C 1 5  ALA 5  4  4  ALA ALA C . n 
C 1 6  GLN 6  5  5  GLN GLN C . n 
C 1 7  SER 7  6  6  SER SER C . n 
C 1 8  LEU 8  7  7  LEU LEU C . n 
C 1 9  LYS 9  8  8  LYS LYS C . n 
C 1 10 GLU 10 9  9  GLU GLU C . n 
C 1 11 LEU 11 10 10 LEU LEU C . n 
C 1 12 ALA 12 11 11 ALA ALA C . n 
C 1 13 LYS 13 12 12 LYS LYS C . n 
C 1 14 SER 14 13 13 SER SER C . n 
C 1 15 LEU 15 14 14 LEU LEU C . n 
C 1 16 LYS 16 15 15 LYS LYS C . n 
C 1 17 GLU 17 16 16 GLU GLU C . n 
C 1 18 LEU 18 17 17 LEU LEU C . n 
C 1 19 ALA 19 18 18 ALA ALA C . n 
C 1 20 TRP 20 19 19 TRP TRP C . n 
C 1 21 SER 21 20 20 SER SER C . n 
C 1 22 LEU 22 21 21 LEU LEU C . n 
C 1 23 LYS 23 22 22 LYS LYS C . n 
C 1 24 GLU 24 23 23 GLU GLU C . n 
C 1 25 LEU 25 24 24 LEU LEU C . n 
C 1 26 ALA 26 25 25 ALA ALA C . n 
C 1 27 GLN 27 26 26 GLN GLN C . n 
C 1 28 SER 28 27 27 SER SER C . n 
C 1 29 LEU 29 28 28 LEU LEU C . n 
C 1 30 LYS 30 29 29 LYS LYS C . n 
C 1 31 GLY 31 30 30 GLY GLY C . n 
C 1 32 NH2 32 31 ?  ?   ?   C . n 
# 
loop_
_pdbx_nonpoly_scheme.asym_id 
_pdbx_nonpoly_scheme.entity_id 
_pdbx_nonpoly_scheme.mon_id 
_pdbx_nonpoly_scheme.ndb_seq_num 
_pdbx_nonpoly_scheme.pdb_seq_num 
_pdbx_nonpoly_scheme.auth_seq_num 
_pdbx_nonpoly_scheme.pdb_mon_id 
_pdbx_nonpoly_scheme.auth_mon_id 
_pdbx_nonpoly_scheme.pdb_strand_id 
_pdbx_nonpoly_scheme.pdb_ins_code 
D 2 GOL 1 101 1  GOL GOL B . 
E 3 HOH 1 101 10 HOH HOH A . 
E 3 HOH 2 102 3  HOH HOH A . 
E 3 HOH 3 103 17 HOH HOH A . 
E 3 HOH 4 104 1  HOH HOH A . 
E 3 HOH 5 105 14 HOH HOH A . 
E 3 HOH 6 106 4  HOH HOH A . 
E 3 HOH 7 107 5  HOH HOH A . 
E 3 HOH 8 108 9  HOH HOH A . 
E 3 HOH 9 109 11 HOH HOH A . 
F 3 HOH 1 201 8  HOH HOH B . 
F 3 HOH 2 202 7  HOH HOH B . 
F 3 HOH 3 203 13 HOH HOH B . 
F 3 HOH 4 204 12 HOH HOH B . 
F 3 HOH 5 205 15 HOH HOH B . 
G 3 HOH 1 101 16 HOH HOH C . 
G 3 HOH 2 102 2  HOH HOH C . 
G 3 HOH 3 103 6  HOH HOH C . 
# 
loop_
_pdbx_unobs_or_zero_occ_atoms.id 
_pdbx_unobs_or_zero_occ_atoms.PDB_model_num 
_pdbx_unobs_or_zero_occ_atoms.polymer_flag 
_pdbx_unobs_or_zero_occ_atoms.occupancy_flag 
_pdbx_unobs_or_zero_occ_atoms.auth_asym_id 
_pdbx_unobs_or_zero_occ_atoms.auth_comp_id 
_pdbx_unobs_or_zero_occ_atoms.auth_seq_id 
_pdbx_unobs_or_zero_occ_atoms.PDB_ins_code 
_pdbx_unobs_or_zero_occ_atoms.auth_atom_id 
_pdbx_unobs_or_zero_occ_atoms.label_alt_id 
_pdbx_unobs_or_zero_occ_atoms.label_asym_id 
_pdbx_unobs_or_zero_occ_atoms.label_comp_id 
_pdbx_unobs_or_zero_occ_atoms.label_seq_id 
_pdbx_unobs_or_zero_occ_atoms.label_atom_id 
1  1 Y 0 A GLN 5  ? OE1 A A GLN 6  OE1 
2  1 Y 0 A GLN 5  ? OE1 B A GLN 6  OE1 
3  1 Y 0 A GLN 5  ? NE2 A A GLN 6  NE2 
4  1 Y 0 A GLN 5  ? NE2 B A GLN 6  NE2 
5  1 Y 0 A LYS 8  ? CE  ? A LYS 9  CE  
6  1 Y 0 A LYS 8  ? NZ  ? A LYS 9  NZ  
7  1 Y 0 B LYS 8  ? CE  ? B LYS 9  CE  
8  1 Y 0 B LYS 8  ? NZ  ? B LYS 9  NZ  
9  1 Y 0 B LYS 29 ? CD  ? B LYS 30 CD  
10 1 Y 0 B LYS 29 ? CE  ? B LYS 30 CE  
11 1 Y 0 B LYS 29 ? NZ  ? B LYS 30 NZ  
12 1 Y 0 C GLU 2  ? CD  ? C GLU 3  CD  
13 1 Y 0 C GLU 2  ? OE1 ? C GLU 3  OE1 
14 1 Y 0 C GLU 2  ? OE2 ? C GLU 3  OE2 
15 1 Y 0 C LYS 8  ? CG  ? C LYS 9  CG  
16 1 Y 0 C LYS 8  ? CD  ? C LYS 9  CD  
17 1 Y 0 C LYS 8  ? CE  ? C LYS 9  CE  
18 1 Y 0 C LYS 8  ? NZ  ? C LYS 9  NZ  
19 1 Y 0 C LYS 22 ? CE  ? C LYS 23 CE  
20 1 Y 0 C LYS 22 ? NZ  ? C LYS 23 NZ  
21 1 Y 0 C LYS 29 ? CE  ? C LYS 30 CE  
22 1 Y 0 C LYS 29 ? NZ  ? C LYS 30 NZ  
23 1 Y 0 C GLY 30 ? CA  ? C GLY 31 CA  
24 1 Y 0 C GLY 30 ? C   ? C GLY 31 C   
25 1 Y 0 C GLY 30 ? O   ? C GLY 31 O   
# 
loop_
_software.citation_id 
_software.classification 
_software.compiler_name 
_software.compiler_version 
_software.contact_author 
_software.contact_author_email 
_software.date 
_software.description 
_software.dependencies 
_software.hardware 
_software.language 
_software.location 
_software.mods 
_software.name 
_software.os 
_software.os_version 
_software.type 
_software.version 
_software.pdbx_ordinal 
? 'data reduction'  ? ? ? ? ? ? ? ? ? ? ? iMOSFLM     ? ? ? .        1 
? 'data scaling'    ? ? ? ? ? ? ? ? ? ? ? Aimless     ? ? ? 0.5.25   2 
? phasing           ? ? ? ? ? ? ? ? ? ? ? PHASER      ? ? ? 2.6.1    3 
? refinement        ? ? ? ? ? ? ? ? ? ? ? REFMAC      ? ? ? 5.8.0158 4 
? 'data extraction' ? ? ? ? ? ? ? ? ? ? ? PDB_EXTRACT ? ? ? 3.24     5 
# 
_cell.angle_alpha                  90.000 
_cell.angle_alpha_esd              ? 
_cell.angle_beta                   90.000 
_cell.angle_beta_esd               ? 
_cell.angle_gamma                  90.000 
_cell.angle_gamma_esd              ? 
_cell.entry_id                     6G6D 
_cell.details                      ? 
_cell.formula_units_Z              ? 
_cell.length_a                     104.160 
_cell.length_a_esd                 ? 
_cell.length_b                     104.160 
_cell.length_b_esd                 ? 
_cell.length_c                     104.160 
_cell.length_c_esd                 ? 
_cell.volume                       ? 
_cell.volume_esd                   ? 
_cell.Z_PDB                        72 
_cell.reciprocal_angle_alpha       ? 
_cell.reciprocal_angle_beta        ? 
_cell.reciprocal_angle_gamma       ? 
_cell.reciprocal_angle_alpha_esd   ? 
_cell.reciprocal_angle_beta_esd    ? 
_cell.reciprocal_angle_gamma_esd   ? 
_cell.reciprocal_length_a          ? 
_cell.reciprocal_length_b          ? 
_cell.reciprocal_length_c          ? 
_cell.reciprocal_length_a_esd      ? 
_cell.reciprocal_length_b_esd      ? 
_cell.reciprocal_length_c_esd      ? 
_cell.pdbx_unique_axis             ? 
# 
_symmetry.entry_id                         6G6D 
_symmetry.cell_setting                     ? 
_symmetry.Int_Tables_number                213 
_symmetry.space_group_name_Hall            ? 
_symmetry.space_group_name_H-M             'P 41 3 2' 
_symmetry.pdbx_full_space_group_name_H-M   ? 
# 
_exptl.absorpt_coefficient_mu     ? 
_exptl.absorpt_correction_T_max   ? 
_exptl.absorpt_correction_T_min   ? 
_exptl.absorpt_correction_type    ? 
_exptl.absorpt_process_details    ? 
_exptl.entry_id                   6G6D 
_exptl.crystals_number            1 
_exptl.details                    ? 
_exptl.method                     'X-RAY DIFFRACTION' 
_exptl.method_details             ? 
# 
_exptl_crystal.colour                      ? 
_exptl_crystal.density_diffrn              ? 
_exptl_crystal.density_Matthews            ? 
_exptl_crystal.density_method              ? 
_exptl_crystal.density_percent_sol         ? 
_exptl_crystal.description                 ? 
_exptl_crystal.F_000                       ? 
_exptl_crystal.id                          1 
_exptl_crystal.preparation                 ? 
_exptl_crystal.size_max                    ? 
_exptl_crystal.size_mid                    ? 
_exptl_crystal.size_min                    ? 
_exptl_crystal.size_rad                    ? 
_exptl_crystal.colour_lustre               ? 
_exptl_crystal.colour_modifier             ? 
_exptl_crystal.colour_primary              ? 
_exptl_crystal.density_meas                ? 
_exptl_crystal.density_meas_esd            ? 
_exptl_crystal.density_meas_gt             ? 
_exptl_crystal.density_meas_lt             ? 
_exptl_crystal.density_meas_temp           ? 
_exptl_crystal.density_meas_temp_esd       ? 
_exptl_crystal.density_meas_temp_gt        ? 
_exptl_crystal.density_meas_temp_lt        ? 
_exptl_crystal.pdbx_crystal_image_url      ? 
_exptl_crystal.pdbx_crystal_image_format   ? 
_exptl_crystal.pdbx_mosaicity              0.260 
_exptl_crystal.pdbx_mosaicity_esd          ? 
# 
_exptl_crystal_grow.apparatus       ? 
_exptl_crystal_grow.atmosphere      ? 
_exptl_crystal_grow.crystal_id      1 
_exptl_crystal_grow.details         ? 
_exptl_crystal_grow.method          'VAPOR DIFFUSION, SITTING DROP' 
_exptl_crystal_grow.method_ref      ? 
_exptl_crystal_grow.pH              ? 
_exptl_crystal_grow.pressure        ? 
_exptl_crystal_grow.pressure_esd    ? 
_exptl_crystal_grow.seeding         ? 
_exptl_crystal_grow.seeding_ref     ? 
_exptl_crystal_grow.temp            293 
_exptl_crystal_grow.temp_details    ? 
_exptl_crystal_grow.temp_esd        ? 
_exptl_crystal_grow.time            ? 
_exptl_crystal_grow.pdbx_details    '100 mM Potassium formate and 10 % w/v PEG 3350' 
_exptl_crystal_grow.pdbx_pH_range   ? 
# 
_diffrn.ambient_environment    ? 
_diffrn.ambient_temp           80 
_diffrn.ambient_temp_details   ? 
_diffrn.ambient_temp_esd       ? 
_diffrn.crystal_id             1 
_diffrn.crystal_support        ? 
_diffrn.crystal_treatment      ? 
_diffrn.details                ? 
_diffrn.id                     1 
_diffrn.ambient_pressure       ? 
_diffrn.ambient_pressure_esd   ? 
_diffrn.ambient_pressure_gt    ? 
_diffrn.ambient_pressure_lt    ? 
_diffrn.ambient_temp_gt        ? 
_diffrn.ambient_temp_lt        ? 
# 
_diffrn_detector.details                      ? 
_diffrn_detector.detector                     PIXEL 
_diffrn_detector.diffrn_id                    1 
_diffrn_detector.type                         'DECTRIS PILATUS 6M-F' 
_diffrn_detector.area_resol_mean              ? 
_diffrn_detector.dtime                        ? 
_diffrn_detector.pdbx_frames_total            ? 
_diffrn_detector.pdbx_collection_time_total   ? 
_diffrn_detector.pdbx_collection_date         2016-01-16 
# 
_diffrn_radiation.collimation                      ? 
_diffrn_radiation.diffrn_id                        1 
_diffrn_radiation.filter_edge                      ? 
_diffrn_radiation.inhomogeneity                    ? 
_diffrn_radiation.monochromator                    ? 
_diffrn_radiation.polarisn_norm                    ? 
_diffrn_radiation.polarisn_ratio                   ? 
_diffrn_radiation.probe                            ? 
_diffrn_radiation.type                             ? 
_diffrn_radiation.xray_symbol                      ? 
_diffrn_radiation.wavelength_id                    1 
_diffrn_radiation.pdbx_monochromatic_or_laue_m_l   M 
_diffrn_radiation.pdbx_wavelength_list             ? 
_diffrn_radiation.pdbx_wavelength                  ? 
_diffrn_radiation.pdbx_diffrn_protocol             'SINGLE WAVELENGTH' 
_diffrn_radiation.pdbx_analyzer                    ? 
_diffrn_radiation.pdbx_scattering_type             x-ray 
# 
_diffrn_radiation_wavelength.id           1 
_diffrn_radiation_wavelength.wavelength   0.97949 
_diffrn_radiation_wavelength.wt           1.0 
# 
_diffrn_source.current                     ? 
_diffrn_source.details                     ? 
_diffrn_source.diffrn_id                   1 
_diffrn_source.power                       ? 
_diffrn_source.size                        ? 
_diffrn_source.source                      SYNCHROTRON 
_diffrn_source.target                      ? 
_diffrn_source.type                        'DIAMOND BEAMLINE I02' 
_diffrn_source.voltage                     ? 
_diffrn_source.take-off_angle              ? 
_diffrn_source.pdbx_wavelength_list        0.97949 
_diffrn_source.pdbx_wavelength             ? 
_diffrn_source.pdbx_synchrotron_beamline   I02 
_diffrn_source.pdbx_synchrotron_site       Diamond 
# 
_reflns.B_iso_Wilson_estimate            ? 
_reflns.entry_id                         6G6D 
_reflns.data_reduction_details           ? 
_reflns.data_reduction_method            ? 
_reflns.d_resolution_high                2.050 
_reflns.d_resolution_low                 73.650 
_reflns.details                          ? 
_reflns.limit_h_max                      ? 
_reflns.limit_h_min                      ? 
_reflns.limit_k_max                      ? 
_reflns.limit_k_min                      ? 
_reflns.limit_l_max                      ? 
_reflns.limit_l_min                      ? 
_reflns.number_all                       ? 
_reflns.number_obs                       12704 
_reflns.observed_criterion               ? 
_reflns.observed_criterion_F_max         ? 
_reflns.observed_criterion_F_min         ? 
_reflns.observed_criterion_I_max         ? 
_reflns.observed_criterion_I_min         ? 
_reflns.observed_criterion_sigma_F       ? 
_reflns.observed_criterion_sigma_I       ? 
_reflns.percent_possible_obs             100.000 
_reflns.R_free_details                   ? 
_reflns.Rmerge_F_all                     ? 
_reflns.Rmerge_F_obs                     ? 
_reflns.Friedel_coverage                 ? 
_reflns.number_gt                        ? 
_reflns.threshold_expression             ? 
_reflns.pdbx_redundancy                  70.000 
_reflns.pdbx_Rmerge_I_obs                0.152 
_reflns.pdbx_Rmerge_I_all                ? 
_reflns.pdbx_Rsym_value                  ? 
_reflns.pdbx_netI_over_av_sigmaI         ? 
_reflns.pdbx_netI_over_sigmaI            25.200 
_reflns.pdbx_res_netI_over_av_sigmaI_2   ? 
_reflns.pdbx_res_netI_over_sigmaI_2      ? 
_reflns.pdbx_chi_squared                 ? 
_reflns.pdbx_scaling_rejects             1550 
_reflns.pdbx_d_res_high_opt              ? 
_reflns.pdbx_d_res_low_opt               ? 
_reflns.pdbx_d_res_opt_method            ? 
_reflns.phase_calculation_details        ? 
_reflns.pdbx_Rrim_I_all                  0.154 
_reflns.pdbx_Rpim_I_all                  0.019 
_reflns.pdbx_d_opt                       ? 
_reflns.pdbx_number_measured_all         889357 
_reflns.pdbx_diffrn_id                   1 
_reflns.pdbx_ordinal                     1 
_reflns.pdbx_CC_half                     0.998 
_reflns.pdbx_R_split                     ? 
# 
loop_
_reflns_shell.d_res_high 
_reflns_shell.d_res_low 
_reflns_shell.meanI_over_sigI_all 
_reflns_shell.meanI_over_sigI_obs 
_reflns_shell.number_measured_all 
_reflns_shell.number_measured_obs 
_reflns_shell.number_possible 
_reflns_shell.number_unique_all 
_reflns_shell.number_unique_obs 
_reflns_shell.percent_possible_all 
_reflns_shell.percent_possible_obs 
_reflns_shell.Rmerge_F_all 
_reflns_shell.Rmerge_F_obs 
_reflns_shell.Rmerge_I_all 
_reflns_shell.Rmerge_I_obs 
_reflns_shell.meanI_over_sigI_gt 
_reflns_shell.meanI_over_uI_all 
_reflns_shell.meanI_over_uI_gt 
_reflns_shell.number_measured_gt 
_reflns_shell.number_unique_gt 
_reflns_shell.percent_possible_gt 
_reflns_shell.Rmerge_F_gt 
_reflns_shell.Rmerge_I_gt 
_reflns_shell.pdbx_redundancy 
_reflns_shell.pdbx_Rsym_value 
_reflns_shell.pdbx_chi_squared 
_reflns_shell.pdbx_netI_over_sigmaI_all 
_reflns_shell.pdbx_netI_over_sigmaI_obs 
_reflns_shell.pdbx_Rrim_I_all 
_reflns_shell.pdbx_Rpim_I_all 
_reflns_shell.pdbx_rejects 
_reflns_shell.pdbx_ordinal 
_reflns_shell.pdbx_diffrn_id 
_reflns_shell.pdbx_CC_half 
_reflns_shell.pdbx_R_split 
2.050 2.110  ? ? ? ? ? ? 957 100.000 ? ? ? ? 8.799 ? ? ? ? ? ? ? ? 69.800 ? ? ? ? 8.863 1.056 ? 1 1 0.432 ? 
8.940 73.650 ? ? ? ? ? ? 208 99.800  ? ? ? ? 0.090 ? ? ? ? ? ? ? ? 53.900 ? ? ? ? 0.091 0.012 ? 2 1 0.997 ? 
# 
_refine.aniso_B[1][1]                            0.0000 
_refine.aniso_B[1][2]                            0.0000 
_refine.aniso_B[1][3]                            0.0000 
_refine.aniso_B[2][2]                            0.0000 
_refine.aniso_B[2][3]                            0.0000 
_refine.aniso_B[3][3]                            0.0000 
_refine.B_iso_max                                133.830 
_refine.B_iso_mean                               62.8530 
_refine.B_iso_min                                37.340 
_refine.correlation_coeff_Fo_to_Fc               0.9650 
_refine.correlation_coeff_Fo_to_Fc_free          0.9590 
_refine.details                                  'HYDROGENS HAVE BEEN ADDED IN THE RIDING POSITIONS U VALUES      : WITH TLS ADDED' 
_refine.diff_density_max                         ? 
_refine.diff_density_max_esd                     ? 
_refine.diff_density_min                         ? 
_refine.diff_density_min_esd                     ? 
_refine.diff_density_rms                         ? 
_refine.diff_density_rms_esd                     ? 
_refine.entry_id                                 6G6D 
_refine.pdbx_refine_id                           'X-RAY DIFFRACTION' 
_refine.ls_abs_structure_details                 ? 
_refine.ls_abs_structure_Flack                   ? 
_refine.ls_abs_structure_Flack_esd               ? 
_refine.ls_abs_structure_Rogers                  ? 
_refine.ls_abs_structure_Rogers_esd              ? 
_refine.ls_d_res_high                            2.0500 
_refine.ls_d_res_low                             73.6500 
_refine.ls_extinction_coef                       ? 
_refine.ls_extinction_coef_esd                   ? 
_refine.ls_extinction_expression                 ? 
_refine.ls_extinction_method                     ? 
_refine.ls_goodness_of_fit_all                   ? 
_refine.ls_goodness_of_fit_all_esd               ? 
_refine.ls_goodness_of_fit_obs                   ? 
_refine.ls_goodness_of_fit_obs_esd               ? 
_refine.ls_hydrogen_treatment                    ? 
_refine.ls_matrix_type                           ? 
_refine.ls_number_constraints                    ? 
_refine.ls_number_parameters                     ? 
_refine.ls_number_reflns_all                     ? 
_refine.ls_number_reflns_obs                     12054 
_refine.ls_number_reflns_R_free                  601 
_refine.ls_number_reflns_R_work                  ? 
_refine.ls_number_restraints                     ? 
_refine.ls_percent_reflns_obs                    99.9800 
_refine.ls_percent_reflns_R_free                 4.7000 
_refine.ls_R_factor_all                          ? 
_refine.ls_R_factor_obs                          0.2007 
_refine.ls_R_factor_R_free                       0.2241 
_refine.ls_R_factor_R_free_error                 ? 
_refine.ls_R_factor_R_free_error_details         ? 
_refine.ls_R_factor_R_work                       0.1996 
_refine.ls_R_Fsqd_factor_obs                     ? 
_refine.ls_R_I_factor_obs                        ? 
_refine.ls_redundancy_reflns_all                 ? 
_refine.ls_redundancy_reflns_obs                 ? 
_refine.ls_restrained_S_all                      ? 
_refine.ls_restrained_S_obs                      ? 
_refine.ls_shift_over_esd_max                    ? 
_refine.ls_shift_over_esd_mean                   ? 
_refine.ls_structure_factor_coef                 ? 
_refine.ls_weighting_details                     ? 
_refine.ls_weighting_scheme                      ? 
_refine.ls_wR_factor_all                         ? 
_refine.ls_wR_factor_obs                         ? 
_refine.ls_wR_factor_R_free                      ? 
_refine.ls_wR_factor_R_work                      ? 
_refine.occupancy_max                            ? 
_refine.occupancy_min                            ? 
_refine.solvent_model_details                    ? 
_refine.solvent_model_param_bsol                 ? 
_refine.solvent_model_param_ksol                 ? 
_refine.ls_R_factor_gt                           ? 
_refine.ls_goodness_of_fit_gt                    ? 
_refine.ls_goodness_of_fit_ref                   ? 
_refine.ls_shift_over_su_max                     ? 
_refine.ls_shift_over_su_max_lt                  ? 
_refine.ls_shift_over_su_mean                    ? 
_refine.ls_shift_over_su_mean_lt                 ? 
_refine.pdbx_ls_sigma_I                          ? 
_refine.pdbx_ls_sigma_F                          0.000 
_refine.pdbx_ls_sigma_Fsqd                       ? 
_refine.pdbx_data_cutoff_high_absF               ? 
_refine.pdbx_data_cutoff_high_rms_absF           ? 
_refine.pdbx_data_cutoff_low_absF                ? 
_refine.pdbx_isotropic_thermal_model             ? 
_refine.pdbx_ls_cross_valid_method               THROUGHOUT 
_refine.pdbx_method_to_determine_struct          'MOLECULAR REPLACEMENT' 
_refine.pdbx_starting_model                      ? 
_refine.pdbx_stereochemistry_target_values       ? 
_refine.pdbx_R_Free_selection_details            RANDOM 
_refine.pdbx_stereochem_target_val_spec_case     ? 
_refine.pdbx_overall_ESU_R                       0.1190 
_refine.pdbx_overall_ESU_R_Free                  0.1160 
_refine.pdbx_solvent_vdw_probe_radii             1.2000 
_refine.pdbx_solvent_ion_probe_radii             0.8000 
_refine.pdbx_solvent_shrinkage_radii             0.8000 
_refine.pdbx_real_space_R                        ? 
_refine.pdbx_density_correlation                 ? 
_refine.pdbx_pd_number_of_powder_patterns        ? 
_refine.pdbx_pd_number_of_points                 ? 
_refine.pdbx_pd_meas_number_of_points            ? 
_refine.pdbx_pd_proc_ls_prof_R_factor            ? 
_refine.pdbx_pd_proc_ls_prof_wR_factor           ? 
_refine.pdbx_pd_Marquardt_correlation_coeff      ? 
_refine.pdbx_pd_Fsqrd_R_factor                   ? 
_refine.pdbx_pd_ls_matrix_band_width             ? 
_refine.pdbx_overall_phase_error                 ? 
_refine.pdbx_overall_SU_R_free_Cruickshank_DPI   ? 
_refine.pdbx_overall_SU_R_free_Blow_DPI          ? 
_refine.pdbx_overall_SU_R_Blow_DPI               ? 
_refine.pdbx_TLS_residual_ADP_flag               ? 
_refine.pdbx_diffrn_id                           1 
_refine.overall_SU_B                             8.1410 
_refine.overall_SU_ML                            0.1000 
_refine.overall_SU_R_Cruickshank_DPI             ? 
_refine.overall_SU_R_free                        ? 
_refine.overall_FOM_free_R_set                   ? 
_refine.overall_FOM_work_R_set                   ? 
_refine.pdbx_average_fsc_overall                 ? 
_refine.pdbx_average_fsc_work                    ? 
_refine.pdbx_average_fsc_free                    ? 
# 
_refine_hist.cycle_id                         final 
_refine_hist.pdbx_refine_id                   'X-RAY DIFFRACTION' 
_refine_hist.d_res_high                       2.0500 
_refine_hist.d_res_low                        73.6500 
_refine_hist.pdbx_number_atoms_ligand         6 
_refine_hist.number_atoms_solvent             17 
_refine_hist.number_atoms_total               716 
_refine_hist.pdbx_number_residues_total       92 
_refine_hist.pdbx_B_iso_mean_ligand           116.48 
_refine_hist.pdbx_B_iso_mean_solvent          66.61 
_refine_hist.pdbx_number_atoms_protein        693 
_refine_hist.pdbx_number_atoms_nucleic_acid   0 
# 
loop_
_refine_ls_restr.pdbx_refine_id 
_refine_ls_restr.criterion 
_refine_ls_restr.dev_ideal 
_refine_ls_restr.dev_ideal_target 
_refine_ls_restr.number 
_refine_ls_restr.rejects 
_refine_ls_restr.type 
_refine_ls_restr.weight 
_refine_ls_restr.pdbx_restraint_function 
'X-RAY DIFFRACTION' ? 0.039  0.020  736  ? r_bond_refined_d       ? ? 
'X-RAY DIFFRACTION' ? 0.006  0.020  754  ? r_bond_other_d         ? ? 
'X-RAY DIFFRACTION' ? 3.309  2.040  996  ? r_angle_refined_deg    ? ? 
'X-RAY DIFFRACTION' ? 1.372  2.998  1772 ? r_angle_other_deg      ? ? 
'X-RAY DIFFRACTION' ? 5.900  5.000  105  ? r_dihedral_angle_1_deg ? ? 
'X-RAY DIFFRACTION' ? 40.303 26.667 24   ? r_dihedral_angle_2_deg ? ? 
'X-RAY DIFFRACTION' ? 18.681 15.000 161  ? r_dihedral_angle_3_deg ? ? 
'X-RAY DIFFRACTION' ? 0.192  0.200  120  ? r_chiral_restr         ? ? 
'X-RAY DIFFRACTION' ? 0.017  0.020  803  ? r_gen_planes_refined   ? ? 
'X-RAY DIFFRACTION' ? 0.002  0.020  117  ? r_gen_planes_other     ? ? 
# 
_refine_ls_shell.pdbx_refine_id                   'X-RAY DIFFRACTION' 
_refine_ls_shell.d_res_high                       2.0510 
_refine_ls_shell.d_res_low                        2.1040 
_refine_ls_shell.number_reflns_all                901 
_refine_ls_shell.number_reflns_obs                ? 
_refine_ls_shell.number_reflns_R_free             39 
_refine_ls_shell.number_reflns_R_work             862 
_refine_ls_shell.percent_reflns_obs               100.0000 
_refine_ls_shell.percent_reflns_R_free            ? 
_refine_ls_shell.R_factor_all                     ? 
_refine_ls_shell.R_factor_obs                     ? 
_refine_ls_shell.R_factor_R_free                  0.3630 
_refine_ls_shell.R_factor_R_free_error            0.0000 
_refine_ls_shell.R_factor_R_work                  0.3750 
_refine_ls_shell.redundancy_reflns_all            ? 
_refine_ls_shell.redundancy_reflns_obs            ? 
_refine_ls_shell.wR_factor_all                    ? 
_refine_ls_shell.wR_factor_obs                    ? 
_refine_ls_shell.wR_factor_R_free                 ? 
_refine_ls_shell.wR_factor_R_work                 ? 
_refine_ls_shell.pdbx_total_number_of_bins_used   20 
_refine_ls_shell.pdbx_phase_error                 ? 
_refine_ls_shell.pdbx_fsc_work                    ? 
_refine_ls_shell.pdbx_fsc_free                    ? 
# 
_struct.entry_id                     6G6D 
_struct.title                        'Crystal structure of a parallel six-helix coiled coil CC-Type2-LL-Sg' 
_struct.pdbx_model_details           ? 
_struct.pdbx_formula_weight          ? 
_struct.pdbx_formula_weight_method   ? 
_struct.pdbx_model_type_details      ? 
_struct.pdbx_CASP_flag               N 
# 
_struct_keywords.entry_id        6G6D 
_struct_keywords.text            'de novo, coiled coil, alpha-helical bundle, synthetic construct, DE NOVO PROTEIN' 
_struct_keywords.pdbx_keywords   'DE NOVO PROTEIN' 
# 
loop_
_struct_asym.id 
_struct_asym.pdbx_blank_PDB_chainid_flag 
_struct_asym.pdbx_modified 
_struct_asym.entity_id 
_struct_asym.details 
A N N 1 ? 
B N N 1 ? 
C N N 1 ? 
D N N 2 ? 
E N N 3 ? 
F N N 3 ? 
G N N 3 ? 
# 
_struct_ref.id                         1 
_struct_ref.db_name                    PDB 
_struct_ref.db_code                    6G6D 
_struct_ref.pdbx_db_accession          6G6D 
_struct_ref.pdbx_db_isoform            ? 
_struct_ref.entity_id                  1 
_struct_ref.pdbx_seq_one_letter_code   ? 
_struct_ref.pdbx_align_begin           1 
# 
loop_
_struct_ref_seq.align_id 
_struct_ref_seq.ref_id 
_struct_ref_seq.pdbx_PDB_id_code 
_struct_ref_seq.pdbx_strand_id 
_struct_ref_seq.seq_align_beg 
_struct_ref_seq.pdbx_seq_align_beg_ins_code 
_struct_ref_seq.seq_align_end 
_struct_ref_seq.pdbx_seq_align_end_ins_code 
_struct_ref_seq.pdbx_db_accession 
_struct_ref_seq.db_align_beg 
_struct_ref_seq.pdbx_db_align_beg_ins_code 
_struct_ref_seq.db_align_end 
_struct_ref_seq.pdbx_db_align_end_ins_code 
_struct_ref_seq.pdbx_auth_seq_align_beg 
_struct_ref_seq.pdbx_auth_seq_align_end 
1 1 6G6D A 1 ? 32 ? 6G6D 0 ? 31 ? 0 31 
2 1 6G6D B 1 ? 32 ? 6G6D 0 ? 31 ? 0 31 
3 1 6G6D C 1 ? 32 ? 6G6D 0 ? 31 ? 0 31 
# 
_pdbx_struct_assembly.id                   1 
_pdbx_struct_assembly.details              author_and_software_defined_assembly 
_pdbx_struct_assembly.method_details       PISA 
_pdbx_struct_assembly.oligomeric_details   hexameric 
_pdbx_struct_assembly.oligomeric_count     6 
# 
loop_
_pdbx_struct_assembly_prop.biol_id 
_pdbx_struct_assembly_prop.type 
_pdbx_struct_assembly_prop.value 
_pdbx_struct_assembly_prop.details 
1 'ABSA (A^2)' 10260 ? 
1 MORE         -92   ? 
1 'SSA (A^2)'  8910  ? 
# 
_pdbx_struct_assembly_gen.assembly_id       1 
_pdbx_struct_assembly_gen.oper_expression   1,2 
_pdbx_struct_assembly_gen.asym_id_list      A,B,C,D,E,F,G 
# 
_pdbx_struct_assembly_auth_evidence.id                     1 
_pdbx_struct_assembly_auth_evidence.assembly_id            1 
_pdbx_struct_assembly_auth_evidence.experimental_support   'equilibrium centrifugation' 
_pdbx_struct_assembly_auth_evidence.details                ? 
# 
loop_
_pdbx_struct_oper_list.id 
_pdbx_struct_oper_list.type 
_pdbx_struct_oper_list.name 
_pdbx_struct_oper_list.symmetry_operation 
_pdbx_struct_oper_list.matrix[1][1] 
_pdbx_struct_oper_list.matrix[1][2] 
_pdbx_struct_oper_list.matrix[1][3] 
_pdbx_struct_oper_list.vector[1] 
_pdbx_struct_oper_list.matrix[2][1] 
_pdbx_struct_oper_list.matrix[2][2] 
_pdbx_struct_oper_list.matrix[2][3] 
_pdbx_struct_oper_list.vector[2] 
_pdbx_struct_oper_list.matrix[3][1] 
_pdbx_struct_oper_list.matrix[3][2] 
_pdbx_struct_oper_list.matrix[3][3] 
_pdbx_struct_oper_list.vector[3] 
1 'identity operation'         1_555  x,y,z              1.0000000000  0.0000000000 0.0000000000 0.0000000000  0.0000000000 1.0000000000  0.0000000000 0.0000000000 0.0000000000 0.0000000000 1.0000000000 0.0000000000  
2 'crystal symmetry operation' 22_554 z+1/4,-y+1/4,x-1/4 -0.4343691919 0.2555625289 0.8637193983 10.6078287392 0.2555625289 -0.8845320919 0.3902445031 0.4582347348 0.8637193983 0.3902445031 0.3189012838 -7.0824186444 
# 
loop_
_struct_conf.conf_type_id 
_struct_conf.id 
_struct_conf.pdbx_PDB_helix_id 
_struct_conf.beg_label_comp_id 
_struct_conf.beg_label_asym_id 
_struct_conf.beg_label_seq_id 
_struct_conf.pdbx_beg_PDB_ins_code 
_struct_conf.end_label_comp_id 
_struct_conf.end_label_asym_id 
_struct_conf.end_label_seq_id 
_struct_conf.pdbx_end_PDB_ins_code 
_struct_conf.beg_auth_comp_id 
_struct_conf.beg_auth_asym_id 
_struct_conf.beg_auth_seq_id 
_struct_conf.end_auth_comp_id 
_struct_conf.end_auth_asym_id 
_struct_conf.end_auth_seq_id 
_struct_conf.pdbx_PDB_helix_class 
_struct_conf.details 
_struct_conf.pdbx_PDB_helix_length 
HELX_P HELX_P1 AA1 GLY A 2 ? GLY A 31 ? GLY A 1 GLY A 30 1 ? 30 
HELX_P HELX_P2 AA2 GLY B 2 ? GLY B 31 ? GLY B 1 GLY B 30 1 ? 30 
HELX_P HELX_P3 AA3 GLU C 3 ? LYS C 30 ? GLU C 2 LYS C 29 1 ? 28 
# 
_struct_conf_type.id          HELX_P 
_struct_conf_type.criteria    ? 
_struct_conf_type.reference   ? 
# 
loop_
_struct_conn.id 
_struct_conn.conn_type_id 
_struct_conn.pdbx_leaving_atom_flag 
_struct_conn.pdbx_PDB_id 
_struct_conn.ptnr1_label_asym_id 
_struct_conn.ptnr1_label_comp_id 
_struct_conn.ptnr1_label_seq_id 
_struct_conn.ptnr1_label_atom_id 
_struct_conn.pdbx_ptnr1_label_alt_id 
_struct_conn.pdbx_ptnr1_PDB_ins_code 
_struct_conn.pdbx_ptnr1_standard_comp_id 
_struct_conn.ptnr1_symmetry 
_struct_conn.ptnr2_label_asym_id 
_struct_conn.ptnr2_label_comp_id 
_struct_conn.ptnr2_label_seq_id 
_struct_conn.ptnr2_label_atom_id 
_struct_conn.pdbx_ptnr2_label_alt_id 
_struct_conn.pdbx_ptnr2_PDB_ins_code 
_struct_conn.ptnr1_auth_asym_id 
_struct_conn.ptnr1_auth_comp_id 
_struct_conn.ptnr1_auth_seq_id 
_struct_conn.ptnr2_auth_asym_id 
_struct_conn.ptnr2_auth_comp_id 
_struct_conn.ptnr2_auth_seq_id 
_struct_conn.ptnr2_symmetry 
_struct_conn.pdbx_ptnr3_label_atom_id 
_struct_conn.pdbx_ptnr3_label_seq_id 
_struct_conn.pdbx_ptnr3_label_comp_id 
_struct_conn.pdbx_ptnr3_label_asym_id 
_struct_conn.pdbx_ptnr3_label_alt_id 
_struct_conn.pdbx_ptnr3_PDB_ins_code 
_struct_conn.details 
_struct_conn.pdbx_dist_value 
_struct_conn.pdbx_value_order 
_struct_conn.pdbx_role 
covale1 covale both ? A ACE 1 C ? ? ? 1_555 A GLY 2 N ? ? A ACE 0 A GLY 1 1_555 ? ? ? ? ? ? ? 1.361 ? ? 
covale2 covale both ? B ACE 1 C ? ? ? 1_555 B GLY 2 N ? ? B ACE 0 B GLY 1 1_555 ? ? ? ? ? ? ? 1.369 ? ? 
# 
_struct_conn_type.id          covale 
_struct_conn_type.criteria    ? 
_struct_conn_type.reference   ? 
# 
loop_
_pdbx_modification_feature.ordinal 
_pdbx_modification_feature.label_comp_id 
_pdbx_modification_feature.label_asym_id 
_pdbx_modification_feature.label_seq_id 
_pdbx_modification_feature.label_alt_id 
_pdbx_modification_feature.modified_residue_label_comp_id 
_pdbx_modification_feature.modified_residue_label_asym_id 
_pdbx_modification_feature.modified_residue_label_seq_id 
_pdbx_modification_feature.modified_residue_label_alt_id 
_pdbx_modification_feature.auth_comp_id 
_pdbx_modification_feature.auth_asym_id 
_pdbx_modification_feature.auth_seq_id 
_pdbx_modification_feature.PDB_ins_code 
_pdbx_modification_feature.symmetry 
_pdbx_modification_feature.modified_residue_auth_comp_id 
_pdbx_modification_feature.modified_residue_auth_asym_id 
_pdbx_modification_feature.modified_residue_auth_seq_id 
_pdbx_modification_feature.modified_residue_PDB_ins_code 
_pdbx_modification_feature.modified_residue_symmetry 
_pdbx_modification_feature.comp_id_linking_atom 
_pdbx_modification_feature.modified_residue_id_linking_atom 
_pdbx_modification_feature.modified_residue_id 
_pdbx_modification_feature.ref_pcm_id 
_pdbx_modification_feature.ref_comp_id 
_pdbx_modification_feature.type 
_pdbx_modification_feature.category 
1 ACE A 1 ? GLY A 2 ? ACE A 0 ? 1_555 GLY A 1 ? 1_555 . . GLY 12 ACE None 'Terminal acetylation' 
2 ACE B 1 ? GLY B 2 ? ACE B 0 ? 1_555 GLY B 1 ? 1_555 . . GLY 12 ACE None 'Terminal acetylation' 
# 
loop_
_struct_site.id 
_struct_site.pdbx_evidence_code 
_struct_site.pdbx_auth_asym_id 
_struct_site.pdbx_auth_comp_id 
_struct_site.pdbx_auth_seq_id 
_struct_site.pdbx_auth_ins_code 
_struct_site.pdbx_num_residues 
_struct_site.details 
AC1 Software B GOL 101 ? 1 'binding site for residue GOL B 101'              
AC2 Software B ACE 0   ? 4 'binding site for Di-peptide ACE B 0 and GLY B 1' 
# 
loop_
_struct_site_gen.id 
_struct_site_gen.site_id 
_struct_site_gen.pdbx_num_res 
_struct_site_gen.label_comp_id 
_struct_site_gen.label_asym_id 
_struct_site_gen.label_seq_id 
_struct_site_gen.pdbx_auth_ins_code 
_struct_site_gen.auth_comp_id 
_struct_site_gen.auth_asym_id 
_struct_site_gen.auth_seq_id 
_struct_site_gen.label_atom_id 
_struct_site_gen.label_alt_id 
_struct_site_gen.symmetry 
_struct_site_gen.details 
1 AC1 1 HOH F . ? HOH B 201 . ? 1_555 ? 
2 AC2 4 GLU B 3 ? GLU B 2   . ? 1_555 ? 
3 AC2 4 LEU B 4 ? LEU B 3   . ? 1_555 ? 
4 AC2 4 ALA B 5 ? ALA B 4   . ? 1_555 ? 
5 AC2 4 GLN B 6 ? GLN B 5   . ? 1_555 ? 
# 
_pdbx_entry_details.entry_id                   6G6D 
_pdbx_entry_details.compound_details           ? 
_pdbx_entry_details.source_details             ? 
_pdbx_entry_details.nonpolymer_details         ? 
_pdbx_entry_details.sequence_details           ? 
_pdbx_entry_details.has_ligand_of_interest     ? 
_pdbx_entry_details.has_protein_modification   Y 
# 
loop_
_pdbx_validate_rmsd_bond.id 
_pdbx_validate_rmsd_bond.PDB_model_num 
_pdbx_validate_rmsd_bond.auth_atom_id_1 
_pdbx_validate_rmsd_bond.auth_asym_id_1 
_pdbx_validate_rmsd_bond.auth_comp_id_1 
_pdbx_validate_rmsd_bond.auth_seq_id_1 
_pdbx_validate_rmsd_bond.PDB_ins_code_1 
_pdbx_validate_rmsd_bond.label_alt_id_1 
_pdbx_validate_rmsd_bond.auth_atom_id_2 
_pdbx_validate_rmsd_bond.auth_asym_id_2 
_pdbx_validate_rmsd_bond.auth_comp_id_2 
_pdbx_validate_rmsd_bond.auth_seq_id_2 
_pdbx_validate_rmsd_bond.PDB_ins_code_2 
_pdbx_validate_rmsd_bond.label_alt_id_2 
_pdbx_validate_rmsd_bond.bond_value 
_pdbx_validate_rmsd_bond.bond_target_value 
_pdbx_validate_rmsd_bond.bond_deviation 
_pdbx_validate_rmsd_bond.bond_standard_deviation 
_pdbx_validate_rmsd_bond.linker_flag 
1  1 CD A GLN 5  ? A OE1 A GLN 5  ? A 0.801 1.235 -0.434 0.022 N 
2  1 CD A GLN 5  ? B OE1 A GLN 5  ? B 0.865 1.235 -0.370 0.022 N 
3  1 CD A GLN 5  ? A NE2 A GLN 5  ? A 1.554 1.324 0.230  0.025 N 
4  1 CD A GLN 5  ? B NE2 A GLN 5  ? B 1.602 1.324 0.278  0.025 N 
5  1 CD A LYS 8  ? ? CE  A LYS 8  ? ? 1.052 1.508 -0.456 0.025 N 
6  1 CD A GLU 16 ? ? OE1 A GLU 16 ? ? 1.367 1.252 0.115  0.011 N 
7  1 CD A GLU 16 ? ? OE2 A GLU 16 ? ? 1.375 1.252 0.123  0.011 N 
8  1 C  A SER 20 ? ? O   A SER 20 ? ? 1.344 1.229 0.115  0.019 N 
9  1 CB A SER 27 ? ? OG  A SER 27 ? ? 1.307 1.418 -0.111 0.013 N 
10 1 CD B LYS 8  ? ? CE  B LYS 8  ? ? 2.850 1.508 1.342  0.025 N 
11 1 CD B GLU 9  ? B OE1 B GLU 9  ? B 1.325 1.252 0.073  0.011 N 
12 1 N  B LEU 17 ? ? CA  B LEU 17 ? ? 1.602 1.459 0.143  0.020 N 
13 1 CD B GLU 23 ? ? OE2 B GLU 23 ? ? 1.319 1.252 0.067  0.011 N 
14 1 CG B LYS 29 ? ? CD  B LYS 29 ? ? 1.297 1.520 -0.223 0.034 N 
15 1 CG C GLU 2  ? ? CD  C GLU 2  ? ? 1.723 1.515 0.208  0.015 N 
16 1 CB C LYS 8  ? ? CG  C LYS 8  ? ? 1.958 1.521 0.437  0.027 N 
17 1 CD C LYS 29 ? ? CE  C LYS 29 ? ? 1.081 1.508 -0.427 0.025 N 
18 1 N  C GLY 30 ? ? CA  C GLY 30 ? ? 1.599 1.456 0.143  0.015 N 
# 
loop_
_pdbx_validate_rmsd_angle.id 
_pdbx_validate_rmsd_angle.PDB_model_num 
_pdbx_validate_rmsd_angle.auth_atom_id_1 
_pdbx_validate_rmsd_angle.auth_asym_id_1 
_pdbx_validate_rmsd_angle.auth_comp_id_1 
_pdbx_validate_rmsd_angle.auth_seq_id_1 
_pdbx_validate_rmsd_angle.PDB_ins_code_1 
_pdbx_validate_rmsd_angle.label_alt_id_1 
_pdbx_validate_rmsd_angle.auth_atom_id_2 
_pdbx_validate_rmsd_angle.auth_asym_id_2 
_pdbx_validate_rmsd_angle.auth_comp_id_2 
_pdbx_validate_rmsd_angle.auth_seq_id_2 
_pdbx_validate_rmsd_angle.PDB_ins_code_2 
_pdbx_validate_rmsd_angle.label_alt_id_2 
_pdbx_validate_rmsd_angle.auth_atom_id_3 
_pdbx_validate_rmsd_angle.auth_asym_id_3 
_pdbx_validate_rmsd_angle.auth_comp_id_3 
_pdbx_validate_rmsd_angle.auth_seq_id_3 
_pdbx_validate_rmsd_angle.PDB_ins_code_3 
_pdbx_validate_rmsd_angle.label_alt_id_3 
_pdbx_validate_rmsd_angle.angle_value 
_pdbx_validate_rmsd_angle.angle_target_value 
_pdbx_validate_rmsd_angle.angle_deviation 
_pdbx_validate_rmsd_angle.angle_standard_deviation 
_pdbx_validate_rmsd_angle.linker_flag 
1  1 OE1 A GLN 5  ? A CD A GLN 5  ? A NE2 A GLN 5  ? A 140.81 121.90 18.91  2.30 N 
2  1 CG  A GLN 5  ? A CD A GLN 5  ? A OE1 A GLN 5  ? A 75.69  121.60 -45.91 2.00 N 
3  1 CG  A GLN 5  ? B CD A GLN 5  ? B OE1 A GLN 5  ? B 135.47 121.60 13.87  2.00 N 
4  1 CG  A GLN 5  ? A CD A GLN 5  ? A NE2 A GLN 5  ? A 72.40  116.70 -44.30 2.40 N 
5  1 CG  A GLN 5  ? B CD A GLN 5  ? B NE2 A GLN 5  ? B 87.55  116.70 -29.15 2.40 N 
6  1 CG  A LYS 8  ? ? CD A LYS 8  ? ? CE  A LYS 8  ? ? 139.25 111.90 27.35  3.00 N 
7  1 O   B ACE 0  ? ? C  B ACE 0  ? ? N   B GLY 1  ? ? 112.52 123.20 -10.68 1.70 Y 
8  1 CG  B LYS 8  ? ? CD B LYS 8  ? ? CE  B LYS 8  ? ? 69.09  111.90 -42.81 3.00 N 
9  1 CD  B LYS 8  ? ? CE B LYS 8  ? ? NZ  B LYS 8  ? ? 95.43  111.70 -16.27 2.30 N 
10 1 CG  C GLU 2  ? ? CD C GLU 2  ? ? OE1 C GLU 2  ? ? 47.80  118.30 -70.50 2.00 N 
11 1 CG  C GLU 2  ? ? CD C GLU 2  ? ? OE2 C GLU 2  ? ? 165.93 118.30 47.63  2.00 N 
12 1 CA  C LYS 8  ? ? CB C LYS 8  ? ? CG  C LYS 8  ? ? 87.78  113.40 -25.62 2.20 N 
13 1 CD  C LYS 15 ? ? CE C LYS 15 ? ? NZ  C LYS 15 ? ? 126.39 111.70 14.69  2.30 N 
14 1 CG  C LYS 22 ? ? CD C LYS 22 ? ? CE  C LYS 22 ? ? 92.48  111.90 -19.42 3.00 N 
# 
_pdbx_validate_planes.id              1 
_pdbx_validate_planes.PDB_model_num   1 
_pdbx_validate_planes.auth_comp_id    GLN 
_pdbx_validate_planes.auth_asym_id    A 
_pdbx_validate_planes.auth_seq_id     5 
_pdbx_validate_planes.PDB_ins_code    ? 
_pdbx_validate_planes.label_alt_id    ? 
_pdbx_validate_planes.rmsd            0.091 
_pdbx_validate_planes.type            'SIDE CHAIN' 
# 
loop_
_pdbx_refine_tls.pdbx_refine_id 
_pdbx_refine_tls.id 
_pdbx_refine_tls.details 
_pdbx_refine_tls.method 
_pdbx_refine_tls.origin_x 
_pdbx_refine_tls.origin_y 
_pdbx_refine_tls.origin_z 
_pdbx_refine_tls.T[1][1] 
_pdbx_refine_tls.T[2][2] 
_pdbx_refine_tls.T[3][3] 
_pdbx_refine_tls.T[1][2] 
_pdbx_refine_tls.T[1][3] 
_pdbx_refine_tls.T[2][3] 
_pdbx_refine_tls.L[1][1] 
_pdbx_refine_tls.L[2][2] 
_pdbx_refine_tls.L[3][3] 
_pdbx_refine_tls.L[1][2] 
_pdbx_refine_tls.L[1][3] 
_pdbx_refine_tls.L[2][3] 
_pdbx_refine_tls.S[1][1] 
_pdbx_refine_tls.S[2][2] 
_pdbx_refine_tls.S[3][3] 
_pdbx_refine_tls.S[1][2] 
_pdbx_refine_tls.S[1][3] 
_pdbx_refine_tls.S[2][3] 
_pdbx_refine_tls.S[2][1] 
_pdbx_refine_tls.S[3][1] 
_pdbx_refine_tls.S[3][2] 
'X-RAY DIFFRACTION' 1 ? refined -1.3399 0.7039  1.1190  0.0605 0.1606 0.1662 0.0198  0.0872 0.0776 2.4892 1.6451 3.6873 1.7024 1.3186 2.0986 0.1708  -0.0990 -0.0718 -0.2090 -0.0097 -0.0196 0.0869  0.0012  -0.0371 
'X-RAY DIFFRACTION' 2 ? refined 1.1650  5.5379  -4.3459 0.1782 0.1439 0.1836 0.0375  0.1699 0.0409 4.8730 0.6235 3.8255 1.1292 3.6979 1.4425 0.3469  -0.1374 -0.2096 0.0951  0.1301  -0.1162 -0.0813 -0.0620 -0.1139 
'X-RAY DIFFRACTION' 3 ? refined 1.0529  -6.0199 4.1895  0.0482 0.1770 0.3020 -0.0332 0.0125 0.1725 1.2375 1.5476 6.6632 1.0771 0.4689 2.3930 -0.0108 -0.2402 0.2509  -0.3717 -0.5677 -0.3598 -0.1055 -0.2545 0.0540 
# 
loop_
_pdbx_refine_tls_group.pdbx_refine_id 
_pdbx_refine_tls_group.id 
_pdbx_refine_tls_group.refine_tls_id 
_pdbx_refine_tls_group.beg_auth_asym_id 
_pdbx_refine_tls_group.beg_auth_seq_id 
_pdbx_refine_tls_group.end_auth_asym_id 
_pdbx_refine_tls_group.end_auth_seq_id 
_pdbx_refine_tls_group.selection_details 
_pdbx_refine_tls_group.beg_label_asym_id 
_pdbx_refine_tls_group.beg_label_seq_id 
_pdbx_refine_tls_group.end_label_asym_id 
_pdbx_refine_tls_group.end_label_seq_id 
_pdbx_refine_tls_group.selection 
'X-RAY DIFFRACTION' 1 1 B 0 B 30 ? ? ? ? ? ? 
'X-RAY DIFFRACTION' 2 2 A 0 A 30 ? ? ? ? ? ? 
'X-RAY DIFFRACTION' 3 3 C 1 C 30 ? ? ? ? ? ? 
# 
_pdbx_phasing_MR.entry_id                     6G6D 
_pdbx_phasing_MR.method_rotation              ? 
_pdbx_phasing_MR.method_translation           ? 
_pdbx_phasing_MR.model_details                'Phaser MODE: MR_AUTO' 
_pdbx_phasing_MR.R_factor                     ? 
_pdbx_phasing_MR.R_rigid_body                 ? 
_pdbx_phasing_MR.correlation_coeff_Fo_to_Fc   ? 
_pdbx_phasing_MR.correlation_coeff_Io_to_Ic   ? 
_pdbx_phasing_MR.d_res_high_rotation          4.160 
_pdbx_phasing_MR.d_res_low_rotation           60.140 
_pdbx_phasing_MR.d_res_high_translation       4.160 
_pdbx_phasing_MR.d_res_low_translation        60.140 
_pdbx_phasing_MR.packing                      ? 
_pdbx_phasing_MR.reflns_percent_rotation      ? 
_pdbx_phasing_MR.reflns_percent_translation   ? 
_pdbx_phasing_MR.sigma_F_rotation             ? 
_pdbx_phasing_MR.sigma_F_translation          ? 
_pdbx_phasing_MR.sigma_I_rotation             ? 
_pdbx_phasing_MR.sigma_I_translation          ? 
# 
_phasing.method   MR 
# 
loop_
_pdbx_unobs_or_zero_occ_residues.id 
_pdbx_unobs_or_zero_occ_residues.PDB_model_num 
_pdbx_unobs_or_zero_occ_residues.polymer_flag 
_pdbx_unobs_or_zero_occ_residues.occupancy_flag 
_pdbx_unobs_or_zero_occ_residues.auth_asym_id 
_pdbx_unobs_or_zero_occ_residues.auth_comp_id 
_pdbx_unobs_or_zero_occ_residues.auth_seq_id 
_pdbx_unobs_or_zero_occ_residues.PDB_ins_code 
_pdbx_unobs_or_zero_occ_residues.label_asym_id 
_pdbx_unobs_or_zero_occ_residues.label_comp_id 
_pdbx_unobs_or_zero_occ_residues.label_seq_id 
1 1 Y 1 A NH2 31 ? A NH2 32 
2 1 Y 1 B NH2 31 ? B NH2 32 
3 1 Y 1 C ACE 0  ? C ACE 1  
4 1 Y 1 C NH2 31 ? C NH2 32 
# 
loop_
_chem_comp_atom.comp_id 
_chem_comp_atom.atom_id 
_chem_comp_atom.type_symbol 
_chem_comp_atom.pdbx_aromatic_flag 
_chem_comp_atom.pdbx_stereo_config 
_chem_comp_atom.pdbx_ordinal 
ACE C    C N N 1   
ACE O    O N N 2   
ACE CH3  C N N 3   
ACE H    H N N 4   
ACE H1   H N N 5   
ACE H2   H N N 6   
ACE H3   H N N 7   
ALA N    N N N 8   
ALA CA   C N S 9   
ALA C    C N N 10  
ALA O    O N N 11  
ALA CB   C N N 12  
ALA OXT  O N N 13  
ALA H    H N N 14  
ALA H2   H N N 15  
ALA HA   H N N 16  
ALA HB1  H N N 17  
ALA HB2  H N N 18  
ALA HB3  H N N 19  
ALA HXT  H N N 20  
GLN N    N N N 21  
GLN CA   C N S 22  
GLN C    C N N 23  
GLN O    O N N 24  
GLN CB   C N N 25  
GLN CG   C N N 26  
GLN CD   C N N 27  
GLN OE1  O N N 28  
GLN NE2  N N N 29  
GLN OXT  O N N 30  
GLN H    H N N 31  
GLN H2   H N N 32  
GLN HA   H N N 33  
GLN HB2  H N N 34  
GLN HB3  H N N 35  
GLN HG2  H N N 36  
GLN HG3  H N N 37  
GLN HE21 H N N 38  
GLN HE22 H N N 39  
GLN HXT  H N N 40  
GLU N    N N N 41  
GLU CA   C N S 42  
GLU C    C N N 43  
GLU O    O N N 44  
GLU CB   C N N 45  
GLU CG   C N N 46  
GLU CD   C N N 47  
GLU OE1  O N N 48  
GLU OE2  O N N 49  
GLU OXT  O N N 50  
GLU H    H N N 51  
GLU H2   H N N 52  
GLU HA   H N N 53  
GLU HB2  H N N 54  
GLU HB3  H N N 55  
GLU HG2  H N N 56  
GLU HG3  H N N 57  
GLU HE2  H N N 58  
GLU HXT  H N N 59  
GLY N    N N N 60  
GLY CA   C N N 61  
GLY C    C N N 62  
GLY O    O N N 63  
GLY OXT  O N N 64  
GLY H    H N N 65  
GLY H2   H N N 66  
GLY HA2  H N N 67  
GLY HA3  H N N 68  
GLY HXT  H N N 69  
GOL C1   C N N 70  
GOL O1   O N N 71  
GOL C2   C N N 72  
GOL O2   O N N 73  
GOL C3   C N N 74  
GOL O3   O N N 75  
GOL H11  H N N 76  
GOL H12  H N N 77  
GOL HO1  H N N 78  
GOL H2   H N N 79  
GOL HO2  H N N 80  
GOL H31  H N N 81  
GOL H32  H N N 82  
GOL HO3  H N N 83  
HOH O    O N N 84  
HOH H1   H N N 85  
HOH H2   H N N 86  
LEU N    N N N 87  
LEU CA   C N S 88  
LEU C    C N N 89  
LEU O    O N N 90  
LEU CB   C N N 91  
LEU CG   C N N 92  
LEU CD1  C N N 93  
LEU CD2  C N N 94  
LEU OXT  O N N 95  
LEU H    H N N 96  
LEU H2   H N N 97  
LEU HA   H N N 98  
LEU HB2  H N N 99  
LEU HB3  H N N 100 
LEU HG   H N N 101 
LEU HD11 H N N 102 
LEU HD12 H N N 103 
LEU HD13 H N N 104 
LEU HD21 H N N 105 
LEU HD22 H N N 106 
LEU HD23 H N N 107 
LEU HXT  H N N 108 
LYS N    N N N 109 
LYS CA   C N S 110 
LYS C    C N N 111 
LYS O    O N N 112 
LYS CB   C N N 113 
LYS CG   C N N 114 
LYS CD   C N N 115 
LYS CE   C N N 116 
LYS NZ   N N N 117 
LYS OXT  O N N 118 
LYS H    H N N 119 
LYS H2   H N N 120 
LYS HA   H N N 121 
LYS HB2  H N N 122 
LYS HB3  H N N 123 
LYS HG2  H N N 124 
LYS HG3  H N N 125 
LYS HD2  H N N 126 
LYS HD3  H N N 127 
LYS HE2  H N N 128 
LYS HE3  H N N 129 
LYS HZ1  H N N 130 
LYS HZ2  H N N 131 
LYS HZ3  H N N 132 
LYS HXT  H N N 133 
NH2 N    N N N 134 
NH2 HN1  H N N 135 
NH2 HN2  H N N 136 
SER N    N N N 137 
SER CA   C N S 138 
SER C    C N N 139 
SER O    O N N 140 
SER CB   C N N 141 
SER OG   O N N 142 
SER OXT  O N N 143 
SER H    H N N 144 
SER H2   H N N 145 
SER HA   H N N 146 
SER HB2  H N N 147 
SER HB3  H N N 148 
SER HG   H N N 149 
SER HXT  H N N 150 
TRP N    N N N 151 
TRP CA   C N S 152 
TRP C    C N N 153 
TRP O    O N N 154 
TRP CB   C N N 155 
TRP CG   C Y N 156 
TRP CD1  C Y N 157 
TRP CD2  C Y N 158 
TRP NE1  N Y N 159 
TRP CE2  C Y N 160 
TRP CE3  C Y N 161 
TRP CZ2  C Y N 162 
TRP CZ3  C Y N 163 
TRP CH2  C Y N 164 
TRP OXT  O N N 165 
TRP H    H N N 166 
TRP H2   H N N 167 
TRP HA   H N N 168 
TRP HB2  H N N 169 
TRP HB3  H N N 170 
TRP HD1  H N N 171 
TRP HE1  H N N 172 
TRP HE3  H N N 173 
TRP HZ2  H N N 174 
TRP HZ3  H N N 175 
TRP HH2  H N N 176 
TRP HXT  H N N 177 
# 
loop_
_chem_comp_bond.comp_id 
_chem_comp_bond.atom_id_1 
_chem_comp_bond.atom_id_2 
_chem_comp_bond.value_order 
_chem_comp_bond.pdbx_aromatic_flag 
_chem_comp_bond.pdbx_stereo_config 
_chem_comp_bond.pdbx_ordinal 
ACE C   O    doub N N 1   
ACE C   CH3  sing N N 2   
ACE C   H    sing N N 3   
ACE CH3 H1   sing N N 4   
ACE CH3 H2   sing N N 5   
ACE CH3 H3   sing N N 6   
ALA N   CA   sing N N 7   
ALA N   H    sing N N 8   
ALA N   H2   sing N N 9   
ALA CA  C    sing N N 10  
ALA CA  CB   sing N N 11  
ALA CA  HA   sing N N 12  
ALA C   O    doub N N 13  
ALA C   OXT  sing N N 14  
ALA CB  HB1  sing N N 15  
ALA CB  HB2  sing N N 16  
ALA CB  HB3  sing N N 17  
ALA OXT HXT  sing N N 18  
GLN N   CA   sing N N 19  
GLN N   H    sing N N 20  
GLN N   H2   sing N N 21  
GLN CA  C    sing N N 22  
GLN CA  CB   sing N N 23  
GLN CA  HA   sing N N 24  
GLN C   O    doub N N 25  
GLN C   OXT  sing N N 26  
GLN CB  CG   sing N N 27  
GLN CB  HB2  sing N N 28  
GLN CB  HB3  sing N N 29  
GLN CG  CD   sing N N 30  
GLN CG  HG2  sing N N 31  
GLN CG  HG3  sing N N 32  
GLN CD  OE1  doub N N 33  
GLN CD  NE2  sing N N 34  
GLN NE2 HE21 sing N N 35  
GLN NE2 HE22 sing N N 36  
GLN OXT HXT  sing N N 37  
GLU N   CA   sing N N 38  
GLU N   H    sing N N 39  
GLU N   H2   sing N N 40  
GLU CA  C    sing N N 41  
GLU CA  CB   sing N N 42  
GLU CA  HA   sing N N 43  
GLU C   O    doub N N 44  
GLU C   OXT  sing N N 45  
GLU CB  CG   sing N N 46  
GLU CB  HB2  sing N N 47  
GLU CB  HB3  sing N N 48  
GLU CG  CD   sing N N 49  
GLU CG  HG2  sing N N 50  
GLU CG  HG3  sing N N 51  
GLU CD  OE1  doub N N 52  
GLU CD  OE2  sing N N 53  
GLU OE2 HE2  sing N N 54  
GLU OXT HXT  sing N N 55  
GLY N   CA   sing N N 56  
GLY N   H    sing N N 57  
GLY N   H2   sing N N 58  
GLY CA  C    sing N N 59  
GLY CA  HA2  sing N N 60  
GLY CA  HA3  sing N N 61  
GLY C   O    doub N N 62  
GLY C   OXT  sing N N 63  
GLY OXT HXT  sing N N 64  
GOL C1  O1   sing N N 65  
GOL C1  C2   sing N N 66  
GOL C1  H11  sing N N 67  
GOL C1  H12  sing N N 68  
GOL O1  HO1  sing N N 69  
GOL C2  O2   sing N N 70  
GOL C2  C3   sing N N 71  
GOL C2  H2   sing N N 72  
GOL O2  HO2  sing N N 73  
GOL C3  O3   sing N N 74  
GOL C3  H31  sing N N 75  
GOL C3  H32  sing N N 76  
GOL O3  HO3  sing N N 77  
HOH O   H1   sing N N 78  
HOH O   H2   sing N N 79  
LEU N   CA   sing N N 80  
LEU N   H    sing N N 81  
LEU N   H2   sing N N 82  
LEU CA  C    sing N N 83  
LEU CA  CB   sing N N 84  
LEU CA  HA   sing N N 85  
LEU C   O    doub N N 86  
LEU C   OXT  sing N N 87  
LEU CB  CG   sing N N 88  
LEU CB  HB2  sing N N 89  
LEU CB  HB3  sing N N 90  
LEU CG  CD1  sing N N 91  
LEU CG  CD2  sing N N 92  
LEU CG  HG   sing N N 93  
LEU CD1 HD11 sing N N 94  
LEU CD1 HD12 sing N N 95  
LEU CD1 HD13 sing N N 96  
LEU CD2 HD21 sing N N 97  
LEU CD2 HD22 sing N N 98  
LEU CD2 HD23 sing N N 99  
LEU OXT HXT  sing N N 100 
LYS N   CA   sing N N 101 
LYS N   H    sing N N 102 
LYS N   H2   sing N N 103 
LYS CA  C    sing N N 104 
LYS CA  CB   sing N N 105 
LYS CA  HA   sing N N 106 
LYS C   O    doub N N 107 
LYS C   OXT  sing N N 108 
LYS CB  CG   sing N N 109 
LYS CB  HB2  sing N N 110 
LYS CB  HB3  sing N N 111 
LYS CG  CD   sing N N 112 
LYS CG  HG2  sing N N 113 
LYS CG  HG3  sing N N 114 
LYS CD  CE   sing N N 115 
LYS CD  HD2  sing N N 116 
LYS CD  HD3  sing N N 117 
LYS CE  NZ   sing N N 118 
LYS CE  HE2  sing N N 119 
LYS CE  HE3  sing N N 120 
LYS NZ  HZ1  sing N N 121 
LYS NZ  HZ2  sing N N 122 
LYS NZ  HZ3  sing N N 123 
LYS OXT HXT  sing N N 124 
NH2 N   HN1  sing N N 125 
NH2 N   HN2  sing N N 126 
SER N   CA   sing N N 127 
SER N   H    sing N N 128 
SER N   H2   sing N N 129 
SER CA  C    sing N N 130 
SER CA  CB   sing N N 131 
SER CA  HA   sing N N 132 
SER C   O    doub N N 133 
SER C   OXT  sing N N 134 
SER CB  OG   sing N N 135 
SER CB  HB2  sing N N 136 
SER CB  HB3  sing N N 137 
SER OG  HG   sing N N 138 
SER OXT HXT  sing N N 139 
TRP N   CA   sing N N 140 
TRP N   H    sing N N 141 
TRP N   H2   sing N N 142 
TRP CA  C    sing N N 143 
TRP CA  CB   sing N N 144 
TRP CA  HA   sing N N 145 
TRP C   O    doub N N 146 
TRP C   OXT  sing N N 147 
TRP CB  CG   sing N N 148 
TRP CB  HB2  sing N N 149 
TRP CB  HB3  sing N N 150 
TRP CG  CD1  doub Y N 151 
TRP CG  CD2  sing Y N 152 
TRP CD1 NE1  sing Y N 153 
TRP CD1 HD1  sing N N 154 
TRP CD2 CE2  doub Y N 155 
TRP CD2 CE3  sing Y N 156 
TRP NE1 CE2  sing Y N 157 
TRP NE1 HE1  sing N N 158 
TRP CE2 CZ2  sing Y N 159 
TRP CE3 CZ3  doub Y N 160 
TRP CE3 HE3  sing N N 161 
TRP CZ2 CH2  doub Y N 162 
TRP CZ2 HZ2  sing N N 163 
TRP CZ3 CH2  sing Y N 164 
TRP CZ3 HZ3  sing N N 165 
TRP CH2 HH2  sing N N 166 
TRP OXT HXT  sing N N 167 
# 
loop_
_pdbx_audit_support.funding_organization 
_pdbx_audit_support.country 
_pdbx_audit_support.grant_number 
_pdbx_audit_support.ordinal 
'Engineering and Physical Sciences Research Council' 'United Kingdom' EP/G036764/1 1 
'European Research Council'                          'United Kingdom' 340764       2 
# 
_atom_sites.entry_id                    6G6D 
_atom_sites.fract_transf_matrix[1][1]   0.00200868 
_atom_sites.fract_transf_matrix[1][2]   -0.00125446 
_atom_sites.fract_transf_matrix[1][3]   -0.00930434 
_atom_sites.fract_transf_matrix[2][1]   0.00172100 
_atom_sites.fract_transf_matrix[2][2]   -0.00930448 
_atom_sites.fract_transf_matrix[2][3]   0.00162602 
_atom_sites.fract_transf_matrix[3][1]   -0.00922944 
_atom_sites.fract_transf_matrix[3][2]   -0.00200801 
_atom_sites.fract_transf_matrix[3][3]   -0.00172178 
_atom_sites.fract_transf_vector[1]      0.156618 
_atom_sites.fract_transf_vector[2]      0.123767 
_atom_sites.fract_transf_vector[3]      -0.006762 
# 
loop_
_atom_type.symbol 
C 
N 
O 
# 
loop_
_atom_site.group_PDB 
_atom_site.id 
_atom_site.type_symbol 
_atom_site.label_atom_id 
_atom_site.label_alt_id 
_atom_site.label_comp_id 
_atom_site.label_asym_id 
_atom_site.label_entity_id 
_atom_site.label_seq_id 
_atom_site.pdbx_PDB_ins_code 
_atom_site.Cartn_x 
_atom_site.Cartn_y 
_atom_site.Cartn_z 
_atom_site.occupancy 
_atom_site.B_iso_or_equiv 
_atom_site.pdbx_formal_charge 
_atom_site.auth_seq_id 
_atom_site.auth_comp_id 
_atom_site.auth_asym_id 
_atom_site.auth_atom_id 
_atom_site.pdbx_PDB_model_num 
HETATM 1   C C   . ACE A 1 1  ? 15.990  11.122  11.208  1.00 122.93 ? 0   ACE A C   1 
HETATM 2   O O   . ACE A 1 1  ? 15.020  10.352  11.391  1.00 107.90 ? 0   ACE A O   1 
HETATM 3   C CH3 . ACE A 1 1  ? 17.578  10.505  10.839  1.00 110.61 ? 0   ACE A CH3 1 
ATOM   4   N N   . GLY A 1 2  ? 15.774  12.449  11.422  1.00 116.72 ? 1   GLY A N   1 
ATOM   5   C CA  . GLY A 1 2  ? 14.623  13.203  10.808  1.00 102.37 ? 1   GLY A CA  1 
ATOM   6   C C   . GLY A 1 2  ? 14.859  13.282  9.262   1.00 102.55 ? 1   GLY A C   1 
ATOM   7   O O   . GLY A 1 2  ? 13.923  13.523  8.490   1.00 103.35 ? 1   GLY A O   1 
ATOM   8   N N   . GLU A 1 3  ? 16.081  13.057  8.767   1.00 96.49  ? 2   GLU A N   1 
ATOM   9   C CA  . GLU A 1 3  ? 16.233  12.798  7.331   1.00 98.11  ? 2   GLU A CA  1 
ATOM   10  C C   . GLU A 1 3  ? 15.638  11.443  6.822   1.00 87.64  ? 2   GLU A C   1 
ATOM   11  O O   . GLU A 1 3  ? 15.030  11.396  5.791   1.00 79.48  ? 2   GLU A O   1 
ATOM   12  C CB  . GLU A 1 3  ? 17.669  12.794  6.912   1.00 101.87 ? 2   GLU A CB  1 
ATOM   13  C CG  . GLU A 1 3  ? 17.739  12.384  5.434   1.00 103.65 ? 2   GLU A CG  1 
ATOM   14  C CD  . GLU A 1 3  ? 19.063  12.629  4.754   1.00 121.23 ? 2   GLU A CD  1 
ATOM   15  O OE1 . GLU A 1 3  ? 19.971  13.253  5.368   1.00 133.83 ? 2   GLU A OE1 1 
ATOM   16  O OE2 . GLU A 1 3  ? 19.197  12.179  3.587   1.00 116.96 ? 2   GLU A OE2 1 
ATOM   17  N N   . LEU A 1 4  ? 15.949  10.357  7.488   1.00 75.21  ? 3   LEU A N   1 
ATOM   18  C CA  . LEU A 1 4  ? 15.224  9.105   7.363   1.00 80.51  ? 3   LEU A CA  1 
ATOM   19  C C   . LEU A 1 4  ? 13.673  9.289   7.349   1.00 72.97  ? 3   LEU A C   1 
ATOM   20  O O   . LEU A 1 4  ? 12.960  8.790   6.502   1.00 69.31  ? 3   LEU A O   1 
ATOM   21  C CB  . LEU A 1 4  ? 15.645  8.206   8.521   1.00 74.66  ? 3   LEU A CB  1 
ATOM   22  C CG  . LEU A 1 4  ? 14.961  6.892   8.594   1.00 78.72  ? 3   LEU A CG  1 
ATOM   23  C CD1 . LEU A 1 4  ? 15.087  6.100   7.266   1.00 74.27  ? 3   LEU A CD1 1 
ATOM   24  C CD2 . LEU A 1 4  ? 15.407  6.147   9.876   1.00 82.89  ? 3   LEU A CD2 1 
ATOM   25  N N   . ALA A 1 5  ? 13.189  10.092  8.233   1.00 72.45  ? 4   ALA A N   1 
ATOM   26  C CA  . ALA A 1 5  ? 11.764  10.439  8.277   1.00 70.86  ? 4   ALA A CA  1 
ATOM   27  C C   . ALA A 1 5  ? 11.243  11.209  7.041   1.00 68.80  ? 4   ALA A C   1 
ATOM   28  O O   . ALA A 1 5  ? 10.104  10.906  6.540   1.00 70.01  ? 4   ALA A O   1 
ATOM   29  C CB  . ALA A 1 5  ? 11.460  11.177  9.570   1.00 71.74  ? 4   ALA A CB  1 
ATOM   30  N N   . GLN A 1 6  ? 12.046  12.092  6.472   1.00 66.79  ? 5   GLN A N   1 
ATOM   31  C CA  A GLN A 1 6  ? 11.505  12.896  5.373   0.50 68.11  ? 5   GLN A CA  1 
ATOM   32  C CA  B GLN A 1 6  ? 11.677  12.925  5.301   0.50 69.75  ? 5   GLN A CA  1 
ATOM   33  C C   . GLN A 1 6  ? 11.471  11.902  4.182   1.00 70.11  ? 5   GLN A C   1 
ATOM   34  O O   . GLN A 1 6  ? 10.519  11.902  3.439   1.00 73.04  ? 5   GLN A O   1 
ATOM   35  C CB  A GLN A 1 6  ? 12.271  14.238  5.184   0.50 69.76  ? 5   GLN A CB  1 
ATOM   36  C CB  B GLN A 1 6  ? 12.848  13.915  4.985   0.50 71.97  ? 5   GLN A CB  1 
ATOM   37  C CG  A GLN A 1 6  ? 11.450  15.550  5.136   0.50 68.00  ? 5   GLN A CG  1 
ATOM   38  C CG  B GLN A 1 6  ? 12.591  15.314  4.365   0.50 73.88  ? 5   GLN A CG  1 
ATOM   39  C CD  A GLN A 1 6  ? 10.188  15.599  5.994   0.50 62.96  ? 5   GLN A CD  1 
ATOM   40  C CD  B GLN A 1 6  ? 13.918  16.000  3.936   0.50 71.27  ? 5   GLN A CD  1 
ATOM   41  O OE1 A GLN A 1 6  ? 10.782  15.498  6.522   0.00 81.99  ? 5   GLN A OE1 1 
ATOM   42  O OE1 B GLN A 1 6  ? 14.759  15.864  4.086   0.00 81.99  ? 5   GLN A OE1 1 
ATOM   43  N NE2 A GLN A 1 6  ? 9.875   16.326  4.657   0.00 80.82  ? 5   GLN A NE2 1 
ATOM   44  N NE2 B GLN A 1 6  ? 13.222  16.312  2.528   0.00 80.82  ? 5   GLN A NE2 1 
ATOM   45  N N   . SER A 1 7  ? 12.393  10.954  4.121   1.00 67.02  ? 6   SER A N   1 
ATOM   46  C CA  . SER A 1 7  ? 12.441  9.985   3.008   1.00 71.47  ? 6   SER A CA  1 
ATOM   47  C C   . SER A 1 7  ? 11.295  8.985   3.056   1.00 67.60  ? 6   SER A C   1 
ATOM   48  O O   . SER A 1 7  ? 10.676  8.678   2.039   1.00 60.92  ? 6   SER A O   1 
ATOM   49  C CB  . SER A 1 7  ? 13.724  9.191   3.026   1.00 72.04  ? 6   SER A CB  1 
ATOM   50  O OG  . SER A 1 7  ? 14.744  10.029  2.733   1.00 92.82  ? 6   SER A OG  1 
ATOM   51  N N   . LEU A 1 8  ? 10.966  8.543   4.262   1.00 66.75  ? 7   LEU A N   1 
ATOM   52  C CA  . LEU A 1 8  ? 9.797   7.688   4.450   1.00 62.20  ? 7   LEU A CA  1 
ATOM   53  C C   . LEU A 1 8  ? 8.470   8.359   4.245   1.00 58.71  ? 7   LEU A C   1 
ATOM   54  O O   . LEU A 1 8  ? 7.587   7.704   3.665   1.00 57.85  ? 7   LEU A O   1 
ATOM   55  C CB  . LEU A 1 8  ? 9.824   7.115   5.852   1.00 68.15  ? 7   LEU A CB  1 
ATOM   56  C CG  . LEU A 1 8  ? 10.995  6.224   6.133   1.00 65.65  ? 7   LEU A CG  1 
ATOM   57  C CD1 . LEU A 1 8  ? 10.969  5.547   7.505   1.00 77.56  ? 7   LEU A CD1 1 
ATOM   58  C CD2 . LEU A 1 8  ? 11.084  5.223   5.051   1.00 69.30  ? 7   LEU A CD2 1 
ATOM   59  N N   . LYS A 1 9  ? 8.360   9.645   4.632   1.00 57.86  ? 8   LYS A N   1 
ATOM   60  C CA  . LYS A 1 9  ? 7.222   10.500  4.228   1.00 60.41  ? 8   LYS A CA  1 
ATOM   61  C C   . LYS A 1 9  ? 7.135   10.542  2.737   1.00 57.20  ? 8   LYS A C   1 
ATOM   62  O O   . LYS A 1 9  ? 6.053   10.367  2.157   1.00 57.73  ? 8   LYS A O   1 
ATOM   63  C CB  . LYS A 1 9  ? 7.242   11.953  4.851   1.00 68.41  ? 8   LYS A CB  1 
ATOM   64  C CG  . LYS A 1 9  ? 6.531   12.126  6.210   1.00 87.12  ? 8   LYS A CG  1 
ATOM   65  C CD  . LYS A 1 9  ? 7.124   13.075  7.312   1.00 96.38  ? 8   LYS A CD  1 
ATOM   66  C CE  . LYS A 1 9  ? 6.866   13.456  8.258   0.00 89.21  ? 8   LYS A CE  1 
ATOM   67  N NZ  . LYS A 1 9  ? 7.573   14.709  8.646   0.00 93.80  ? 8   LYS A NZ  1 
ATOM   68  N N   . GLU A 1 10 ? 8.298   10.603  2.082   1.00 57.74  ? 9   GLU A N   1 
ATOM   69  C CA  . GLU A 1 10 ? 8.255   10.729  0.631   1.00 61.68  ? 9   GLU A CA  1 
ATOM   70  C C   . GLU A 1 10 ? 7.807   9.453   0.010   1.00 53.88  ? 9   GLU A C   1 
ATOM   71  O O   . GLU A 1 10 ? 7.018   9.466   -0.888  1.00 59.08  ? 9   GLU A O   1 
ATOM   72  C CB  . GLU A 1 10 ? 9.609   11.219  0.054   1.00 64.54  ? 9   GLU A CB  1 
ATOM   73  C CG  . GLU A 1 10 ? 9.767   11.043  -1.527  1.00 77.93  ? 9   GLU A CG  1 
ATOM   74  C CD  . GLU A 1 10 ? 8.973   11.994  -2.505  1.00 78.62  ? 9   GLU A CD  1 
ATOM   75  O OE1 . GLU A 1 10 ? 8.158   12.845  -2.050  1.00 93.82  ? 9   GLU A OE1 1 
ATOM   76  O OE2 . GLU A 1 10 ? 9.169   11.878  -3.772  1.00 88.53  ? 9   GLU A OE2 1 
ATOM   77  N N   . LEU A 1 11 ? 8.343   8.352   0.513   1.00 52.04  ? 10  LEU A N   1 
ATOM   78  C CA  . LEU A 1 11 ? 7.939   7.060   -0.022  1.00 53.55  ? 10  LEU A CA  1 
ATOM   79  C C   . LEU A 1 11 ? 6.395   6.827   0.157   1.00 48.80  ? 10  LEU A C   1 
ATOM   80  O O   . LEU A 1 11 ? 5.678   6.427   -0.785  1.00 51.42  ? 10  LEU A O   1 
ATOM   81  C CB  . LEU A 1 11 ? 8.714   5.979   0.721   1.00 53.66  ? 10  LEU A CB  1 
ATOM   82  C CG  . LEU A 1 11 ? 8.301   4.561   0.380   1.00 58.08  ? 10  LEU A CG  1 
ATOM   83  C CD1 . LEU A 1 11 ? 8.391   4.148   -1.072  1.00 57.34  ? 10  LEU A CD1 1 
ATOM   84  C CD2 . LEU A 1 11 ? 9.114   3.655   1.216   1.00 60.44  ? 10  LEU A CD2 1 
ATOM   85  N N   . ALA A 1 12 ? 5.901   7.127   1.374   1.00 50.29  ? 11  ALA A N   1 
ATOM   86  C CA  . ALA A 1 12 ? 4.458   7.014   1.657   1.00 52.00  ? 11  ALA A CA  1 
ATOM   87  C C   . ALA A 1 12 ? 3.593   7.842   0.679   1.00 51.99  ? 11  ALA A C   1 
ATOM   88  O O   . ALA A 1 12 ? 2.693   7.316   -0.024  1.00 51.15  ? 11  ALA A O   1 
ATOM   89  C CB  . ALA A 1 12 ? 4.206   7.500   3.107   1.00 52.30  ? 11  ALA A CB  1 
ATOM   90  N N   . LYS A 1 13 ? 4.043   9.071   0.374   1.00 53.41  ? 12  LYS A N   1 
ATOM   91  C CA  . LYS A 1 13 ? 3.395   9.859   -0.737  1.00 55.67  ? 12  LYS A CA  1 
ATOM   92  C C   . LYS A 1 13 ? 3.459   9.214   -2.100  1.00 57.35  ? 12  LYS A C   1 
ATOM   93  O O   . LYS A 1 13 ? 2.453   9.068   -2.858  1.00 52.06  ? 12  LYS A O   1 
ATOM   94  C CB  . LYS A 1 13 ? 4.102   11.225  -0.853  1.00 69.27  ? 12  LYS A CB  1 
ATOM   95  C CG  . LYS A 1 13 ? 3.492   12.266  -1.814  1.00 84.68  ? 12  LYS A CG  1 
ATOM   96  C CD  . LYS A 1 13 ? 4.249   13.615  -2.012  1.00 96.74  ? 12  LYS A CD  1 
ATOM   97  C CE  . LYS A 1 13 ? 4.470   14.106  -3.501  1.00 103.40 ? 12  LYS A CE  1 
ATOM   98  N NZ  . LYS A 1 13 ? 4.969   13.109  -4.556  1.00 102.41 ? 12  LYS A NZ  1 
ATOM   99  N N   . SER A 1 14 ? 4.610   8.628   -2.403  1.00 54.56  ? 13  SER A N   1 
ATOM   100 C CA  . SER A 1 14 ? 4.627   7.908   -3.691  1.00 48.68  ? 13  SER A CA  1 
ATOM   101 C C   . SER A 1 14 ? 3.843   6.733   -3.819  1.00 46.82  ? 13  SER A C   1 
ATOM   102 O O   . SER A 1 14 ? 3.207   6.473   -4.846  1.00 48.92  ? 13  SER A O   1 
ATOM   103 C CB  . SER A 1 14 ? 6.132   7.631   -4.060  1.00 56.78  ? 13  SER A CB  1 
ATOM   104 O OG  . SER A 1 14 ? 6.488   8.738   -4.813  1.00 65.48  ? 13  SER A OG  1 
ATOM   105 N N   . LEU A 1 15 ? 3.804   5.978   -2.733  1.00 46.88  ? 14  LEU A N   1 
ATOM   106 C CA  . LEU A 1 15 ? 2.992   4.715   -2.737  1.00 48.73  ? 14  LEU A CA  1 
ATOM   107 C C   . LEU A 1 15 ? 1.432   4.962   -2.762  1.00 43.10  ? 14  LEU A C   1 
ATOM   108 O O   . LEU A 1 15 ? 0.624   4.272   -3.460  1.00 44.64  ? 14  LEU A O   1 
ATOM   109 C CB  . LEU A 1 15 ? 3.425   3.889   -1.521  1.00 47.10  ? 14  LEU A CB  1 
ATOM   110 C CG  . LEU A 1 15 ? 4.873   3.346   -1.546  1.00 51.93  ? 14  LEU A CG  1 
ATOM   111 C CD1 . LEU A 1 15 ? 5.190   2.502   -0.322  1.00 51.21  ? 14  LEU A CD1 1 
ATOM   112 C CD2 . LEU A 1 15 ? 5.156   2.624   -2.899  1.00 47.32  ? 14  LEU A CD2 1 
ATOM   113 N N   . LYS A 1 16 ? 1.109   6.064   -2.163  1.00 47.89  ? 15  LYS A N   1 
ATOM   114 C CA  . LYS A 1 16 ? -0.241  6.585   -2.327  1.00 49.66  ? 15  LYS A CA  1 
ATOM   115 C C   . LYS A 1 16 ? -0.703  6.954   -3.675  1.00 47.19  ? 15  LYS A C   1 
ATOM   116 O O   . LYS A 1 16 ? -1.756  6.430   -4.278  1.00 45.28  ? 15  LYS A O   1 
ATOM   117 C CB  . LYS A 1 16 ? -0.320  7.766   -1.331  1.00 56.80  ? 15  LYS A CB  1 
ATOM   118 C CG  . LYS A 1 16 ? -1.724  8.340   -1.279  1.00 70.07  ? 15  LYS A CG  1 
ATOM   119 C CD  . LYS A 1 16 ? -1.978  9.113   0.044   1.00 86.80  ? 15  LYS A CD  1 
ATOM   120 C CE  . LYS A 1 16 ? -1.559  10.556  -0.170  1.00 99.80  ? 15  LYS A CE  1 
ATOM   121 N NZ  . LYS A 1 16 ? -2.613  11.184  -1.034  1.00 109.54 ? 15  LYS A NZ  1 
ATOM   122 N N   . GLU A 1 17 ? 0.246   7.682   -4.365  1.00 44.83  ? 16  GLU A N   1 
ATOM   123 C CA  . GLU A 1 17 ? -0.026  7.862   -5.831  1.00 45.72  ? 16  GLU A CA  1 
ATOM   124 C C   . GLU A 1 17 ? -0.004  6.672   -6.595  1.00 48.35  ? 16  GLU A C   1 
ATOM   125 O O   . GLU A 1 17 ? -0.889  6.497   -7.440  1.00 47.90  ? 16  GLU A O   1 
ATOM   126 C CB  . GLU A 1 17 ? 1.049   8.838   -6.365  1.00 57.59  ? 16  GLU A CB  1 
ATOM   127 C CG  . GLU A 1 17 ? 1.105   8.929   -7.950  1.00 67.58  ? 16  GLU A CG  1 
ATOM   128 C CD  . GLU A 1 17 ? -0.118  9.732   -8.606  1.00 74.99  ? 16  GLU A CD  1 
ATOM   129 O OE1 . GLU A 1 17 ? -0.913  10.404  -7.720  1.00 76.20  ? 16  GLU A OE1 1 
ATOM   130 O OE2 . GLU A 1 17 ? -0.185  9.829   -9.976  1.00 79.15  ? 16  GLU A OE2 1 
ATOM   131 N N   . LEU A 1 18 ? 0.981   5.746   -6.325  1.00 47.59  ? 17  LEU A N   1 
ATOM   132 C CA  . LEU A 1 18 ? 0.903   4.387   -7.042  1.00 42.98  ? 17  LEU A CA  1 
ATOM   133 C C   . LEU A 1 18 ? -0.494  3.667   -6.892  1.00 40.59  ? 17  LEU A C   1 
ATOM   134 O O   . LEU A 1 18 ? -1.121  3.139   -7.841  1.00 41.84  ? 17  LEU A O   1 
ATOM   135 C CB  . LEU A 1 18 ? 2.088   3.486   -6.486  1.00 45.07  ? 17  LEU A CB  1 
ATOM   136 C CG  . LEU A 1 18 ? 2.088   2.129   -7.166  1.00 47.16  ? 17  LEU A CG  1 
ATOM   137 C CD1 . LEU A 1 18 ? 2.106   2.048   -8.654  1.00 51.52  ? 17  LEU A CD1 1 
ATOM   138 C CD2 . LEU A 1 18 ? 3.215   1.272   -6.586  1.00 51.64  ? 17  LEU A CD2 1 
ATOM   139 N N   . ALA A 1 19 ? -0.936  3.650   -5.657  1.00 42.01  ? 18  ALA A N   1 
ATOM   140 C CA  . ALA A 1 19 ? -2.258  2.966   -5.318  1.00 48.14  ? 18  ALA A CA  1 
ATOM   141 C C   . ALA A 1 19 ? -3.407  3.609   -6.097  1.00 43.50  ? 18  ALA A C   1 
ATOM   142 O O   . ALA A 1 19 ? -4.206  2.947   -6.795  1.00 44.99  ? 18  ALA A O   1 
ATOM   143 C CB  . ALA A 1 19 ? -2.521  3.187   -3.804  1.00 48.68  ? 18  ALA A CB  1 
ATOM   144 N N   . TRP A 1 20 ? -3.330  4.932   -6.186  1.00 46.62  ? 19  TRP A N   1 
ATOM   145 C CA  . TRP A 1 20 ? -4.265  5.699   -7.129  1.00 46.34  ? 19  TRP A CA  1 
ATOM   146 C C   . TRP A 1 20 ? -4.246  5.355   -8.530  1.00 43.99  ? 19  TRP A C   1 
ATOM   147 O O   . TRP A 1 20 ? -5.249  4.806   -9.231  1.00 45.09  ? 19  TRP A O   1 
ATOM   148 C CB  . TRP A 1 20 ? -4.155  7.295   -6.882  1.00 48.56  ? 19  TRP A CB  1 
ATOM   149 C CG  . TRP A 1 20 ? -5.064  7.887   -7.883  1.00 60.51  ? 19  TRP A CG  1 
ATOM   150 C CD1 . TRP A 1 20 ? -4.700  8.497   -9.091  1.00 61.02  ? 19  TRP A CD1 1 
ATOM   151 C CD2 . TRP A 1 20 ? -6.497  7.829   -7.879  1.00 55.05  ? 19  TRP A CD2 1 
ATOM   152 N NE1 . TRP A 1 20 ? -5.832  8.749   -9.785  1.00 68.77  ? 19  TRP A NE1 1 
ATOM   153 C CE2 . TRP A 1 20 ? -6.929  8.402   -9.050  1.00 57.57  ? 19  TRP A CE2 1 
ATOM   154 C CE3 . TRP A 1 20 ? -7.457  7.440   -6.922  1.00 61.28  ? 19  TRP A CE3 1 
ATOM   155 C CZ2 . TRP A 1 20 ? -8.275  8.539   -9.352  1.00 65.74  ? 19  TRP A CZ2 1 
ATOM   156 C CZ3 . TRP A 1 20 ? -8.820  7.541   -7.238  1.00 64.11  ? 19  TRP A CZ3 1 
ATOM   157 C CH2 . TRP A 1 20 ? -9.203  8.067   -8.457  1.00 65.98  ? 19  TRP A CH2 1 
ATOM   158 N N   . SER A 1 21 ? -3.013  5.252   -9.024  1.00 47.91  ? 20  SER A N   1 
ATOM   159 C CA  . SER A 1 21 ? -2.887  4.756   -10.433 1.00 45.02  ? 20  SER A CA  1 
ATOM   160 C C   . SER A 1 21 ? -3.288  3.443   -10.781 1.00 43.94  ? 20  SER A C   1 
ATOM   161 O O   . SER A 1 21 ? -3.948  3.131   -11.909 1.00 45.34  ? 20  SER A O   1 
ATOM   162 C CB  . SER A 1 21 ? -1.475  4.995   -11.008 1.00 54.83  ? 20  SER A CB  1 
ATOM   163 O OG  . SER A 1 21 ? -1.374  6.374   -11.237 1.00 57.03  ? 20  SER A OG  1 
ATOM   164 N N   . LEU A 1 22 ? -2.969  2.586   -9.836  1.00 43.99  ? 21  LEU A N   1 
ATOM   165 C CA  . LEU A 1 22 ? -3.411  1.151   -10.098 1.00 44.50  ? 21  LEU A CA  1 
ATOM   166 C C   . LEU A 1 22 ? -4.875  1.034   -10.006 1.00 46.44  ? 21  LEU A C   1 
ATOM   167 O O   . LEU A 1 22 ? -5.541  0.178   -10.706 1.00 45.99  ? 21  LEU A O   1 
ATOM   168 C CB  . LEU A 1 22 ? -2.680  0.253   -9.067  1.00 45.62  ? 21  LEU A CB  1 
ATOM   169 C CG  . LEU A 1 22 ? -1.133  0.259   -9.222  1.00 45.04  ? 21  LEU A CG  1 
ATOM   170 C CD1 . LEU A 1 22 ? -0.502  -0.769  -8.323  1.00 46.27  ? 21  LEU A CD1 1 
ATOM   171 C CD2 . LEU A 1 22 ? -0.801  -0.190  -10.695 1.00 49.89  ? 21  LEU A CD2 1 
ATOM   172 N N   . LYS A 1 23 ? -5.432  1.869   -9.138  1.00 48.10  ? 22  LYS A N   1 
ATOM   173 C CA  . LYS A 1 23 ? -6.986  1.927   -9.160  1.00 53.51  ? 22  LYS A CA  1 
ATOM   174 C C   . LYS A 1 23 ? -7.548  2.399   -10.475 1.00 46.99  ? 22  LYS A C   1 
ATOM   175 O O   . LYS A 1 23 ? -8.427  1.800   -11.058 1.00 47.01  ? 22  LYS A O   1 
ATOM   176 C CB  . LYS A 1 23 ? -7.409  2.811   -7.967  1.00 55.94  ? 22  LYS A CB  1 
ATOM   177 C CG  . LYS A 1 23 ? -8.750  2.594   -7.553  1.00 64.31  ? 22  LYS A CG  1 
ATOM   178 C CD  . LYS A 1 23 ? -9.211  3.714   -6.570  1.00 70.12  ? 22  LYS A CD  1 
ATOM   179 C CE  . LYS A 1 23 ? -8.453  3.791   -5.269  1.00 62.39  ? 22  LYS A CE  1 
ATOM   180 N NZ  . LYS A 1 23 ? -8.826  2.468   -4.582  1.00 68.65  ? 22  LYS A NZ  1 
ATOM   181 N N   . GLU A 1 24 ? -6.901  3.382   -11.090 1.00 46.48  ? 23  GLU A N   1 
ATOM   182 C CA  A GLU A 1 24 ? -7.430  3.862   -12.369 0.57 48.16  ? 23  GLU A CA  1 
ATOM   183 C CA  B GLU A 1 24 ? -7.434  3.889   -12.382 0.43 46.24  ? 23  GLU A CA  1 
ATOM   184 C C   . GLU A 1 24 ? -7.129  2.821   -13.418 1.00 51.62  ? 23  GLU A C   1 
ATOM   185 O O   . GLU A 1 24 ? -7.906  2.547   -14.371 1.00 49.49  ? 23  GLU A O   1 
ATOM   186 C CB  A GLU A 1 24 ? -6.761  5.172   -12.612 0.57 54.05  ? 23  GLU A CB  1 
ATOM   187 C CB  B GLU A 1 24 ? -6.830  5.243   -12.770 0.43 48.41  ? 23  GLU A CB  1 
ATOM   188 C CG  A GLU A 1 24 ? -7.630  6.264   -13.161 0.57 61.19  ? 23  GLU A CG  1 
ATOM   189 C CG  B GLU A 1 24 ? -6.959  6.487   -11.839 0.43 48.21  ? 23  GLU A CG  1 
ATOM   190 C CD  A GLU A 1 24 ? -6.790  7.440   -13.638 0.57 60.12  ? 23  GLU A CD  1 
ATOM   191 C CD  B GLU A 1 24 ? -7.230  7.850   -12.614 0.43 51.59  ? 23  GLU A CD  1 
ATOM   192 O OE1 A GLU A 1 24 ? -5.612  7.637   -13.151 0.57 61.02  ? 23  GLU A OE1 1 
ATOM   193 O OE1 B GLU A 1 24 ? -8.289  8.066   -13.270 0.43 53.89  ? 23  GLU A OE1 1 
ATOM   194 O OE2 A GLU A 1 24 ? -7.334  8.077   -14.549 0.57 71.17  ? 23  GLU A OE2 1 
ATOM   195 O OE2 B GLU A 1 24 ? -6.398  8.775   -12.509 0.43 57.28  ? 23  GLU A OE2 1 
ATOM   196 N N   . LEU A 1 25 ? -5.975  2.111   -13.249 1.00 48.06  ? 24  LEU A N   1 
ATOM   197 C CA  . LEU A 1 25 ? -5.688  1.089   -14.273 1.00 48.74  ? 24  LEU A CA  1 
ATOM   198 C C   . LEU A 1 25 ? -6.803  0.033   -14.098 1.00 46.61  ? 24  LEU A C   1 
ATOM   199 O O   . LEU A 1 25 ? -7.324  -0.561  -15.040 1.00 49.56  ? 24  LEU A O   1 
ATOM   200 C CB  . LEU A 1 25 ? -4.240  0.534   -13.998 1.00 47.12  ? 24  LEU A CB  1 
ATOM   201 C CG  . LEU A 1 25 ? -3.988  -0.665  -14.856 1.00 52.65  ? 24  LEU A CG  1 
ATOM   202 C CD1 . LEU A 1 25 ? -4.191  -0.483  -16.271 1.00 56.30  ? 24  LEU A CD1 1 
ATOM   203 C CD2 . LEU A 1 25 ? -2.592  -1.175  -14.598 1.00 54.92  ? 24  LEU A CD2 1 
ATOM   204 N N   . ALA A 1 26 ? -7.043  -0.370  -12.863 1.00 43.92  ? 25  ALA A N   1 
ATOM   205 C CA  . ALA A 1 26 ? -8.086  -1.420  -12.683 1.00 51.26  ? 25  ALA A CA  1 
ATOM   206 C C   . ALA A 1 26 ? -9.422  -1.071  -13.253 1.00 50.91  ? 25  ALA A C   1 
ATOM   207 O O   . ALA A 1 26 ? -10.167 -1.929  -13.887 1.00 52.69  ? 25  ALA A O   1 
ATOM   208 C CB  . ALA A 1 26 ? -8.229  -1.759  -11.163 1.00 56.03  ? 25  ALA A CB  1 
ATOM   209 N N   . GLN A 1 27 ? -9.720  0.225   -13.162 1.00 50.51  ? 26  GLN A N   1 
ATOM   210 C CA  . GLN A 1 27 ? -11.054 0.641   -13.601 1.00 55.75  ? 26  GLN A CA  1 
ATOM   211 C C   . GLN A 1 27 ? -11.023 0.470   -15.142 1.00 58.90  ? 26  GLN A C   1 
ATOM   212 O O   . GLN A 1 27 ? -12.029 0.064   -15.735 1.00 64.22  ? 26  GLN A O   1 
ATOM   213 C CB  . GLN A 1 27 ? -11.292 2.112   -13.163 1.00 58.67  ? 26  GLN A CB  1 
ATOM   214 C CG  . GLN A 1 27 ? -12.493 2.773   -13.839 1.00 56.39  ? 26  GLN A CG  1 
ATOM   215 C CD  . GLN A 1 27 ? -13.792 2.088   -13.359 1.00 57.58  ? 26  GLN A CD  1 
ATOM   216 O OE1 . GLN A 1 27 ? -13.929 1.508   -12.239 1.00 58.02  ? 26  GLN A OE1 1 
ATOM   217 N NE2 . GLN A 1 27 ? -14.692 2.072   -14.225 1.00 60.64  ? 26  GLN A NE2 1 
ATOM   218 N N   . SER A 1 28 ? -9.926  0.896   -15.788 1.00 53.95  ? 27  SER A N   1 
ATOM   219 C CA  . SER A 1 28 ? -10.013 0.821   -17.249 1.00 60.52  ? 27  SER A CA  1 
ATOM   220 C C   . SER A 1 28 ? -9.905  -0.581  -17.744 1.00 64.09  ? 27  SER A C   1 
ATOM   221 O O   . SER A 1 28 ? -10.326 -0.799  -18.793 1.00 63.36  ? 27  SER A O   1 
ATOM   222 C CB  . SER A 1 28 ? -9.036  1.689   -18.028 1.00 63.73  ? 27  SER A CB  1 
ATOM   223 O OG  . SER A 1 28 ? -7.832  1.182   -18.041 1.00 70.11  ? 27  SER A OG  1 
ATOM   224 N N   . LEU A 1 29 ? -9.330  -1.522  -16.986 1.00 65.47  ? 28  LEU A N   1 
ATOM   225 C CA  . LEU A 1 29 ? -9.287  -2.940  -17.414 1.00 67.25  ? 28  LEU A CA  1 
ATOM   226 C C   . LEU A 1 29 ? -10.563 -3.646  -17.221 1.00 78.30  ? 28  LEU A C   1 
ATOM   227 O O   . LEU A 1 29 ? -10.799 -4.557  -17.972 1.00 74.20  ? 28  LEU A O   1 
ATOM   228 C CB  . LEU A 1 29 ? -8.185  -3.771  -16.690 1.00 69.07  ? 28  LEU A CB  1 
ATOM   229 C CG  . LEU A 1 29 ? -6.746  -3.244  -16.785 1.00 65.98  ? 28  LEU A CG  1 
ATOM   230 C CD1 . LEU A 1 29 ? -5.756  -4.181  -16.214 1.00 72.09  ? 28  LEU A CD1 1 
ATOM   231 C CD2 . LEU A 1 29 ? -6.344  -2.894  -18.169 1.00 68.20  ? 28  LEU A CD2 1 
ATOM   232 N N   . LYS A 1 30 ? -11.383 -3.333  -16.206 1.00 78.73  ? 29  LYS A N   1 
ATOM   233 C CA  . LYS A 1 30 ? -12.756 -3.944  -16.224 1.00 92.27  ? 29  LYS A CA  1 
ATOM   234 C C   . LYS A 1 30 ? -13.471 -3.454  -17.511 1.00 96.03  ? 29  LYS A C   1 
ATOM   235 O O   . LYS A 1 30 ? -14.183 -4.221  -18.131 1.00 104.84 ? 29  LYS A O   1 
ATOM   236 C CB  . LYS A 1 30 ? -13.584 -3.787  -14.897 1.00 88.38  ? 29  LYS A CB  1 
ATOM   237 C CG  . LYS A 1 30 ? -13.677 -2.406  -14.350 1.00 89.40  ? 29  LYS A CG  1 
ATOM   238 C CD  . LYS A 1 30 ? -14.185 -2.326  -12.887 1.00 98.93  ? 29  LYS A CD  1 
ATOM   239 C CE  . LYS A 1 30 ? -13.043 -2.327  -11.864 1.00 101.22 ? 29  LYS A CE  1 
ATOM   240 N NZ  . LYS A 1 30 ? -13.291 -1.684  -10.526 1.00 97.67  ? 29  LYS A NZ  1 
ATOM   241 N N   . GLY A 1 31 ? -13.214 -2.220  -17.936 1.00 101.40 ? 30  GLY A N   1 
ATOM   242 C CA  . GLY A 1 31 ? -13.634 -1.746  -19.271 1.00 110.29 ? 30  GLY A CA  1 
ATOM   243 C C   . GLY A 1 31 ? -13.670 -0.214  -19.441 1.00 116.31 ? 30  GLY A C   1 
ATOM   244 O O   . GLY A 1 31 ? -14.348 0.511   -18.687 1.00 116.64 ? 30  GLY A O   1 
HETATM 245 C C   . ACE B 1 1  ? 9.881   10.341  16.590  1.00 123.39 ? 0   ACE B C   1 
HETATM 246 O O   . ACE B 1 1  ? 9.828   9.123   16.353  1.00 119.79 ? 0   ACE B O   1 
HETATM 247 C CH3 . ACE B 1 1  ? 11.296  11.161  16.112  1.00 114.78 ? 0   ACE B CH3 1 
ATOM   248 N N   . GLY B 1 2  ? 8.710   10.826  17.108  1.00 117.45 ? 1   GLY B N   1 
ATOM   249 C CA  . GLY B 1 2  ? 8.255   12.192  16.828  1.00 113.19 ? 1   GLY B CA  1 
ATOM   250 C C   . GLY B 1 2  ? 8.074   12.158  15.313  1.00 110.39 ? 1   GLY B C   1 
ATOM   251 O O   . GLY B 1 2  ? 7.057   11.647  14.792  1.00 98.91  ? 1   GLY B O   1 
ATOM   252 N N   . GLU B 1 3  ? 9.056   12.678  14.586  1.00 100.20 ? 2   GLU B N   1 
ATOM   253 C CA  . GLU B 1 3  ? 8.983   12.621  13.140  1.00 99.51  ? 2   GLU B CA  1 
ATOM   254 C C   . GLU B 1 3  ? 8.916   11.238  12.483  1.00 86.21  ? 2   GLU B C   1 
ATOM   255 O O   . GLU B 1 3  ? 8.203   11.010  11.536  1.00 79.23  ? 2   GLU B O   1 
ATOM   256 C CB  . GLU B 1 3  ? 10.104  13.448  12.524  1.00 98.96  ? 2   GLU B CB  1 
ATOM   257 C CG  . GLU B 1 3  ? 9.767   14.917  12.560  1.00 111.10 ? 2   GLU B CG  1 
ATOM   258 C CD  . GLU B 1 3  ? 8.436   15.263  11.887  1.00 120.85 ? 2   GLU B CD  1 
ATOM   259 O OE1 . GLU B 1 3  ? 7.494   14.431  11.863  1.00 127.20 ? 2   GLU B OE1 1 
ATOM   260 O OE2 . GLU B 1 3  ? 8.319   16.405  11.385  1.00 122.73 ? 2   GLU B OE2 1 
ATOM   261 N N   . LEU B 1 4  ? 9.700   10.347  13.010  1.00 84.60  ? 3   LEU B N   1 
ATOM   262 C CA  . LEU B 1 4  ? 9.855   9.067   12.466  1.00 84.02  ? 3   LEU B CA  1 
ATOM   263 C C   . LEU B 1 4  ? 8.598   8.256   12.644  1.00 85.70  ? 3   LEU B C   1 
ATOM   264 O O   . LEU B 1 4  ? 8.231   7.539   11.700  1.00 74.29  ? 3   LEU B O   1 
ATOM   265 C CB  . LEU B 1 4  ? 10.980  8.342   13.170  1.00 85.43  ? 3   LEU B CB  1 
ATOM   266 C CG  . LEU B 1 4  ? 11.306  7.013   12.492  1.00 86.00  ? 3   LEU B CG  1 
ATOM   267 C CD1 . LEU B 1 4  ? 11.913  7.251   11.132  1.00 83.48  ? 3   LEU B CD1 1 
ATOM   268 C CD2 . LEU B 1 4  ? 12.204  6.182   13.350  1.00 85.82  ? 3   LEU B CD2 1 
ATOM   269 N N   . ALA B 1 5  ? 7.969   8.355   13.832  1.00 81.67  ? 4   ALA B N   1 
ATOM   270 C CA  . ALA B 1 5  ? 6.771   7.579   14.123  1.00 79.91  ? 4   ALA B CA  1 
ATOM   271 C C   . ALA B 1 5  ? 5.708   8.066   13.218  1.00 76.95  ? 4   ALA B C   1 
ATOM   272 O O   . ALA B 1 5  ? 4.943   7.300   12.638  1.00 72.27  ? 4   ALA B O   1 
ATOM   273 C CB  . ALA B 1 5  ? 6.327   7.784   15.545  1.00 89.64  ? 4   ALA B CB  1 
ATOM   274 N N   . GLN B 1 6  ? 5.662   9.376   13.075  1.00 70.69  ? 5   GLN B N   1 
ATOM   275 C CA  . GLN B 1 6  ? 4.689   9.925   12.203  1.00 75.22  ? 5   GLN B CA  1 
ATOM   276 C C   . GLN B 1 6  ? 4.910   9.423   10.690  1.00 73.30  ? 5   GLN B C   1 
ATOM   277 O O   . GLN B 1 6  ? 3.994   8.973   10.015  1.00 63.11  ? 5   GLN B O   1 
ATOM   278 C CB  . GLN B 1 6  ? 4.816   11.449  12.378  1.00 77.89  ? 5   GLN B CB  1 
ATOM   279 C CG  . GLN B 1 6  ? 3.916   12.289  11.500  1.00 82.28  ? 5   GLN B CG  1 
ATOM   280 C CD  . GLN B 1 6  ? 2.450   11.843  11.656  1.00 99.61  ? 5   GLN B CD  1 
ATOM   281 O OE1 . GLN B 1 6  ? 2.035   11.258  12.719  1.00 106.82 ? 5   GLN B OE1 1 
ATOM   282 N NE2 . GLN B 1 6  ? 1.659   12.064  10.586  1.00 99.86  ? 5   GLN B NE2 1 
ATOM   283 N N   . SER B 1 7  ? 6.172   9.471   10.210  1.00 72.04  ? 6   SER B N   1 
ATOM   284 C CA  A SER B 1 7  ? 6.401   9.048   8.836   0.34 69.12  ? 6   SER B CA  1 
ATOM   285 C CA  B SER B 1 7  ? 6.492   8.993   8.850   0.66 68.39  ? 6   SER B CA  1 
ATOM   286 C C   . SER B 1 7  ? 5.932   7.594   8.631   1.00 63.62  ? 6   SER B C   1 
ATOM   287 O O   . SER B 1 7  ? 5.314   7.289   7.600   1.00 60.55  ? 6   SER B O   1 
ATOM   288 C CB  A SER B 1 7  ? 7.832   9.301   8.430   0.34 67.95  ? 6   SER B CB  1 
ATOM   289 C CB  B SER B 1 7  ? 7.975   9.014   8.594   0.66 63.88  ? 6   SER B CB  1 
ATOM   290 O OG  A SER B 1 7  ? 8.065   10.710  8.379   0.34 68.26  ? 6   SER B OG  1 
ATOM   291 O OG  B SER B 1 7  ? 8.706   7.987   9.232   0.66 59.69  ? 6   SER B OG  1 
ATOM   292 N N   . LEU B 1 8  ? 6.195   6.765   9.615   1.00 61.24  ? 7   LEU B N   1 
ATOM   293 C CA  . LEU B 1 8  ? 5.852   5.336   9.619   1.00 63.03  ? 7   LEU B CA  1 
ATOM   294 C C   . LEU B 1 8  ? 4.354   5.066   9.646   1.00 61.90  ? 7   LEU B C   1 
ATOM   295 O O   . LEU B 1 8  ? 3.910   4.111   9.015   1.00 66.55  ? 7   LEU B O   1 
ATOM   296 C CB  . LEU B 1 8  ? 6.536   4.686   10.797  1.00 66.83  ? 7   LEU B CB  1 
ATOM   297 C CG  . LEU B 1 8  ? 8.069   4.456   10.734  1.00 73.38  ? 7   LEU B CG  1 
ATOM   298 C CD1 . LEU B 1 8  ? 8.566   3.755   11.995  1.00 73.40  ? 7   LEU B CD1 1 
ATOM   299 C CD2 . LEU B 1 8  ? 8.375   3.534   9.587   1.00 75.70  ? 7   LEU B CD2 1 
ATOM   300 N N   . LYS B 1 9  ? 3.596   5.965   10.251  1.00 60.12  ? 8   LYS B N   1 
ATOM   301 C CA  . LYS B 1 9  ? 2.145   5.897   10.264  1.00 62.79  ? 8   LYS B CA  1 
ATOM   302 C C   . LYS B 1 9  ? 1.698   6.218   8.890   1.00 60.19  ? 8   LYS B C   1 
ATOM   303 O O   . LYS B 1 9  ? 0.870   5.495   8.341   1.00 55.87  ? 8   LYS B O   1 
ATOM   304 C CB  . LYS B 1 9  ? 1.458   6.973   11.183  1.00 68.17  ? 8   LYS B CB  1 
ATOM   305 C CG  . LYS B 1 9  ? 1.356   6.698   12.699  1.00 84.49  ? 8   LYS B CG  1 
ATOM   306 C CD  . LYS B 1 9  ? 0.935   7.911   13.602  1.00 87.86  ? 8   LYS B CD  1 
ATOM   307 C CE  . LYS B 1 9  ? 0.785   5.462   15.053  0.00 89.01  ? 8   LYS B CE  1 
ATOM   308 N NZ  . LYS B 1 9  ? 1.506   5.965   16.253  0.00 90.28  ? 8   LYS B NZ  1 
ATOM   309 N N   A GLU B 1 10 ? 2.224   7.317   8.343   0.54 57.73  ? 9   GLU B N   1 
ATOM   310 N N   B GLU B 1 10 ? 2.188   7.321   8.288   0.46 60.17  ? 9   GLU B N   1 
ATOM   311 C CA  A GLU B 1 10 ? 1.963   7.659   6.954   0.54 57.80  ? 9   GLU B CA  1 
ATOM   312 C CA  B GLU B 1 10 ? 1.817   7.592   6.882   0.46 61.69  ? 9   GLU B CA  1 
ATOM   313 C C   A GLU B 1 10 ? 2.235   6.489   5.948   0.54 53.05  ? 9   GLU B C   1 
ATOM   314 C C   B GLU B 1 10 ? 2.182   6.414   5.942   0.46 55.34  ? 9   GLU B C   1 
ATOM   315 O O   A GLU B 1 10 ? 1.376   6.080   5.131   0.54 51.29  ? 9   GLU B O   1 
ATOM   316 O O   B GLU B 1 10 ? 1.342   5.946   5.130   0.46 52.27  ? 9   GLU B O   1 
ATOM   317 C CB  A GLU B 1 10 ? 2.735   8.920   6.624   0.54 58.45  ? 9   GLU B CB  1 
ATOM   318 C CB  B GLU B 1 10 ? 2.417   8.879   6.337   0.46 66.64  ? 9   GLU B CB  1 
ATOM   319 C CG  A GLU B 1 10 ? 1.997   10.120  7.217   0.54 62.27  ? 9   GLU B CG  1 
ATOM   320 C CG  B GLU B 1 10 ? 1.363   9.844   5.720   0.46 72.46  ? 9   GLU B CG  1 
ATOM   321 C CD  A GLU B 1 10 ? 2.901   11.304  7.309   0.54 71.77  ? 9   GLU B CD  1 
ATOM   322 C CD  B GLU B 1 10 ? 0.065   9.199   5.161   0.46 69.92  ? 9   GLU B CD  1 
ATOM   323 O OE1 A GLU B 1 10 ? 3.600   11.683  6.324   0.54 75.64  ? 9   GLU B OE1 1 
ATOM   324 O OE1 B GLU B 1 10 ? 0.044   8.444   4.071   0.46 54.95  ? 9   GLU B OE1 1 
ATOM   325 O OE2 A GLU B 1 10 ? 2.981   11.830  8.416   0.54 79.49  ? 9   GLU B OE2 1 
ATOM   326 O OE2 B GLU B 1 10 ? -0.960  9.534   5.846   0.46 61.14  ? 9   GLU B OE2 1 
ATOM   327 N N   . LEU B 1 11 ? 3.387   5.878   6.113   1.00 56.61  ? 10  LEU B N   1 
ATOM   328 C CA  . LEU B 1 11 ? 3.820   4.737   5.259   1.00 54.49  ? 10  LEU B CA  1 
ATOM   329 C C   . LEU B 1 11 ? 2.819   3.554   5.374   1.00 53.27  ? 10  LEU B C   1 
ATOM   330 O O   . LEU B 1 11 ? 2.296   3.044   4.364   1.00 48.96  ? 10  LEU B O   1 
ATOM   331 C CB  . LEU B 1 11 ? 5.254   4.374   5.584   1.00 51.11  ? 10  LEU B CB  1 
ATOM   332 C CG  . LEU B 1 11 ? 5.856   3.225   4.757   1.00 53.99  ? 10  LEU B CG  1 
ATOM   333 C CD1 . LEU B 1 11 ? 5.803   3.541   3.209   1.00 53.47  ? 10  LEU B CD1 1 
ATOM   334 C CD2 . LEU B 1 11 ? 7.311   2.889   5.225   1.00 56.96  ? 10  LEU B CD2 1 
ATOM   335 N N   . ALA B 1 12 ? 2.507   3.176   6.615   1.00 59.12  ? 11  ALA B N   1 
ATOM   336 C CA  . ALA B 1 12 ? 1.528   2.160   6.825   1.00 57.08  ? 11  ALA B CA  1 
ATOM   337 C C   . ALA B 1 12 ? 0.209   2.468   6.129   1.00 48.72  ? 11  ALA B C   1 
ATOM   338 O O   . ALA B 1 12 ? -0.371  1.561   5.526   1.00 53.10  ? 11  ALA B O   1 
ATOM   339 C CB  . ALA B 1 12 ? 1.201   1.910   8.337   1.00 56.00  ? 11  ALA B CB  1 
ATOM   340 N N   . LYS B 1 13 ? -0.366  3.648   6.324   1.00 48.96  ? 12  LYS B N   1 
ATOM   341 C CA  A LYS B 1 13 ? -1.550  4.012   5.602   0.53 51.31  ? 12  LYS B CA  1 
ATOM   342 C CA  B LYS B 1 13 ? -1.618  3.864   5.605   0.47 52.35  ? 12  LYS B CA  1 
ATOM   343 C C   . LYS B 1 13 ? -1.446  3.846   4.076   1.00 50.83  ? 12  LYS B C   1 
ATOM   344 O O   . LYS B 1 13 ? -2.369  3.281   3.326   1.00 45.06  ? 12  LYS B O   1 
ATOM   345 C CB  A LYS B 1 13 ? -1.876  5.491   5.970   0.53 57.68  ? 12  LYS B CB  1 
ATOM   346 C CB  B LYS B 1 13 ? -2.458  5.097   6.102   0.47 61.40  ? 12  LYS B CB  1 
ATOM   347 C CG  A LYS B 1 13 ? -2.937  6.158   5.092   0.53 58.44  ? 12  LYS B CG  1 
ATOM   348 C CG  B LYS B 1 13 ? -3.919  5.094   5.514   0.47 67.08  ? 12  LYS B CG  1 
ATOM   349 C CD  A LYS B 1 13 ? -3.206  7.603   5.518   0.53 65.95  ? 12  LYS B CD  1 
ATOM   350 C CD  B LYS B 1 13 ? -4.731  6.383   5.793   0.47 66.87  ? 12  LYS B CD  1 
ATOM   351 C CE  A LYS B 1 13 ? -3.752  8.436   4.332   0.53 66.63  ? 12  LYS B CE  1 
ATOM   352 C CE  B LYS B 1 13 ? -5.968  6.524   4.910   0.47 63.99  ? 12  LYS B CE  1 
ATOM   353 N NZ  A LYS B 1 13 ? -4.424  9.591   4.915   0.53 70.49  ? 12  LYS B NZ  1 
ATOM   354 N NZ  B LYS B 1 13 ? -6.197  5.582   3.755   0.47 56.34  ? 12  LYS B NZ  1 
ATOM   355 N N   . SER B 1 14 ? -0.328  4.364   3.544   1.00 49.98  ? 13  SER B N   1 
ATOM   356 C CA  . SER B 1 14 ? -0.189  4.202   2.062   1.00 47.50  ? 13  SER B CA  1 
ATOM   357 C C   . SER B 1 14 ? -0.163  2.729   1.607   1.00 47.22  ? 13  SER B C   1 
ATOM   358 O O   . SER B 1 14 ? -0.753  2.267   0.547   1.00 46.28  ? 13  SER B O   1 
ATOM   359 C CB  . SER B 1 14 ? 1.190   4.793   1.639   1.00 50.93  ? 13  SER B CB  1 
ATOM   360 O OG  . SER B 1 14 ? 0.916   6.253   1.715   1.00 51.04  ? 13  SER B OG  1 
ATOM   361 N N   . LEU B 1 15 ? 0.533   1.972   2.430   1.00 42.98  ? 14  LEU B N   1 
ATOM   362 C CA  . LEU B 1 15 ? 0.583   0.565   2.090   1.00 46.54  ? 14  LEU B CA  1 
ATOM   363 C C   . LEU B 1 15 ? -0.729  -0.222  2.132   1.00 44.16  ? 14  LEU B C   1 
ATOM   364 O O   . LEU B 1 15 ? -1.003  -1.150  1.250   1.00 43.21  ? 14  LEU B O   1 
ATOM   365 C CB  . LEU B 1 15 ? 1.633   -0.059  3.052   1.00 52.10  ? 14  LEU B CB  1 
ATOM   366 C CG  . LEU B 1 15 ? 3.106   0.350   2.731   1.00 51.13  ? 14  LEU B CG  1 
ATOM   367 C CD1 . LEU B 1 15 ? 3.983   -0.226  3.822   1.00 52.81  ? 14  LEU B CD1 1 
ATOM   368 C CD2 . LEU B 1 15 ? 3.584   -0.194  1.403   1.00 52.66  ? 14  LEU B CD2 1 
ATOM   369 N N   . LYS B 1 16 ? -1.611  0.146   3.092   1.00 48.35  ? 15  LYS B N   1 
ATOM   370 C CA  . LYS B 1 16 ? -2.999  -0.449  3.021   1.00 46.12  ? 15  LYS B CA  1 
ATOM   371 C C   . LYS B 1 16 ? -3.772  0.035   1.850   1.00 42.36  ? 15  LYS B C   1 
ATOM   372 O O   . LYS B 1 16 ? -4.524  -0.645  1.167   1.00 45.77  ? 15  LYS B O   1 
ATOM   373 C CB  . LYS B 1 16 ? -3.850  0.048   4.226   1.00 54.87  ? 15  LYS B CB  1 
ATOM   374 C CG  . LYS B 1 16 ? -3.525  -0.533  5.617   1.00 70.62  ? 15  LYS B CG  1 
ATOM   375 C CD  . LYS B 1 16 ? -4.546  -0.054  6.721   1.00 80.05  ? 15  LYS B CD  1 
ATOM   376 C CE  . LYS B 1 16 ? -6.081  -0.296  6.321   1.00 84.79  ? 15  LYS B CE  1 
ATOM   377 N NZ  . LYS B 1 16 ? -6.544  -1.730  5.967   1.00 83.07  ? 15  LYS B NZ  1 
ATOM   378 N N   . GLU B 1 17 ? -3.528  1.320   1.506   1.00 43.87  ? 16  GLU B N   1 
ATOM   379 C CA  . GLU B 1 17 ? -4.189  1.772   0.233   1.00 41.33  ? 16  GLU B CA  1 
ATOM   380 C C   . GLU B 1 17 ? -3.710  1.008   -0.999  1.00 41.84  ? 16  GLU B C   1 
ATOM   381 O O   . GLU B 1 17 ? -4.481  0.494   -1.914  1.00 44.10  ? 16  GLU B O   1 
ATOM   382 C CB  . GLU B 1 17 ? -3.939  3.310   0.121   1.00 47.65  ? 16  GLU B CB  1 
ATOM   383 C CG  . GLU B 1 17 ? -4.762  4.185   1.093   1.00 57.69  ? 16  GLU B CG  1 
ATOM   384 C CD  . GLU B 1 17 ? -4.503  5.757   0.944   1.00 69.06  ? 16  GLU B CD  1 
ATOM   385 O OE1 . GLU B 1 17 ? -5.157  6.535   1.755   1.00 84.73  ? 16  GLU B OE1 1 
ATOM   386 O OE2 . GLU B 1 17 ? -3.601  6.218   0.117   1.00 75.74  ? 16  GLU B OE2 1 
ATOM   387 N N   . LEU B 1 18 ? -2.422  0.848   -0.999  1.00 39.39  ? 17  LEU B N   1 
ATOM   388 C CA  . LEU B 1 18 ? -1.785  -0.008  -2.194  1.00 38.76  ? 17  LEU B CA  1 
ATOM   389 C C   . LEU B 1 18 ? -2.305  -1.407  -2.232  1.00 38.91  ? 17  LEU B C   1 
ATOM   390 O O   . LEU B 1 18 ? -2.727  -1.961  -3.253  1.00 40.60  ? 17  LEU B O   1 
ATOM   391 C CB  . LEU B 1 18 ? -0.252  0.051   -1.951  1.00 43.95  ? 17  LEU B CB  1 
ATOM   392 C CG  . LEU B 1 18 ? 0.610   -0.656  -3.040  1.00 44.70  ? 17  LEU B CG  1 
ATOM   393 C CD1 . LEU B 1 18 ? 0.207   -0.140  -4.353  1.00 44.12  ? 17  LEU B CD1 1 
ATOM   394 C CD2 . LEU B 1 18 ? 2.089   -0.306  -2.719  1.00 47.33  ? 17  LEU B CD2 1 
ATOM   395 N N   . ALA B 1 19 ? -2.353  -2.047  -1.044  1.00 40.06  ? 18  ALA B N   1 
ATOM   396 C CA  . ALA B 1 19 ? -2.897  -3.420  -1.019  1.00 38.55  ? 18  ALA B CA  1 
ATOM   397 C C   . ALA B 1 19 ? -4.278  -3.518  -1.499  1.00 41.17  ? 18  ALA B C   1 
ATOM   398 O O   . ALA B 1 19 ? -4.641  -4.392  -2.321  1.00 40.75  ? 18  ALA B O   1 
ATOM   399 C CB  . ALA B 1 19 ? -2.852  -3.896  0.469   1.00 44.23  ? 18  ALA B CB  1 
ATOM   400 N N   . TRP B 1 20 ? -5.087  -2.510  -1.076  1.00 40.15  ? 19  TRP B N   1 
ATOM   401 C CA  . TRP B 1 20 ? -6.431  -2.513  -1.661  1.00 41.10  ? 19  TRP B CA  1 
ATOM   402 C C   . TRP B 1 20 ? -6.526  -2.379  -3.126  1.00 43.08  ? 19  TRP B C   1 
ATOM   403 O O   . TRP B 1 20 ? -7.289  -3.087  -3.876  1.00 46.00  ? 19  TRP B O   1 
ATOM   404 C CB  . TRP B 1 20 ? -7.263  -1.345  -0.904  1.00 48.34  ? 19  TRP B CB  1 
ATOM   405 C CG  . TRP B 1 20 ? -8.684  -1.376  -1.362  1.00 57.06  ? 19  TRP B CG  1 
ATOM   406 C CD1 . TRP B 1 20 ? -9.271  -0.455  -2.211  1.00 63.31  ? 19  TRP B CD1 1 
ATOM   407 C CD2 . TRP B 1 20 ? -9.741  -2.274  -0.980  1.00 63.19  ? 19  TRP B CD2 1 
ATOM   408 N NE1 . TRP B 1 20 ? -10.549 -0.790  -2.455  1.00 64.17  ? 19  TRP B NE1 1 
ATOM   409 C CE2 . TRP B 1 20 ? -10.869 -1.916  -1.750  1.00 66.68  ? 19  TRP B CE2 1 
ATOM   410 C CE3 . TRP B 1 20 ? -9.786  -3.475  -0.263  1.00 73.25  ? 19  TRP B CE3 1 
ATOM   411 C CZ2 . TRP B 1 20 ? -12.055 -2.643  -1.728  1.00 75.88  ? 19  TRP B CZ2 1 
ATOM   412 C CZ3 . TRP B 1 20 ? -10.977 -4.248  -0.296  1.00 76.06  ? 19  TRP B CZ3 1 
ATOM   413 C CH2 . TRP B 1 20 ? -12.119 -3.771  -0.941  1.00 77.61  ? 19  TRP B CH2 1 
ATOM   414 N N   . SER B 1 21 ? -5.790  -1.422  -3.625  1.00 40.06  ? 20  SER B N   1 
ATOM   415 C CA  . SER B 1 21 ? -5.796  -1.241  -5.106  1.00 40.06  ? 20  SER B CA  1 
ATOM   416 C C   . SER B 1 21 ? -5.239  -2.447  -5.824  1.00 37.34  ? 20  SER B C   1 
ATOM   417 O O   . SER B 1 21 ? -5.701  -2.745  -6.938  1.00 43.10  ? 20  SER B O   1 
ATOM   418 C CB  . SER B 1 21 ? -4.828  -0.121  -5.408  1.00 46.54  ? 20  SER B CB  1 
ATOM   419 O OG  . SER B 1 21 ? -5.313  1.187   -4.966  1.00 50.52  ? 20  SER B OG  1 
ATOM   420 N N   . LEU B 1 22 ? -4.311  -3.150  -5.229  1.00 39.43  ? 21  LEU B N   1 
ATOM   421 C CA  . LEU B 1 22 ? -3.832  -4.428  -5.947  1.00 44.63  ? 21  LEU B CA  1 
ATOM   422 C C   . LEU B 1 22 ? -4.840  -5.527  -5.913  1.00 48.20  ? 21  LEU B C   1 
ATOM   423 O O   . LEU B 1 22 ? -5.042  -6.179  -6.925  1.00 46.13  ? 21  LEU B O   1 
ATOM   424 C CB  . LEU B 1 22 ? -2.574  -4.885  -5.192  1.00 45.36  ? 21  LEU B CB  1 
ATOM   425 C CG  . LEU B 1 22 ? -1.399  -3.857  -5.396  1.00 45.02  ? 21  LEU B CG  1 
ATOM   426 C CD1 . LEU B 1 22 ? -0.264  -4.391  -4.598  1.00 47.49  ? 21  LEU B CD1 1 
ATOM   427 C CD2 . LEU B 1 22 ? -0.979  -4.020  -6.830  1.00 45.59  ? 21  LEU B CD2 1 
ATOM   428 N N   . LYS B 1 23 ? -5.712  -5.528  -4.867  1.00 46.98  ? 22  LYS B N   1 
ATOM   429 C CA  . LYS B 1 23 ? -6.900  -6.458  -4.947  1.00 42.41  ? 22  LYS B CA  1 
ATOM   430 C C   . LYS B 1 23 ? -7.839  -6.008  -5.951  1.00 44.86  ? 22  LYS B C   1 
ATOM   431 O O   . LYS B 1 23 ? -8.319  -6.780  -6.831  1.00 48.34  ? 22  LYS B O   1 
ATOM   432 C CB  . LYS B 1 23 ? -7.617  -6.511  -3.611  1.00 52.43  ? 22  LYS B CB  1 
ATOM   433 C CG  . LYS B 1 23 ? -6.753  -7.211  -2.586  1.00 65.84  ? 22  LYS B CG  1 
ATOM   434 C CD  . LYS B 1 23 ? -7.102  -7.059  -1.067  1.00 76.17  ? 22  LYS B CD  1 
ATOM   435 C CE  . LYS B 1 23 ? -7.169  -8.481  -0.401  1.00 85.11  ? 22  LYS B CE  1 
ATOM   436 N NZ  . LYS B 1 23 ? -8.551  -8.896  -0.922  1.00 77.77  ? 22  LYS B NZ  1 
ATOM   437 N N   . GLU B 1 24 ? -8.105  -4.704  -5.951  1.00 43.26  ? 23  GLU B N   1 
ATOM   438 C CA  . GLU B 1 24 ? -8.964  -4.281  -7.133  1.00 44.66  ? 23  GLU B CA  1 
ATOM   439 C C   . GLU B 1 24 ? -8.340  -4.598  -8.479  1.00 51.80  ? 23  GLU B C   1 
ATOM   440 O O   . GLU B 1 24 ? -9.000  -5.047  -9.441  1.00 50.99  ? 23  GLU B O   1 
ATOM   441 C CB  . GLU B 1 24 ? -9.142  -2.818  -7.014  1.00 46.94  ? 23  GLU B CB  1 
ATOM   442 C CG  . GLU B 1 24 ? -10.170 -2.472  -5.871  1.00 60.87  ? 23  GLU B CG  1 
ATOM   443 C CD  . GLU B 1 24 ? -10.553 -0.970  -5.734  1.00 83.59  ? 23  GLU B CD  1 
ATOM   444 O OE1 . GLU B 1 24 ? -9.589  -0.110  -5.905  1.00 81.67  ? 23  GLU B OE1 1 
ATOM   445 O OE2 . GLU B 1 24 ? -11.785 -0.654  -5.385  1.00 73.83  ? 23  GLU B OE2 1 
ATOM   446 N N   . LEU B 1 25 ? -7.018  -4.393  -8.603  1.00 46.09  ? 24  LEU B N   1 
ATOM   447 C CA  . LEU B 1 25 ? -6.396  -4.756  -9.989  1.00 47.23  ? 24  LEU B CA  1 
ATOM   448 C C   . LEU B 1 25 ? -6.552  -6.228  -10.299 1.00 47.77  ? 24  LEU B C   1 
ATOM   449 O O   . LEU B 1 25 ? -6.964  -6.661  -11.355 1.00 49.16  ? 24  LEU B O   1 
ATOM   450 C CB  . LEU B 1 25 ? -4.900  -4.357  -9.973  1.00 46.26  ? 24  LEU B CB  1 
ATOM   451 C CG  . LEU B 1 25 ? -4.179  -4.514  -11.233 1.00 49.24  ? 24  LEU B CG  1 
ATOM   452 C CD1 . LEU B 1 25 ? -4.688  -3.684  -12.386 1.00 53.87  ? 24  LEU B CD1 1 
ATOM   453 C CD2 . LEU B 1 25 ? -2.733  -4.099  -10.865 1.00 51.11  ? 24  LEU B CD2 1 
ATOM   454 N N   . ALA B 1 26 ? -6.194  -7.027  -9.311  1.00 47.07  ? 25  ALA B N   1 
ATOM   455 C CA  . ALA B 1 26 ? -6.385  -8.523  -9.489  1.00 51.71  ? 25  ALA B CA  1 
ATOM   456 C C   . ALA B 1 26 ? -7.787  -8.904  -9.869  1.00 57.02  ? 25  ALA B C   1 
ATOM   457 O O   . ALA B 1 26 ? -8.025  -9.719  -10.776 1.00 60.78  ? 25  ALA B O   1 
ATOM   458 C CB  . ALA B 1 26 ? -6.032  -9.252  -8.224  1.00 53.28  ? 25  ALA B CB  1 
ATOM   459 N N   . GLN B 1 27 ? -8.757  -8.285  -9.224  1.00 53.63  ? 26  GLN B N   1 
ATOM   460 C CA  A GLN B 1 27 ? -10.202 -8.534  -9.534  0.53 59.31  ? 26  GLN B CA  1 
ATOM   461 C CA  B GLN B 1 27 ? -10.151 -8.652  -9.636  0.47 60.36  ? 26  GLN B CA  1 
ATOM   462 C C   . GLN B 1 27 ? -10.553 -8.085  -10.943 1.00 58.12  ? 26  GLN B C   1 
ATOM   463 O O   . GLN B 1 27 ? -11.184 -8.783  -11.704 1.00 61.17  ? 26  GLN B O   1 
ATOM   464 C CB  A GLN B 1 27 ? -11.078 -7.926  -8.373  0.53 59.12  ? 26  GLN B CB  1 
ATOM   465 C CB  B GLN B 1 27 ? -11.189 -8.417  -8.555  0.47 65.22  ? 26  GLN B CB  1 
ATOM   466 C CG  A GLN B 1 27 ? -10.770 -8.769  -7.050  0.53 59.72  ? 26  GLN B CG  1 
ATOM   467 C CG  B GLN B 1 27 ? -11.056 -9.548  -7.508  0.47 66.70  ? 26  GLN B CG  1 
ATOM   468 C CD  A GLN B 1 27 ? -11.081 -8.141  -5.670  0.53 60.94  ? 26  GLN B CD  1 
ATOM   469 C CD  B GLN B 1 27 ? -11.957 -10.757 -7.750  0.47 68.98  ? 26  GLN B CD  1 
ATOM   470 O OE1 A GLN B 1 27 ? -11.813 -7.180  -5.577  0.53 61.99  ? 26  GLN B OE1 1 
ATOM   471 O OE1 B GLN B 1 27 ? -12.660 -10.845 -8.755  0.47 70.30  ? 26  GLN B OE1 1 
ATOM   472 N NE2 A GLN B 1 27 ? -10.540 -8.760  -4.576  0.53 61.99  ? 26  GLN B NE2 1 
ATOM   473 N NE2 B GLN B 1 27 ? -11.926 -11.715 -6.799  0.47 72.30  ? 26  GLN B NE2 1 
ATOM   474 N N   . SER B 1 28 ? -10.050 -6.934  -11.355 1.00 57.04  ? 27  SER B N   1 
ATOM   475 C CA  A SER B 1 28 ? -10.306 -6.496  -12.731 0.30 56.62  ? 27  SER B CA  1 
ATOM   476 C CA  B SER B 1 28 ? -10.345 -6.526  -12.729 0.70 56.09  ? 27  SER B CA  1 
ATOM   477 C C   . SER B 1 28 ? -9.736  -7.461  -13.747 1.00 57.12  ? 27  SER B C   1 
ATOM   478 O O   . SER B 1 28 ? -10.158 -7.486  -14.864 1.00 61.21  ? 27  SER B O   1 
ATOM   479 C CB  A SER B 1 28 ? -9.689  -5.127  -13.027 0.30 57.74  ? 27  SER B CB  1 
ATOM   480 C CB  B SER B 1 28 ? -9.867  -5.094  -13.032 0.70 57.81  ? 27  SER B CB  1 
ATOM   481 O OG  A SER B 1 28 ? -10.397 -4.069  -12.452 0.30 54.63  ? 27  SER B OG  1 
ATOM   482 O OG  B SER B 1 28 ? -8.396  -5.021  -13.089 0.70 60.91  ? 27  SER B OG  1 
ATOM   483 N N   . LEU B 1 29 ? -8.641  -8.114  -13.433 1.00 56.96  ? 28  LEU B N   1 
ATOM   484 C CA  . LEU B 1 29 ? -8.056  -9.032  -14.449 1.00 60.84  ? 28  LEU B CA  1 
ATOM   485 C C   . LEU B 1 29 ? -8.828  -10.408 -14.514 1.00 73.82  ? 28  LEU B C   1 
ATOM   486 O O   . LEU B 1 29 ? -8.954  -10.901 -15.592 1.00 72.84  ? 28  LEU B O   1 
ATOM   487 C CB  . LEU B 1 29 ? -6.633  -9.304  -14.105 1.00 59.73  ? 28  LEU B CB  1 
ATOM   488 C CG  . LEU B 1 29 ? -5.590  -8.184  -13.928 1.00 62.73  ? 28  LEU B CG  1 
ATOM   489 C CD1 . LEU B 1 29 ? -4.320  -8.714  -13.347 1.00 72.69  ? 28  LEU B CD1 1 
ATOM   490 C CD2 . LEU B 1 29 ? -5.375  -7.713  -15.290 1.00 65.92  ? 28  LEU B CD2 1 
ATOM   491 N N   . LYS B 1 30 ? -9.254  -11.016 -13.356 1.00 80.94  ? 29  LYS B N   1 
ATOM   492 C CA  . LYS B 1 30 ? -10.211 -12.218 -13.281 1.00 89.59  ? 29  LYS B CA  1 
ATOM   493 C C   . LYS B 1 30 ? -11.467 -11.696 -14.050 1.00 91.36  ? 29  LYS B C   1 
ATOM   494 O O   . LYS B 1 30 ? -11.789 -12.240 -15.047 1.00 93.36  ? 29  LYS B O   1 
ATOM   495 C CB  . LYS B 1 30 ? -10.578 -12.743 -11.817 1.00 91.05  ? 29  LYS B CB  1 
ATOM   496 C CG  . LYS B 1 30 ? -9.468  -12.942 -10.744 1.00 88.58  ? 29  LYS B CG  1 
ATOM   497 C CD  . LYS B 1 30 ? -9.751  -14.160 -10.399 0.00 86.24  ? 29  LYS B CD  1 
ATOM   498 C CE  . LYS B 1 30 ? -8.633  -15.138 -10.059 0.00 85.05  ? 29  LYS B CE  1 
ATOM   499 N NZ  . LYS B 1 30 ? -7.909  -14.773 -8.811  0.00 82.95  ? 29  LYS B NZ  1 
ATOM   500 N N   . GLY B 1 31 ? -12.012 -10.537 -13.661 1.00 99.35  ? 30  GLY B N   1 
ATOM   501 C CA  . GLY B 1 31 ? -13.230 -9.901  -14.230 1.00 104.41 ? 30  GLY B CA  1 
ATOM   502 C C   . GLY B 1 31 ? -13.704 -10.317 -15.605 1.00 109.45 ? 30  GLY B C   1 
ATOM   503 O O   . GLY B 1 31 ? -12.917 -10.304 -16.545 1.00 115.64 ? 30  GLY B O   1 
ATOM   504 N N   . GLY C 1 2  ? 5.960   4.182   22.867  1.00 126.82 ? 1   GLY C N   1 
ATOM   505 C CA  . GLY C 1 2  ? 4.638   4.876   22.769  1.00 118.85 ? 1   GLY C CA  1 
ATOM   506 C C   . GLY C 1 2  ? 4.313   5.014   21.295  1.00 113.86 ? 1   GLY C C   1 
ATOM   507 O O   . GLY C 1 2  ? 4.162   4.002   20.622  1.00 116.07 ? 1   GLY C O   1 
ATOM   508 N N   . GLU C 1 3  ? 4.243   6.251   20.786  1.00 108.99 ? 2   GLU C N   1 
ATOM   509 C CA  . GLU C 1 3  ? 4.074   6.536   19.348  1.00 102.77 ? 2   GLU C CA  1 
ATOM   510 C C   . GLU C 1 3  ? 4.917   5.534   18.491  1.00 102.63 ? 2   GLU C C   1 
ATOM   511 O O   . GLU C 1 3  ? 4.418   4.924   17.561  1.00 90.29  ? 2   GLU C O   1 
ATOM   512 C CB  . GLU C 1 3  ? 4.434   8.015   18.985  1.00 105.10 ? 2   GLU C CB  1 
ATOM   513 C CG  . GLU C 1 3  ? 3.382   9.088   19.285  1.00 110.91 ? 2   GLU C CG  1 
ATOM   514 C CD  . GLU C 1 3  ? 3.550   9.905   20.793  0.00 122.86 ? 2   GLU C CD  1 
ATOM   515 O OE1 . GLU C 1 3  ? 2.862   10.148  19.779  0.00 119.74 ? 2   GLU C OE1 1 
ATOM   516 O OE2 . GLU C 1 3  ? 3.733   10.737  21.707  0.00 127.95 ? 2   GLU C OE2 1 
ATOM   517 N N   . LEU C 1 4  ? 6.174   5.279   18.804  1.00 102.62 ? 3   LEU C N   1 
ATOM   518 C CA  . LEU C 1 4  ? 6.987   4.608   17.793  1.00 101.19 ? 3   LEU C CA  1 
ATOM   519 C C   . LEU C 1 4  ? 6.632   3.168   17.619  1.00 100.06 ? 3   LEU C C   1 
ATOM   520 O O   . LEU C 1 4  ? 6.416   2.766   16.480  1.00 95.63  ? 3   LEU C O   1 
ATOM   521 C CB  . LEU C 1 4  ? 8.478   4.712   18.061  1.00 110.90 ? 3   LEU C CB  1 
ATOM   522 C CG  . LEU C 1 4  ? 9.347   4.295   16.856  1.00 107.77 ? 3   LEU C CG  1 
ATOM   523 C CD1 . LEU C 1 4  ? 10.447  5.307   16.664  1.00 108.46 ? 3   LEU C CD1 1 
ATOM   524 C CD2 . LEU C 1 4  ? 9.916   2.907   17.081  1.00 110.62 ? 3   LEU C CD2 1 
ATOM   525 N N   . ALA C 1 5  ? 6.628   2.385   18.710  1.00 98.90  ? 4   ALA C N   1 
ATOM   526 C CA  . ALA C 1 5  ? 6.365   0.944   18.597  1.00 95.24  ? 4   ALA C CA  1 
ATOM   527 C C   . ALA C 1 5  ? 4.997   0.624   18.038  1.00 85.26  ? 4   ALA C C   1 
ATOM   528 O O   . ALA C 1 5  ? 4.793   -0.473  17.499  1.00 83.63  ? 4   ALA C O   1 
ATOM   529 C CB  . ALA C 1 5  ? 6.495   0.263   19.922  1.00 99.15  ? 4   ALA C CB  1 
ATOM   530 N N   . GLN C 1 6  ? 4.075   1.552   18.242  1.00 85.74  ? 5   GLN C N   1 
ATOM   531 C CA  . GLN C 1 6  ? 2.704   1.516   17.690  1.00 96.08  ? 5   GLN C CA  1 
ATOM   532 C C   . GLN C 1 6  ? 2.809   1.606   16.143  1.00 84.79  ? 5   GLN C C   1 
ATOM   533 O O   . GLN C 1 6  ? 2.333   0.721   15.427  1.00 80.62  ? 5   GLN C O   1 
ATOM   534 C CB  . GLN C 1 6  ? 1.841   2.723   18.217  1.00 103.20 ? 5   GLN C CB  1 
ATOM   535 C CG  . GLN C 1 6  ? 0.542   2.407   18.985  1.00 108.53 ? 5   GLN C CG  1 
ATOM   536 C CD  . GLN C 1 6  ? -0.604  1.989   18.082  1.00 121.98 ? 5   GLN C CD  1 
ATOM   537 O OE1 . GLN C 1 6  ? -0.966  2.688   17.104  1.00 124.58 ? 5   GLN C OE1 1 
ATOM   538 N NE2 . GLN C 1 6  ? -1.195  0.841   18.399  1.00 122.52 ? 5   GLN C NE2 1 
ATOM   539 N N   . SER C 1 7  ? 3.525   2.643   15.684  1.00 85.11  ? 6   SER C N   1 
ATOM   540 C CA  . SER C 1 7  ? 3.902   2.848   14.249  1.00 73.34  ? 6   SER C CA  1 
ATOM   541 C C   . SER C 1 7  ? 4.398   1.604   13.581  1.00 68.30  ? 6   SER C C   1 
ATOM   542 O O   . SER C 1 7  ? 3.933   1.229   12.503  1.00 74.57  ? 6   SER C O   1 
ATOM   543 C CB  . SER C 1 7  ? 4.861   3.976   14.131  1.00 83.26  ? 6   SER C CB  1 
ATOM   544 O OG  . SER C 1 7  ? 4.027   5.087   13.883  1.00 92.71  ? 6   SER C OG  1 
ATOM   545 N N   . LEU C 1 8  ? 5.198   0.854   14.313  1.00 71.60  ? 7   LEU C N   1 
ATOM   546 C CA  A LEU C 1 8  ? 5.804   -0.336  13.792  0.55 70.37  ? 7   LEU C CA  1 
ATOM   547 C CA  B LEU C 1 8  ? 5.814   -0.363  13.837  0.45 71.51  ? 7   LEU C CA  1 
ATOM   548 C C   . LEU C 1 8  ? 4.814   -1.468  13.820  1.00 68.70  ? 7   LEU C C   1 
ATOM   549 O O   . LEU C 1 8  ? 4.811   -2.280  12.917  1.00 73.02  ? 7   LEU C O   1 
ATOM   550 C CB  A LEU C 1 8  ? 7.089   -0.663  14.584  0.55 73.69  ? 7   LEU C CB  1 
ATOM   551 C CB  B LEU C 1 8  ? 6.972   -0.778  14.761  0.45 75.49  ? 7   LEU C CB  1 
ATOM   552 C CG  A LEU C 1 8  ? 8.316   0.262   14.334  0.55 76.74  ? 7   LEU C CG  1 
ATOM   553 C CG  B LEU C 1 8  ? 8.378   -0.260  14.452  0.45 79.90  ? 7   LEU C CG  1 
ATOM   554 C CD1 A LEU C 1 8  ? 9.516   0.033   15.296  0.55 75.60  ? 7   LEU C CD1 1 
ATOM   555 C CD1 B LEU C 1 8  ? 8.920   -0.971  13.218  0.45 77.68  ? 7   LEU C CD1 1 
ATOM   556 C CD2 A LEU C 1 8  ? 8.767   0.172   12.864  0.55 73.57  ? 7   LEU C CD2 1 
ATOM   557 C CD2 B LEU C 1 8  ? 8.395   1.259   14.292  0.45 81.16  ? 7   LEU C CD2 1 
ATOM   558 N N   . LYS C 1 9  ? 3.943   -1.574  14.825  1.00 76.76  ? 8   LYS C N   1 
ATOM   559 C CA  . LYS C 1 9  ? 2.936   -2.666  14.716  1.00 66.81  ? 8   LYS C CA  1 
ATOM   560 C C   . LYS C 1 9  ? 1.995   -2.374  13.518  1.00 61.49  ? 8   LYS C C   1 
ATOM   561 O O   . LYS C 1 9  ? 1.642   -3.263  12.681  1.00 69.38  ? 8   LYS C O   1 
ATOM   562 C CB  . LYS C 1 9  ? 2.255   -2.987  16.081  1.00 77.42  ? 8   LYS C CB  1 
ATOM   563 C CG  . LYS C 1 9  ? 2.841   -4.841  15.850  0.00 79.55  ? 8   LYS C CG  1 
ATOM   564 C CD  . LYS C 1 9  ? 4.333   -5.172  15.911  0.00 79.87  ? 8   LYS C CD  1 
ATOM   565 C CE  . LYS C 1 9  ? 4.631   -6.548  15.318  0.00 78.18  ? 8   LYS C CE  1 
ATOM   566 N NZ  . LYS C 1 9  ? 5.966   -6.590  14.648  0.00 77.25  ? 8   LYS C NZ  1 
ATOM   567 N N   . GLU C 1 10 ? 1.576   -1.130  13.353  1.00 60.61  ? 9   GLU C N   1 
ATOM   568 C CA  . GLU C 1 10 ? 0.754   -0.746  12.134  1.00 72.46  ? 9   GLU C CA  1 
ATOM   569 C C   . GLU C 1 10 ? 1.417   -1.062  10.726  1.00 62.68  ? 9   GLU C C   1 
ATOM   570 O O   . GLU C 1 10 ? 0.802   -1.584  9.793   1.00 63.79  ? 9   GLU C O   1 
ATOM   571 C CB  . GLU C 1 10 ? 0.451   0.732   12.216  1.00 76.69  ? 9   GLU C CB  1 
ATOM   572 C CG  . GLU C 1 10 ? -0.571  1.012   13.266  1.00 90.94  ? 9   GLU C CG  1 
ATOM   573 C CD  . GLU C 1 10 ? -1.925  0.266   13.013  1.00 98.72  ? 9   GLU C CD  1 
ATOM   574 O OE1 . GLU C 1 10 ? -2.368  -0.563  13.874  1.00 109.94 ? 9   GLU C OE1 1 
ATOM   575 O OE2 . GLU C 1 10 ? -2.529  0.486   11.940  1.00 100.97 ? 9   GLU C OE2 1 
ATOM   576 N N   . LEU C 1 11 ? 2.717   -0.901  10.696  1.00 66.07  ? 10  LEU C N   1 
ATOM   577 C CA  . LEU C 1 11 ? 3.536   -1.093  9.420   1.00 59.95  ? 10  LEU C CA  1 
ATOM   578 C C   . LEU C 1 11 ? 3.584   -2.550  9.142   1.00 56.04  ? 10  LEU C C   1 
ATOM   579 O O   . LEU C 1 11 ? 3.207   -3.018  8.059   1.00 53.38  ? 10  LEU C O   1 
ATOM   580 C CB  . LEU C 1 11 ? 4.935   -0.528  9.611   1.00 64.79  ? 10  LEU C CB  1 
ATOM   581 C CG  . LEU C 1 11 ? 5.900   -0.602  8.386   1.00 63.66  ? 10  LEU C CG  1 
ATOM   582 C CD1 . LEU C 1 11 ? 5.226   0.071   7.252   1.00 54.53  ? 10  LEU C CD1 1 
ATOM   583 C CD2 . LEU C 1 11 ? 7.324   -0.069  8.670   1.00 67.64  ? 10  LEU C CD2 1 
ATOM   584 N N   . ALA C 1 12 ? 3.716   -3.307  10.243  1.00 56.93  ? 11  ALA C N   1 
ATOM   585 C CA  . ALA C 1 12 ? 3.821   -4.689  10.135  1.00 52.90  ? 11  ALA C CA  1 
ATOM   586 C C   . ALA C 1 12 ? 2.487   -5.294  9.631   1.00 58.59  ? 11  ALA C C   1 
ATOM   587 O O   . ALA C 1 12 ? 2.466   -6.161  8.764   1.00 62.62  ? 11  ALA C O   1 
ATOM   588 C CB  . ALA C 1 12 ? 4.210   -5.200  11.588  1.00 54.79  ? 11  ALA C CB  1 
ATOM   589 N N   . LYS C 1 13 ? 1.349   -4.801  10.114  1.00 58.44  ? 12  LYS C N   1 
ATOM   590 C CA  . LYS C 1 13 ? 0.080   -5.270  9.517   1.00 60.79  ? 12  LYS C CA  1 
ATOM   591 C C   . LYS C 1 13 ? -0.100  -4.866  8.041   1.00 53.56  ? 12  LYS C C   1 
ATOM   592 O O   . LYS C 1 13 ? -0.603  -5.676  7.198   1.00 54.88  ? 12  LYS C O   1 
ATOM   593 C CB  . LYS C 1 13 ? -1.136  -4.645  10.296  1.00 62.76  ? 12  LYS C CB  1 
ATOM   594 C CG  . LYS C 1 13 ? -1.224  -5.079  11.813  1.00 71.27  ? 12  LYS C CG  1 
ATOM   595 C CD  . LYS C 1 13 ? -2.400  -4.372  12.503  1.00 70.12  ? 12  LYS C CD  1 
ATOM   596 C CE  . LYS C 1 13 ? -2.497  -4.771  13.985  1.00 75.97  ? 12  LYS C CE  1 
ATOM   597 N NZ  . LYS C 1 13 ? -3.700  -4.027  14.450  1.00 77.75  ? 12  LYS C NZ  1 
ATOM   598 N N   . SER C 1 14 ? 0.193   -3.599  7.745   1.00 54.05  ? 13  SER C N   1 
ATOM   599 C CA  A SER C 1 14 ? 0.090   -3.141  6.284   0.50 55.49  ? 13  SER C CA  1 
ATOM   600 C CA  B SER C 1 14 ? 0.126   -3.093  6.289   0.50 54.96  ? 13  SER C CA  1 
ATOM   601 C C   . SER C 1 14 ? 0.932   -4.020  5.341   1.00 51.31  ? 13  SER C C   1 
ATOM   602 O O   . SER C 1 14 ? 0.445   -4.476  4.204   1.00 52.90  ? 13  SER C O   1 
ATOM   603 C CB  A SER C 1 14 ? 0.488   -1.734  6.163   0.50 56.07  ? 13  SER C CB  1 
ATOM   604 C CB  B SER C 1 14 ? 0.626   -1.684  6.196   0.50 55.64  ? 13  SER C CB  1 
ATOM   605 O OG  A SER C 1 14 ? -0.427  -0.975  6.899   0.50 56.51  ? 13  SER C OG  1 
ATOM   606 O OG  B SER C 1 14 ? 1.984   -1.546  6.590   0.50 54.77  ? 13  SER C OG  1 
ATOM   607 N N   . LEU C 1 15 ? 2.068   -4.444  5.849   1.00 49.92  ? 14  LEU C N   1 
ATOM   608 C CA  . LEU C 1 15 ? 3.001   -5.374  5.053   1.00 50.95  ? 14  LEU C CA  1 
ATOM   609 C C   . LEU C 1 15 ? 2.409   -6.678  4.831   1.00 49.33  ? 14  LEU C C   1 
ATOM   610 O O   . LEU C 1 15 ? 2.365   -7.249  3.710   1.00 53.27  ? 14  LEU C O   1 
ATOM   611 C CB  . LEU C 1 15 ? 4.355   -5.459  5.825   1.00 57.28  ? 14  LEU C CB  1 
ATOM   612 C CG  . LEU C 1 15 ? 5.103   -4.039  5.689   1.00 57.48  ? 14  LEU C CG  1 
ATOM   613 C CD1 . LEU C 1 15 ? 6.336   -4.016  6.628   1.00 65.71  ? 14  LEU C CD1 1 
ATOM   614 C CD2 . LEU C 1 15 ? 5.625   -3.845  4.338   1.00 57.58  ? 14  LEU C CD2 1 
ATOM   615 N N   . LYS C 1 16 ? 1.701   -7.208  5.842   1.00 50.30  ? 15  LYS C N   1 
ATOM   616 C CA  . LYS C 1 16 ? 0.994   -8.435  5.452   1.00 47.46  ? 15  LYS C CA  1 
ATOM   617 C C   . LYS C 1 16 ? -0.152  -8.324  4.502   1.00 43.65  ? 15  LYS C C   1 
ATOM   618 O O   . LYS C 1 16 ? -0.445  -9.139  3.635   1.00 51.54  ? 15  LYS C O   1 
ATOM   619 C CB  . LYS C 1 16 ? 0.459   -9.045  6.727   1.00 54.74  ? 15  LYS C CB  1 
ATOM   620 C CG  . LYS C 1 16 ? 1.482   -9.940  7.388   1.00 60.21  ? 15  LYS C CG  1 
ATOM   621 C CD  . LYS C 1 16 ? 1.017   -10.482 8.753   1.00 73.44  ? 15  LYS C CD  1 
ATOM   622 C CE  . LYS C 1 16 ? 1.925   -9.826  9.843   1.00 88.55  ? 15  LYS C CE  1 
ATOM   623 N NZ  . LYS C 1 16 ? 1.712   -9.881  11.353  1.00 91.70  ? 15  LYS C NZ  1 
ATOM   624 N N   . GLU C 1 17 ? -0.895  -7.274  4.681   1.00 44.57  ? 16  GLU C N   1 
ATOM   625 C CA  . GLU C 1 17 ? -1.997  -6.975  3.678   1.00 52.58  ? 16  GLU C CA  1 
ATOM   626 C C   . GLU C 1 17 ? -1.436  -6.871  2.226   1.00 45.18  ? 16  GLU C C   1 
ATOM   627 O O   . GLU C 1 17 ? -1.939  -7.465  1.228   1.00 45.15  ? 16  GLU C O   1 
ATOM   628 C CB  . GLU C 1 17 ? -2.664  -5.600  4.126   1.00 47.84  ? 16  GLU C CB  1 
ATOM   629 C CG  . GLU C 1 17 ? -3.561  -5.888  5.322   1.00 62.88  ? 16  GLU C CG  1 
ATOM   630 C CD  . GLU C 1 17 ? -4.811  -5.084  5.403   1.00 68.78  ? 16  GLU C CD  1 
ATOM   631 O OE1 . GLU C 1 17 ? -4.677  -4.043  6.078   1.00 72.50  ? 16  GLU C OE1 1 
ATOM   632 O OE2 . GLU C 1 17 ? -5.820  -5.486  4.757   1.00 81.86  ? 16  GLU C OE2 1 
ATOM   633 N N   . LEU C 1 18 ? -0.304  -6.219  2.194   1.00 45.73  ? 17  LEU C N   1 
ATOM   634 C CA  . LEU C 1 18 ? 0.393   -6.051  0.797   1.00 46.37  ? 17  LEU C CA  1 
ATOM   635 C C   . LEU C 1 18 ? 0.816   -7.336  0.322   1.00 41.30  ? 17  LEU C C   1 
ATOM   636 O O   . LEU C 1 18 ? 0.389   -7.810  -0.769  1.00 45.86  ? 17  LEU C O   1 
ATOM   637 C CB  . LEU C 1 18 ? 1.533   -5.076  1.060   1.00 51.72  ? 17  LEU C CB  1 
ATOM   638 C CG  . LEU C 1 18 ? 2.308   -4.899  -0.318  1.00 52.38  ? 17  LEU C CG  1 
ATOM   639 C CD1 . LEU C 1 18 ? 1.483   -4.229  -1.402  1.00 51.85  ? 17  LEU C CD1 1 
ATOM   640 C CD2 . LEU C 1 18 ? 3.392   -3.964  0.074   1.00 50.44  ? 17  LEU C CD2 1 
ATOM   641 N N   . ALA C 1 19 ? 1.362   -8.152  1.269   1.00 48.33  ? 18  ALA C N   1 
ATOM   642 C CA  . ALA C 1 19 ? 1.744   -9.519  0.813   1.00 51.20  ? 18  ALA C CA  1 
ATOM   643 C C   . ALA C 1 19 ? 0.564   -10.368 0.427   1.00 50.82  ? 18  ALA C C   1 
ATOM   644 O O   . ALA C 1 19 ? 0.564   -11.061 -0.602  1.00 48.51  ? 18  ALA C O   1 
ATOM   645 C CB  . ALA C 1 19 ? 2.548   -10.301 1.909   1.00 53.42  ? 18  ALA C CB  1 
ATOM   646 N N   . TRP C 1 20 ? -0.575  -10.233 1.104   1.00 52.52  ? 19  TRP C N   1 
ATOM   647 C CA  . TRP C 1 20 ? -1.694  -11.059 0.569   1.00 51.27  ? 19  TRP C CA  1 
ATOM   648 C C   . TRP C 1 20 ? -2.249  -10.488 -0.691  1.00 48.33  ? 19  TRP C C   1 
ATOM   649 O O   . TRP C 1 20 ? -2.765  -11.209 -1.513  1.00 46.33  ? 19  TRP C O   1 
ATOM   650 C CB  . TRP C 1 20 ? -2.987  -11.138 1.532   1.00 58.81  ? 19  TRP C CB  1 
ATOM   651 C CG  . TRP C 1 20 ? -2.542  -11.435 2.974   1.00 60.19  ? 19  TRP C CG  1 
ATOM   652 C CD1 . TRP C 1 20 ? -1.532  -12.215 3.270   1.00 61.55  ? 19  TRP C CD1 1 
ATOM   653 C CD2 . TRP C 1 20 ? -3.071  -10.991 4.236   1.00 58.86  ? 19  TRP C CD2 1 
ATOM   654 N NE1 . TRP C 1 20 ? -1.365  -12.290 4.543   1.00 56.82  ? 19  TRP C NE1 1 
ATOM   655 C CE2 . TRP C 1 20 ? -2.266  -11.542 5.202   1.00 60.92  ? 19  TRP C CE2 1 
ATOM   656 C CE3 . TRP C 1 20 ? -4.203  -10.286 4.643   1.00 58.24  ? 19  TRP C CE3 1 
ATOM   657 C CZ2 . TRP C 1 20 ? -2.490  -11.403 6.553   1.00 61.10  ? 19  TRP C CZ2 1 
ATOM   658 C CZ3 . TRP C 1 20 ? -4.327  -9.997  5.979   1.00 59.73  ? 19  TRP C CZ3 1 
ATOM   659 C CH2 . TRP C 1 20 ? -3.484  -10.593 6.930   1.00 66.47  ? 19  TRP C CH2 1 
ATOM   660 N N   . SER C 1 21 ? -2.328  -9.182  -0.822  1.00 48.12  ? 20  SER C N   1 
ATOM   661 C CA  A SER C 1 21 ? -2.772  -8.656  -2.121  0.48 48.30  ? 20  SER C CA  1 
ATOM   662 C CA  B SER C 1 21 ? -2.799  -8.720  -2.134  0.52 48.93  ? 20  SER C CA  1 
ATOM   663 C C   . SER C 1 21 ? -1.870  -9.164  -3.289  1.00 46.05  ? 20  SER C C   1 
ATOM   664 O O   . SER C 1 21 ? -2.378  -9.461  -4.394  1.00 45.94  ? 20  SER C O   1 
ATOM   665 C CB  A SER C 1 21 ? -2.859  -7.113  -2.111  0.48 49.16  ? 20  SER C CB  1 
ATOM   666 C CB  B SER C 1 21 ? -2.882  -7.228  -2.174  0.52 50.63  ? 20  SER C CB  1 
ATOM   667 O OG  A SER C 1 21 ? -1.624  -6.368  -2.064  0.48 41.34  ? 20  SER C OG  1 
ATOM   668 O OG  B SER C 1 21 ? -3.796  -6.791  -1.205  0.52 45.30  ? 20  SER C OG  1 
ATOM   669 N N   . LEU C 1 22 ? -0.597  -9.178  -3.034  1.00 48.62  ? 21  LEU C N   1 
ATOM   670 C CA  . LEU C 1 22 ? 0.417   -9.589  -4.150  1.00 52.38  ? 21  LEU C CA  1 
ATOM   671 C C   . LEU C 1 22 ? 0.139   -10.980 -4.514  1.00 52.98  ? 21  LEU C C   1 
ATOM   672 O O   . LEU C 1 22 ? 0.160   -11.405 -5.676  1.00 51.49  ? 21  LEU C O   1 
ATOM   673 C CB  . LEU C 1 22 ? 1.847   -9.478  -3.602  1.00 52.27  ? 21  LEU C CB  1 
ATOM   674 C CG  . LEU C 1 22 ? 2.199   -7.961  -3.685  1.00 53.10  ? 21  LEU C CG  1 
ATOM   675 C CD1 . LEU C 1 22 ? 3.382   -7.546  -2.790  1.00 53.35  ? 21  LEU C CD1 1 
ATOM   676 C CD2 . LEU C 1 22 ? 2.340   -7.417  -5.070  1.00 53.46  ? 21  LEU C CD2 1 
ATOM   677 N N   . LYS C 1 23 ? -0.280  -11.750 -3.497  1.00 55.70  ? 22  LYS C N   1 
ATOM   678 C CA  . LYS C 1 23 ? -0.511  -13.216 -3.773  1.00 55.01  ? 22  LYS C CA  1 
ATOM   679 C C   . LYS C 1 23 ? -1.754  -13.288 -4.621  1.00 56.28  ? 22  LYS C C   1 
ATOM   680 O O   . LYS C 1 23 ? -1.908  -14.020 -5.535  1.00 61.23  ? 22  LYS C O   1 
ATOM   681 C CB  . LYS C 1 23 ? -0.723  -14.090 -2.440  1.00 60.91  ? 22  LYS C CB  1 
ATOM   682 C CG  . LYS C 1 23 ? 0.544   -14.360 -1.476  1.00 75.74  ? 22  LYS C CG  1 
ATOM   683 C CD  . LYS C 1 23 ? 0.396   -15.469 -0.308  1.00 76.95  ? 22  LYS C CD  1 
ATOM   684 C CE  . LYS C 1 23 ? 1.428   -14.798 0.549   0.00 68.44  ? 22  LYS C CE  1 
ATOM   685 N NZ  . LYS C 1 23 ? 2.779   -14.707 -0.067  0.00 67.17  ? 22  LYS C NZ  1 
ATOM   686 N N   . GLU C 1 24 ? -2.749  -12.498 -4.334  1.00 58.20  ? 23  GLU C N   1 
ATOM   687 C CA  . GLU C 1 24 ? -3.933  -12.549 -5.211  1.00 55.19  ? 23  GLU C CA  1 
ATOM   688 C C   . GLU C 1 24 ? -3.649  -12.035 -6.567  1.00 53.22  ? 23  GLU C C   1 
ATOM   689 O O   . GLU C 1 24 ? -4.199  -12.515 -7.558  1.00 57.97  ? 23  GLU C O   1 
ATOM   690 C CB  . GLU C 1 24 ? -5.054  -11.697 -4.502  1.00 57.73  ? 23  GLU C CB  1 
ATOM   691 C CG  . GLU C 1 24 ? -6.375  -11.731 -5.245  1.00 73.06  ? 23  GLU C CG  1 
ATOM   692 C CD  . GLU C 1 24 ? -7.577  -10.980 -4.537  1.00 74.39  ? 23  GLU C CD  1 
ATOM   693 O OE1 . GLU C 1 24 ? -7.355  -10.778 -3.306  1.00 68.39  ? 23  GLU C OE1 1 
ATOM   694 O OE2 . GLU C 1 24 ? -8.595  -10.499 -5.215  1.00 74.67  ? 23  GLU C OE2 1 
ATOM   695 N N   . LEU C 1 25 ? -2.900  -10.938 -6.634  1.00 49.91  ? 24  LEU C N   1 
ATOM   696 C CA  . LEU C 1 25 ? -2.535  -10.444 -8.056  1.00 54.07  ? 24  LEU C CA  1 
ATOM   697 C C   . LEU C 1 25 ? -1.717  -11.536 -8.809  1.00 51.76  ? 24  LEU C C   1 
ATOM   698 O O   . LEU C 1 25 ? -2.007  -11.841 -9.958  1.00 53.41  ? 24  LEU C O   1 
ATOM   699 C CB  . LEU C 1 25 ? -1.649  -9.190  -7.916  1.00 50.32  ? 24  LEU C CB  1 
ATOM   700 C CG  . LEU C 1 25 ? -1.218  -8.521  -9.268  1.00 53.18  ? 24  LEU C CG  1 
ATOM   701 C CD1 . LEU C 1 25 ? -2.392  -8.131  -10.157 1.00 52.14  ? 24  LEU C CD1 1 
ATOM   702 C CD2 . LEU C 1 25 ? -0.347  -7.350  -8.848  1.00 54.33  ? 24  LEU C CD2 1 
ATOM   703 N N   . ALA C 1 26 ? -0.785  -12.170 -8.089  1.00 49.26  ? 25  ALA C N   1 
ATOM   704 C CA  . ALA C 1 26 ? 0.041   -13.266 -8.784  1.00 58.23  ? 25  ALA C CA  1 
ATOM   705 C C   . ALA C 1 26 ? -0.851  -14.334 -9.320  1.00 61.83  ? 25  ALA C C   1 
ATOM   706 O O   . ALA C 1 26 ? -0.852  -14.655 -10.458 1.00 66.41  ? 25  ALA C O   1 
ATOM   707 C CB  . ALA C 1 26 ? 1.106   -13.883 -7.871  1.00 59.94  ? 25  ALA C CB  1 
ATOM   708 N N   . GLN C 1 27 ? -1.835  -14.722 -8.538  1.00 67.92  ? 26  GLN C N   1 
ATOM   709 C CA  . GLN C 1 27 ? -2.792  -15.751 -8.984  1.00 69.22  ? 26  GLN C CA  1 
ATOM   710 C C   . GLN C 1 27 ? -3.719  -15.289 -10.083 1.00 66.45  ? 26  GLN C C   1 
ATOM   711 O O   . GLN C 1 27 ? -4.130  -16.027 -10.984 1.00 68.67  ? 26  GLN C O   1 
ATOM   712 C CB  . GLN C 1 27 ? -3.553  -16.176 -7.749  1.00 74.80  ? 26  GLN C CB  1 
ATOM   713 C CG  . GLN C 1 27 ? -4.407  -17.412 -7.865  1.00 92.53  ? 26  GLN C CG  1 
ATOM   714 C CD  . GLN C 1 27 ? -5.343  -17.429 -6.612  1.00 107.14 ? 26  GLN C CD  1 
ATOM   715 O OE1 . GLN C 1 27 ? -6.586  -17.424 -6.729  1.00 123.18 ? 26  GLN C OE1 1 
ATOM   716 N NE2 . GLN C 1 27 ? -4.734  -17.340 -5.400  1.00 105.31 ? 26  GLN C NE2 1 
ATOM   717 N N   . SER C 1 28 ? -4.164  -14.063 -10.005 1.00 60.76  ? 27  SER C N   1 
ATOM   718 C CA  . SER C 1 28 ? -5.028  -13.679 -11.119 1.00 61.60  ? 27  SER C CA  1 
ATOM   719 C C   . SER C 1 28 ? -4.115  -13.578 -12.419 1.00 66.11  ? 27  SER C C   1 
ATOM   720 O O   . SER C 1 28 ? -4.509  -13.694 -13.497 1.00 61.22  ? 27  SER C O   1 
ATOM   721 C CB  . SER C 1 28 ? -5.704  -12.406 -10.719 1.00 71.70  ? 27  SER C CB  1 
ATOM   722 O OG  . SER C 1 28 ? -5.615  -11.553 -11.785 1.00 84.02  ? 27  SER C OG  1 
ATOM   723 N N   . LEU C 1 29 ? -2.855  -13.282 -12.311 1.00 60.90  ? 28  LEU C N   1 
ATOM   724 C CA  . LEU C 1 29 ? -2.071  -13.282 -13.524 1.00 67.90  ? 28  LEU C CA  1 
ATOM   725 C C   . LEU C 1 29 ? -1.765  -14.711 -14.057 1.00 81.74  ? 28  LEU C C   1 
ATOM   726 O O   . LEU C 1 29 ? -1.367  -14.783 -15.175 1.00 79.28  ? 28  LEU C O   1 
ATOM   727 C CB  . LEU C 1 29 ? -0.767  -12.528 -13.303 1.00 59.78  ? 28  LEU C CB  1 
ATOM   728 C CG  . LEU C 1 29 ? -0.789  -10.976 -13.318 1.00 58.47  ? 28  LEU C CG  1 
ATOM   729 C CD1 . LEU C 1 29 ? 0.426   -10.377 -12.543 1.00 60.69  ? 28  LEU C CD1 1 
ATOM   730 C CD2 . LEU C 1 29 ? -1.031  -10.407 -14.736 1.00 58.22  ? 28  LEU C CD2 1 
ATOM   731 N N   . LYS C 1 30 ? -1.878  -15.788 -13.262 1.00 84.32  ? 29  LYS C N   1 
ATOM   732 C CA  . LYS C 1 30 ? -1.893  -17.155 -13.814 1.00 91.06  ? 29  LYS C CA  1 
ATOM   733 C C   . LYS C 1 30 ? -3.310  -17.457 -14.369 1.00 92.42  ? 29  LYS C C   1 
ATOM   734 O O   . LYS C 1 30 ? -4.360  -17.373 -13.725 1.00 96.99  ? 29  LYS C O   1 
ATOM   735 C CB  . LYS C 1 30 ? -1.420  -18.203 -12.789 1.00 98.11  ? 29  LYS C CB  1 
ATOM   736 C CG  . LYS C 1 30 ? 0.071   -18.023 -12.464 1.00 93.47  ? 29  LYS C CG  1 
ATOM   737 C CD  . LYS C 1 30 ? 0.576   -19.335 -11.848 1.00 103.59 ? 29  LYS C CD  1 
ATOM   738 C CE  . LYS C 1 30 ? 0.035   -20.268 -11.934 0.00 84.25  ? 29  LYS C CE  1 
ATOM   739 N NZ  . LYS C 1 30 ? 0.911   -21.428 -11.608 0.00 82.04  ? 29  LYS C NZ  1 
ATOM   740 N N   . GLY C 1 31 ? -3.338  -17.739 -15.639 1.00 88.26  ? 30  GLY C N   1 
ATOM   741 C CA  . GLY C 1 31 ? -4.517  -18.405 -16.489 0.00 90.05  ? 30  GLY C CA  1 
ATOM   742 C C   . GLY C 1 31 ? -5.205  -19.568 -15.803 0.00 89.15  ? 30  GLY C C   1 
ATOM   743 O O   . GLY C 1 31 ? -6.154  -19.378 -15.044 0.00 86.60  ? 30  GLY C O   1 
HETATM 744 C C1  . GOL D 2 .  ? -6.596  -12.688 -18.885 1.00 121.04 ? 101 GOL B C1  1 
HETATM 745 O O1  . GOL D 2 .  ? -6.211  -12.880 -17.516 1.00 110.66 ? 101 GOL B O1  1 
HETATM 746 C C2  . GOL D 2 .  ? -6.326  -11.243 -19.363 1.00 128.62 ? 101 GOL B C2  1 
HETATM 747 O O2  . GOL D 2 .  ? -7.599  -10.587 -19.388 1.00 129.44 ? 101 GOL B O2  1 
HETATM 748 C C3  . GOL D 2 .  ? -5.279  -10.463 -18.510 1.00 119.36 ? 101 GOL B C3  1 
HETATM 749 O O3  . GOL D 2 .  ? -4.939  -9.151  -19.025 1.00 89.76  ? 101 GOL B O3  1 
HETATM 750 O O   . HOH E 3 .  ? -1.497  10.819  -5.442  1.00 71.55  ? 101 HOH A O   1 
HETATM 751 O O   . HOH E 3 .  ? -3.236  8.218   -12.620 1.00 62.67  ? 102 HOH A O   1 
HETATM 752 O O   . HOH E 3 .  ? -5.809  11.054  -11.557 1.00 70.90  ? 103 HOH A O   1 
HETATM 753 O O   . HOH E 3 .  ? 0.888   7.617   -11.054 1.00 53.06  ? 104 HOH A O   1 
HETATM 754 O O   . HOH E 3 .  ? -13.232 1.037   -9.771  1.00 67.64  ? 105 HOH A O   1 
HETATM 755 O O   . HOH E 3 .  ? -6.808  2.410   -2.800  1.00 51.65  ? 106 HOH A O   1 
HETATM 756 O O   . HOH E 3 .  ? -4.100  6.334   -2.810  1.00 53.45  ? 107 HOH A O   1 
HETATM 757 O O   . HOH E 3 .  ? 4.941   10.480  -6.518  1.00 65.48  ? 108 HOH A O   1 
HETATM 758 O O   . HOH E 3 .  ? 13.483  12.038  -0.310  1.00 75.00  ? 109 HOH A O   1 
HETATM 759 O O   . HOH F 3 .  ? -9.113  -9.176  -18.280 1.00 92.09  ? 201 HOH B O   1 
HETATM 760 O O   . HOH F 3 .  ? -5.696  -2.780  2.547   1.00 60.87  ? 202 HOH B O   1 
HETATM 761 O O   . HOH F 3 .  ? -12.137 1.434   -7.583  1.00 69.01  ? 203 HOH B O   1 
HETATM 762 O O   . HOH F 3 .  ? -12.934 1.540   -3.599  1.00 72.37  ? 204 HOH B O   1 
HETATM 763 O O   . HOH F 3 .  ? -8.990  1.234   2.100   1.00 77.05  ? 205 HOH B O   1 
HETATM 764 O O   . HOH G 3 .  ? 1.586   -7.933  13.099  1.00 70.11  ? 101 HOH C O   1 
HETATM 765 O O   . HOH G 3 .  ? -4.845  -7.571  1.132   1.00 52.63  ? 102 HOH C O   1 
HETATM 766 O O   . HOH G 3 .  ? -6.537  -4.694  1.358   1.00 66.81  ? 103 HOH C O   1 
# 
loop_
_atom_site_anisotrop.id 
_atom_site_anisotrop.type_symbol 
_atom_site_anisotrop.pdbx_label_atom_id 
_atom_site_anisotrop.pdbx_label_alt_id 
_atom_site_anisotrop.pdbx_label_comp_id 
_atom_site_anisotrop.pdbx_label_asym_id 
_atom_site_anisotrop.pdbx_label_seq_id 
_atom_site_anisotrop.pdbx_PDB_ins_code 
_atom_site_anisotrop.U[1][1] 
_atom_site_anisotrop.U[2][2] 
_atom_site_anisotrop.U[3][3] 
_atom_site_anisotrop.U[1][2] 
_atom_site_anisotrop.U[1][3] 
_atom_site_anisotrop.U[2][3] 
_atom_site_anisotrop.pdbx_auth_seq_id 
_atom_site_anisotrop.pdbx_auth_comp_id 
_atom_site_anisotrop.pdbx_auth_asym_id 
_atom_site_anisotrop.pdbx_auth_atom_id 
1   C C   . ACE A 1  ? 1.5152 1.4922 1.6632 -0.0793 0.2008  -0.0568 0  ACE A C   
2   O O   . ACE A 1  ? 1.3263 1.3116 1.4615 -0.0826 0.1922  -0.0510 0  ACE A O   
3   C CH3 . ACE A 1  ? 1.3598 1.3306 1.5121 -0.0785 0.1971  -0.0588 0  ACE A CH3 
4   N N   . GLY A 2  ? 1.4324 1.4091 1.5930 -0.0770 0.2099  -0.0644 1  GLY A N   
5   C CA  . GLY A 2  ? 1.2523 1.2230 1.4141 -0.0685 0.2129  -0.0634 1  GLY A CA  
6   C C   . GLY A 2  ? 1.2633 1.2125 1.4205 -0.0635 0.2167  -0.0497 1  GLY A C   
7   O O   . GLY A 2  ? 1.2776 1.2189 1.4301 -0.0569 0.2164  -0.0436 1  GLY A O   
8   N N   . GLU A 3  ? 1.1874 1.1333 1.3455 -0.0673 0.2197  -0.0456 2  GLU A N   
9   C CA  . GLU A 3  ? 1.2118 1.1540 1.3619 -0.0646 0.2224  -0.0343 2  GLU A CA  
10  C C   . GLU A 3  ? 1.0817 1.0304 1.2178 -0.0580 0.2153  -0.0310 2  GLU A C   
11  O O   . GLU A 3  ? 0.9818 0.9275 1.1104 -0.0528 0.2165  -0.0226 2  GLU A O   
12  C CB  . GLU A 3  ? 1.2543 1.2066 1.4096 -0.0705 0.2269  -0.0355 2  GLU A CB  
13  C CG  . GLU A 3  ? 1.2762 1.2395 1.4225 -0.0679 0.2293  -0.0274 2  GLU A CG  
14  C CD  . GLU A 3  ? 1.4895 1.4761 1.6406 -0.0767 0.2359  -0.0281 2  GLU A CD  
15  O OE1 . GLU A 3  ? 1.6447 1.6336 1.8065 -0.0864 0.2395  -0.0325 2  GLU A OE1 
16  O OE2 . GLU A 3  ? 1.4301 1.4390 1.5748 -0.0748 0.2377  -0.0258 2  GLU A OE2 
17  N N   . LEU A 4  ? 0.9226 0.8783 1.0565 -0.0589 0.2050  -0.0369 3  LEU A N   
18  C CA  . LEU A 4  ? 0.9939 0.9492 1.1158 -0.0557 0.1914  -0.0332 3  LEU A CA  
19  C C   . LEU A 4  ? 0.9018 0.8560 1.0145 -0.0554 0.1923  -0.0259 3  LEU A C   
20  O O   . LEU A 4  ? 0.8594 0.8109 0.9631 -0.0497 0.1889  -0.0195 3  LEU A O   
21  C CB  . LEU A 4  ? 0.9194 0.8764 1.0406 -0.0630 0.1754  -0.0376 3  LEU A CB  
22  C CG  . LEU A 4  ? 0.9770 0.9283 1.0857 -0.0653 0.1545  -0.0308 3  LEU A CG  
23  C CD1 . LEU A 4  ? 0.9230 0.8682 1.0307 -0.0516 0.1460  -0.0325 3  LEU A CD1 
24  C CD2 . LEU A 4  ? 1.0308 0.9809 1.1376 -0.0778 0.1349  -0.0308 3  LEU A CD2 
25  N N   . ALA A 5  ? 0.8915 0.8523 1.0089 -0.0599 0.1972  -0.0301 4  ALA A N   
26  C CA  . ALA A 5  ? 0.8699 0.8390 0.9831 -0.0577 0.1984  -0.0297 4  ALA A CA  
27  C C   . ALA A 5  ? 0.8483 0.8032 0.9626 -0.0463 0.2053  -0.0249 4  ALA A C   
28  O O   . ALA A 5  ? 0.8654 0.8238 0.9708 -0.0415 0.2027  -0.0205 4  ALA A O   
29  C CB  . ALA A 5  ? 0.8713 0.8606 0.9939 -0.0629 0.2004  -0.0427 4  ALA A CB  
30  N N   . GLN A 6  ? 0.8250 0.7646 0.9480 -0.0443 0.2119  -0.0229 5  GLN A N   
31  C CA  A GLN A 6  ? 0.8470 0.7712 0.9695 -0.0376 0.2141  -0.0148 5  GLN A CA  
32  C CA  B GLN A 6  ? 0.8680 0.7912 0.9909 -0.0384 0.2148  -0.0139 5  GLN A CA  
33  C C   . GLN A 6  ? 0.8760 0.8033 0.9844 -0.0347 0.2141  -0.0040 5  GLN A C   
34  O O   . GLN A 6  ? 0.9167 0.8403 1.0178 -0.0281 0.2128  0.0021  5  GLN A O   
35  C CB  A GLN A 6  ? 0.8699 0.7756 1.0048 -0.0416 0.2163  -0.0122 5  GLN A CB  
36  C CB  B GLN A 6  ? 0.8974 0.8071 1.0296 -0.0453 0.2189  -0.0093 5  GLN A CB  
37  C CG  A GLN A 6  ? 0.8510 0.7362 0.9963 -0.0349 0.2088  -0.0149 5  GLN A CG  
38  C CG  B GLN A 6  ? 0.9280 0.8126 1.0665 -0.0456 0.2151  -0.0008 5  GLN A CG  
39  C CD  A GLN A 6  ? 0.7804 0.6799 0.9319 -0.0240 0.2033  -0.0331 5  GLN A CD  
40  C CD  B GLN A 6  ? 0.8960 0.7734 1.0385 -0.0606 0.2177  0.0100  5  GLN A CD  
45  N N   . SER A 7  ? 0.8344 0.7713 0.9404 -0.0375 0.2125  -0.0057 6  SER A N   
46  C CA  . SER A 7  ? 0.8912 0.8360 0.9881 -0.0318 0.2093  -0.0020 6  SER A CA  
47  C C   . SER A 7  ? 0.8456 0.7902 0.9325 -0.0270 0.1991  -0.0008 6  SER A C   
48  O O   . SER A 7  ? 0.7633 0.7089 0.8424 -0.0200 0.1982  0.0047  6  SER A O   
49  C CB  . SER A 7  ? 0.8923 0.8504 0.9942 -0.0322 0.2049  -0.0113 6  SER A CB  
50  O OG  . SER A 7  ? 1.1504 1.1166 1.2595 -0.0383 0.2150  -0.0113 6  SER A OG  
51  N N   . LEU A 8  ? 0.8346 0.7807 0.9208 -0.0334 0.1911  -0.0044 7  LEU A N   
52  C CA  . LEU A 8  ? 0.7794 0.7291 0.8547 -0.0354 0.1801  -0.0001 7  LEU A CA  
53  C C   . LEU A 8  ? 0.7346 0.6894 0.8064 -0.0319 0.1866  0.0023  7  LEU A C   
54  O O   . LEU A 8  ? 0.7264 0.6830 0.7884 -0.0289 0.1807  0.0078  7  LEU A O   
55  C CB  . LEU A 8  ? 0.8530 0.8102 0.9262 -0.0497 0.1686  -0.0016 7  LEU A CB  
56  C CG  . LEU A 8  ? 0.8232 0.7718 0.8991 -0.0525 0.1544  -0.0042 7  LEU A CG  
57  C CD1 . LEU A 8  ? 0.9743 0.9276 1.0448 -0.0704 0.1377  -0.0007 7  LEU A CD1 
58  C CD2 . LEU A 8  ? 0.8738 0.8124 0.9467 -0.0423 0.1415  -0.0038 7  LEU A CD2 
59  N N   . LYS A 9  ? 0.7202 0.6761 0.8020 -0.0301 0.1961  -0.0037 8  LYS A N   
60  C CA  . LYS A 9  ? 0.7518 0.7082 0.8353 -0.0211 0.1994  -0.0055 8  LYS A CA  
61  C C   . LYS A 9  ? 0.7183 0.6593 0.7957 -0.0123 0.2016  0.0055  8  LYS A C   
62  O O   . LYS A 9  ? 0.7263 0.6703 0.7966 -0.0057 0.1993  0.0084  8  LYS A O   
63  C CB  . LYS A 9  ? 0.8482 0.8020 0.9487 -0.0175 0.2025  -0.0177 8  LYS A CB  
64  C CG  . LYS A 9  ? 1.0722 1.0579 1.1798 -0.0207 0.1997  -0.0354 8  LYS A CG  
65  C CD  . LYS A 9  ? 1.1813 1.1733 1.3072 -0.0220 0.2006  -0.0521 8  LYS A CD  
68  N N   . GLU A 10 ? 0.7281 0.6596 0.8063 -0.0139 0.2055  0.0115  9  GLU A N   
69  C CA  . GLU A 10 ? 0.7818 0.7082 0.8533 -0.0086 0.2082  0.0224  9  GLU A CA  
70  C C   . GLU A 10 ? 0.6832 0.6199 0.7440 -0.0035 0.2029  0.0237  9  GLU A C   
71  O O   . GLU A 10 ? 0.7517 0.6878 0.8051 0.0031  0.2027  0.0299  9  GLU A O   
72  C CB  . GLU A 10 ? 0.8169 0.7435 0.8916 -0.0155 0.2142  0.0281  9  GLU A CB  
73  C CG  . GLU A 10 ? 0.9858 0.9243 1.0505 -0.0144 0.2171  0.0390  9  GLU A CG  
74  C CD  . GLU A 10 ? 1.0015 0.9263 1.0592 -0.0138 0.2164  0.0549  9  GLU A CD  
75  O OE1 . GLU A 10 ? 1.2003 1.1015 1.2628 -0.0102 0.2110  0.0557  9  GLU A OE1 
76  O OE2 . GLU A 10 ? 1.1250 1.0659 1.1727 -0.0165 0.2189  0.0652  9  GLU A OE2 
77  N N   . LEU A 11 ? 0.6575 0.6011 0.7184 -0.0066 0.1955  0.0173  10 LEU A N   
78  C CA  . LEU A 11 ? 0.6776 0.6259 0.7309 -0.0014 0.1840  0.0168  10 LEU A CA  
79  C C   . LEU A 11 ? 0.6203 0.5686 0.6651 -0.0015 0.1792  0.0213  10 LEU A C   
80  O O   . LEU A 11 ? 0.6554 0.6053 0.6930 0.0059  0.1765  0.0250  10 LEU A O   
81  C CB  . LEU A 11 ? 0.6780 0.6255 0.7351 -0.0059 0.1693  0.0091  10 LEU A CB  
82  C CG  . LEU A 11 ? 0.7368 0.6812 0.7887 -0.0020 0.1486  0.0078  10 LEU A CG  
83  C CD1 . LEU A 11 ? 0.7243 0.6779 0.7763 0.0126  0.1472  0.0027  10 LEU A CD1 
84  C CD2 . LEU A 11 ? 0.7677 0.7039 0.8249 -0.0074 0.1289  0.0012  10 LEU A CD2 
85  N N   . ALA A 12 ? 0.6371 0.5902 0.6833 -0.0106 0.1787  0.0190  11 ALA A N   
86  C CA  . ALA A 12 ? 0.6564 0.6232 0.6961 -0.0132 0.1756  0.0200  11 ALA A CA  
87  C C   . ALA A 12 ? 0.6570 0.6218 0.6963 0.0002  0.1835  0.0210  11 ALA A C   
88  O O   . ALA A 12 ? 0.6480 0.6167 0.6787 0.0049  0.1795  0.0250  11 ALA A O   
89  C CB  . ALA A 12 ? 0.6523 0.6380 0.6969 -0.0244 0.1770  0.0122  11 ALA A CB  
90  N N   . LYS A 13 ? 0.6764 0.6287 0.7241 0.0068  0.1921  0.0201  12 LYS A N   
91  C CA  . LYS A 13 ? 0.7087 0.6510 0.7551 0.0186  0.1947  0.0254  12 LYS A CA  
92  C C   . LYS A 13 ? 0.7344 0.6746 0.7700 0.0234  0.1945  0.0358  12 LYS A C   
93  O O   . LYS A 13 ? 0.6688 0.6116 0.6973 0.0313  0.1923  0.0390  12 LYS A O   
94  C CB  . LYS A 13 ? 0.8843 0.8068 0.9406 0.0194  0.1979  0.0278  12 LYS A CB  
95  C CG  . LYS A 13 ? 1.0855 0.9898 1.1419 0.0283  0.1939  0.0354  12 LYS A CG  
96  C CD  . LYS A 13 ? 1.2445 1.1218 1.3092 0.0241  0.1905  0.0435  12 LYS A CD  
97  C CE  . LYS A 13 ? 1.3376 1.1994 1.3913 0.0201  0.1877  0.0663  12 LYS A CE  
98  N NZ  . LYS A 13 ? 1.3227 1.2076 1.3607 0.0146  0.1968  0.0772  12 LYS A NZ  
99  N N   . SER A 14 ? 0.6986 0.6408 0.7333 0.0196  0.1955  0.0375  13 SER A N   
100 C CA  . SER A 14 ? 0.6240 0.5747 0.6506 0.0261  0.1937  0.0414  13 SER A CA  
101 C C   . SER A 14 ? 0.6006 0.5573 0.6212 0.0301  0.1838  0.0383  13 SER A C   
102 O O   . SER A 14 ? 0.6277 0.5897 0.6415 0.0382  0.1826  0.0417  13 SER A O   
103 C CB  . SER A 14 ? 0.7214 0.6838 0.7521 0.0231  0.1961  0.0380  13 SER A CB  
104 O OG  . SER A 14 ? 0.8317 0.7953 0.8606 0.0194  0.2053  0.0486  13 SER A OG  
105 N N   . LEU A 15 ? 0.6010 0.5567 0.6233 0.0224  0.1742  0.0333  14 LEU A N   
106 C CA  . LEU A 15 ? 0.6258 0.5841 0.6415 0.0211  0.1586  0.0334  14 LEU A CA  
107 C C   . LEU A 15 ? 0.5542 0.5206 0.5627 0.0213  0.1605  0.0372  14 LEU A C   
108 O O   . LEU A 15 ? 0.5749 0.5446 0.5765 0.0257  0.1531  0.0396  14 LEU A O   
109 C CB  . LEU A 15 ? 0.6061 0.5597 0.6235 0.0071  0.1437  0.0315  14 LEU A CB  
110 C CG  . LEU A 15 ? 0.6669 0.6132 0.6929 0.0100  0.1350  0.0238  14 LEU A CG  
111 C CD1 . LEU A 15 ? 0.6610 0.5972 0.6874 -0.0048 0.1148  0.0244  14 LEU A CD1 
112 C CD2 . LEU A 15 ? 0.6064 0.5566 0.6348 0.0258  0.1270  0.0159  14 LEU A CD2 
113 N N   . LYS A 16 ? 0.6119 0.5828 0.6247 0.0198  0.1705  0.0351  15 LYS A N   
114 C CA  . LYS A 16 ? 0.6311 0.6138 0.6419 0.0256  0.1732  0.0333  15 LYS A CA  
115 C C   . LYS A 16 ? 0.6035 0.5791 0.6103 0.0401  0.1767  0.0377  15 LYS A C   
116 O O   . LYS A 16 ? 0.5786 0.5634 0.5781 0.0449  0.1722  0.0391  15 LYS A O   
117 C CB  . LYS A 16 ? 0.7154 0.7054 0.7370 0.0245  0.1793  0.0234  15 LYS A CB  
118 C CG  . LYS A 16 ? 0.8760 0.8860 0.9004 0.0323  0.1789  0.0136  15 LYS A CG  
119 C CD  . LYS A 16 ? 1.0753 1.1101 1.1126 0.0291  0.1798  -0.0042 15 LYS A CD  
120 C CE  . LYS A 16 ? 1.2434 1.2529 1.2953 0.0437  0.1812  -0.0105 15 LYS A CE  
121 N NZ  . LYS A 16 ? 1.3673 1.3724 1.4219 0.0615  0.1760  -0.0149 15 LYS A NZ  
122 N N   . GLU A 17 ? 0.5778 0.5380 0.5874 0.0452  0.1833  0.0432  16 GLU A N   
123 C CA  . GLU A 17 ? 0.5925 0.5497 0.5947 0.0553  0.1849  0.0515  16 GLU A CA  
124 C C   . GLU A 17 ? 0.6247 0.5921 0.6200 0.0582  0.1803  0.0519  16 GLU A C   
125 O O   . GLU A 17 ? 0.6195 0.5922 0.6081 0.0662  0.1784  0.0546  16 GLU A O   
126 C CB  . GLU A 17 ? 0.7459 0.6921 0.7500 0.0529  0.1910  0.0606  16 GLU A CB  
127 C CG  . GLU A 17 ? 0.8739 0.8263 0.8673 0.0569  0.1926  0.0727  16 GLU A CG  
128 C CD  . GLU A 17 ? 0.9733 0.9141 0.9619 0.0656  0.1880  0.0807  16 GLU A CD  
129 O OE1 . GLU A 17 ? 0.9902 0.9170 0.9878 0.0704  0.1829  0.0727  16 GLU A OE1 
130 O OE2 . GLU A 17 ? 1.0275 0.9753 1.0046 0.0671  0.1880  0.0936  16 GLU A OE2 
131 N N   . LEU A 18 ? 0.6130 0.5838 0.6114 0.0532  0.1753  0.0466  17 LEU A N   
132 C CA  . LEU A 18 ? 0.5526 0.5322 0.5481 0.0593  0.1633  0.0412  17 LEU A CA  
133 C C   . LEU A 18 ? 0.5243 0.5040 0.5137 0.0585  0.1527  0.0423  17 LEU A C   
134 O O   . LEU A 18 ? 0.5396 0.5258 0.5242 0.0671  0.1476  0.0418  17 LEU A O   
135 C CB  . LEU A 18 ? 0.5769 0.5547 0.5809 0.0552  0.1519  0.0315  17 LEU A CB  
136 C CG  . LEU A 18 ? 0.6010 0.5839 0.6069 0.0642  0.1330  0.0214  17 LEU A CG  
137 C CD1 . LEU A 18 ? 0.6493 0.6541 0.6539 0.0785  0.1367  0.0159  17 LEU A CD1 
138 C CD2 . LEU A 18 ? 0.6560 0.6328 0.6732 0.0629  0.1156  0.0088  17 LEU A CD2 
139 N N   . ALA A 19 ? 0.5429 0.5208 0.5325 0.0459  0.1492  0.0431  18 ALA A N   
140 C CA  . ALA A 19 ? 0.6196 0.6069 0.6026 0.0381  0.1385  0.0452  18 ALA A CA  
141 C C   . ALA A 19 ? 0.5586 0.5565 0.5373 0.0494  0.1475  0.0459  18 ALA A C   
142 O O   . ALA A 19 ? 0.5776 0.5810 0.5506 0.0535  0.1403  0.0469  18 ALA A O   
143 C CB  . ALA A 19 ? 0.6225 0.6209 0.6061 0.0198  0.1381  0.0453  18 ALA A CB  
144 N N   . TRP A 20 ? 0.5977 0.5932 0.5805 0.0573  0.1609  0.0450  19 TRP A N   
145 C CA  . TRP A 20 ? 0.5941 0.5923 0.5743 0.0717  0.1659  0.0462  19 TRP A CA  
146 C C   . TRP A 20 ? 0.5673 0.5634 0.5407 0.0820  0.1652  0.0517  19 TRP A C   
147 O O   . TRP A 20 ? 0.5800 0.5859 0.5471 0.0884  0.1603  0.0515  19 TRP A O   
148 C CB  . TRP A 20 ? 0.6230 0.6107 0.6115 0.0778  0.1728  0.0446  19 TRP A CB  
149 C CG  . TRP A 20 ? 0.7763 0.7614 0.7614 0.0919  0.1713  0.0470  19 TRP A CG  
150 C CD1 . TRP A 20 ? 0.7899 0.7588 0.7697 0.0988  0.1722  0.0596  19 TRP A CD1 
151 C CD2 . TRP A 20 ? 0.7010 0.7042 0.6861 0.0991  0.1668  0.0381  19 TRP A CD2 
152 N NE1 . TRP A 20 ? 0.8883 0.8597 0.8646 0.1105  0.1673  0.0595  19 TRP A NE1 
153 C CE2 . TRP A 20 ? 0.7382 0.7300 0.7192 0.1127  0.1644  0.0447  19 TRP A CE2 
154 C CE3 . TRP A 20 ? 0.7687 0.8025 0.7573 0.0935  0.1640  0.0245  19 TRP A CE3 
155 C CZ2 . TRP A 20 ? 0.8370 0.8423 0.8184 0.1243  0.1590  0.0366  19 TRP A CZ2 
156 C CZ3 . TRP A 20 ? 0.7974 0.8520 0.7861 0.1033  0.1602  0.0155  19 TRP A CZ3 
157 C CH2 . TRP A 20 ? 0.8277 0.8657 0.8135 0.1203  0.1576  0.0208  19 TRP A CH2 
158 N N   . SER A 21 ? 0.6184 0.6093 0.5925 0.0822  0.1678  0.0546  20 SER A N   
159 C CA  . SER A 21 ? 0.5803 0.5818 0.5484 0.0916  0.1664  0.0562  20 SER A CA  
160 C C   . SER A 21 ? 0.5641 0.5741 0.5309 0.0953  0.1545  0.0492  20 SER A C   
161 O O   . SER A 21 ? 0.5800 0.6015 0.5409 0.1056  0.1523  0.0491  20 SER A O   
162 C CB  . SER A 21 ? 0.7014 0.7108 0.6711 0.0905  0.1724  0.0576  20 SER A CB  
163 O OG  . SER A 21 ? 0.7331 0.7340 0.6994 0.0876  0.1812  0.0704  20 SER A OG  
164 N N   . LEU A 22 ? 0.5654 0.5684 0.5375 0.0862  0.1432  0.0435  21 LEU A N   
165 C CA  . LEU A 22 ? 0.5714 0.5753 0.5437 0.0876  0.1232  0.0373  21 LEU A CA  
166 C C   . LEU A 22 ? 0.5972 0.6050 0.5622 0.0839  0.1204  0.0423  21 LEU A C   
167 O O   . LEU A 22 ? 0.5908 0.6030 0.5534 0.0893  0.1082  0.0395  21 LEU A O   
168 C CB  . LEU A 22 ? 0.5882 0.5775 0.5674 0.0758  0.1052  0.0332  21 LEU A CB  
169 C CG  . LEU A 22 ? 0.5772 0.5676 0.5664 0.0823  0.1058  0.0231  21 LEU A CG  
170 C CD1 . LEU A 22 ? 0.5960 0.5684 0.5934 0.0739  0.0814  0.0173  21 LEU A CD1 
171 C CD2 . LEU A 22 ? 0.6302 0.6415 0.6237 0.1014  0.1024  0.0096  21 LEU A CD2 
172 N N   . LYS A 23 ? 0.6176 0.6287 0.5809 0.0755  0.1301  0.0468  22 LYS A N   
173 C CA  . LYS A 23 ? 0.6827 0.7101 0.6402 0.0744  0.1297  0.0477  22 LYS A CA  
174 C C   . LYS A 23 ? 0.5998 0.6320 0.5535 0.0928  0.1368  0.0478  22 LYS A C   
175 O O   . LYS A 23 ? 0.5984 0.6398 0.5477 0.0965  0.1299  0.0468  22 LYS A O   
176 C CB  . LYS A 23 ? 0.7083 0.7484 0.6686 0.0651  0.1379  0.0454  22 LYS A CB  
177 C CG  . LYS A 23 ? 0.8064 0.8738 0.7631 0.0566  0.1340  0.0423  22 LYS A CG  
178 C CD  . LYS A 23 ? 0.8696 0.9611 0.8334 0.0549  0.1435  0.0319  22 LYS A CD  
179 C CE  . LYS A 23 ? 0.7692 0.8641 0.7370 0.0382  0.1439  0.0311  22 LYS A CE  
180 N NZ  . LYS A 23 ? 0.8457 0.9586 0.8041 0.0104  0.1290  0.0393  22 LYS A NZ  
181 N N   . GLU A 24 ? 0.5954 0.6206 0.5498 0.1034  0.1482  0.0508  23 GLU A N   
182 C CA  A GLU A 24 ? 0.6171 0.6471 0.5655 0.1179  0.1523  0.0546  23 GLU A CA  
183 C CA  B GLU A 24 ? 0.5929 0.6227 0.5412 0.1180  0.1525  0.0548  23 GLU A CA  
184 C C   . GLU A 24 ? 0.6589 0.6980 0.6043 0.1241  0.1458  0.0518  23 GLU A C   
185 O O   . GLU A 24 ? 0.6301 0.6801 0.5702 0.1337  0.1431  0.0512  23 GLU A O   
186 C CB  A GLU A 24 ? 0.6956 0.7141 0.6441 0.1206  0.1615  0.0627  23 GLU A CB  
187 C CB  B GLU A 24 ? 0.6242 0.6431 0.5717 0.1220  0.1617  0.0635  23 GLU A CB  
188 C CG  A GLU A 24 ? 0.7889 0.8020 0.7340 0.1305  0.1619  0.0681  23 GLU A CG  
189 C CG  B GLU A 24 ? 0.6240 0.6287 0.5787 0.1199  0.1643  0.0635  23 GLU A CG  
190 C CD  A GLU A 24 ? 0.7814 0.7783 0.7243 0.1290  0.1650  0.0819  23 GLU A CD  
191 C CD  B GLU A 24 ? 0.6730 0.6622 0.6250 0.1292  0.1628  0.0734  23 GLU A CD  
192 O OE1 A GLU A 24 ? 0.7937 0.7841 0.7404 0.1187  0.1695  0.0846  23 GLU A OE1 
193 O OE1 B GLU A 24 ? 0.7024 0.6944 0.6505 0.1404  0.1576  0.0735  23 GLU A OE1 
194 O OE2 A GLU A 24 ? 0.9253 0.9174 0.8613 0.1362  0.1610  0.0911  23 GLU A OE2 
195 O OE2 B GLU A 24 ? 0.7504 0.7213 0.7046 0.1241  0.1637  0.0820  23 GLU A OE2 
196 N N   . LEU A 25 ? 0.6122 0.6499 0.5636 0.1202  0.1404  0.0461  24 LEU A N   
197 C CA  . LEU A 25 ? 0.6155 0.6676 0.5686 0.1302  0.1304  0.0362  24 LEU A CA  
198 C C   . LEU A 25 ? 0.5900 0.6379 0.5429 0.1284  0.1137  0.0325  24 LEU A C   
199 O O   . LEU A 25 ? 0.6240 0.6833 0.5756 0.1387  0.1062  0.0268  24 LEU A O   
200 C CB  . LEU A 25 ? 0.5911 0.6442 0.5549 0.1288  0.1235  0.0252  24 LEU A CB  
201 C CG  . LEU A 25 ? 0.6532 0.7223 0.6248 0.1416  0.1064  0.0071  24 LEU A CG  
202 C CD1 . LEU A 25 ? 0.6907 0.7910 0.6571 0.1546  0.1138  0.0038  24 LEU A CD1 
203 C CD2 . LEU A 25 ? 0.6757 0.7496 0.6610 0.1438  0.0967  -0.0089 24 LEU A CD2 
204 N N   . ALA A 26 ? 0.5600 0.5937 0.5149 0.1125  0.1041  0.0351  25 ALA A N   
205 C CA  . ALA A 26 ? 0.6542 0.6863 0.6071 0.1046  0.0850  0.0351  25 ALA A CA  
206 C C   . ALA A 26 ? 0.6469 0.6951 0.5921 0.1101  0.0925  0.0380  25 ALA A C   
207 O O   . ALA A 26 ? 0.6683 0.7213 0.6122 0.1135  0.0789  0.0346  25 ALA A O   
208 C CB  . ALA A 26 ? 0.7180 0.7405 0.6700 0.0792  0.0745  0.0426  25 ALA A CB  
209 N N   . GLN A 27 ? 0.6406 0.6961 0.5822 0.1141  0.1121  0.0423  26 GLN A N   
210 C CA  . GLN A 27 ? 0.7035 0.7748 0.6398 0.1209  0.1170  0.0425  26 GLN A CA  
211 C C   . GLN A 27 ? 0.7428 0.8189 0.6760 0.1392  0.1173  0.0406  26 GLN A C   
212 O O   . GLN A 27 ? 0.8076 0.8953 0.7372 0.1446  0.1119  0.0382  26 GLN A O   
213 C CB  . GLN A 27 ? 0.7393 0.8131 0.6766 0.1246  0.1318  0.0437  26 GLN A CB  
214 C CG  . GLN A 27 ? 0.7072 0.7938 0.6414 0.1386  0.1352  0.0412  26 GLN A CG  
215 C CD  . GLN A 27 ? 0.7139 0.8264 0.6475 0.1293  0.1277  0.0344  26 GLN A CD  
216 O OE1 . GLN A 27 ? 0.7148 0.8399 0.6497 0.1085  0.1220  0.0332  26 GLN A OE1 
217 N NE2 . GLN A 27 ? 0.7500 0.8735 0.6802 0.1411  0.1264  0.0319  26 GLN A NE2 
218 N N   . SER A 28 ? 0.6807 0.7546 0.6142 0.1476  0.1247  0.0418  27 SER A N   
219 C CA  . SER A 28 ? 0.7601 0.8505 0.6888 0.1625  0.1260  0.0402  27 SER A CA  
220 C C   . SER A 28 ? 0.8005 0.8993 0.7350 0.1674  0.1095  0.0269  27 SER A C   
221 O O   . SER A 28 ? 0.7867 0.9024 0.7179 0.1789  0.1080  0.0229  27 SER A O   
222 C CB  . SER A 28 ? 0.7992 0.8986 0.7234 0.1671  0.1379  0.0467  27 SER A CB  
223 O OG  . SER A 28 ? 0.8752 0.9825 0.8060 0.1656  0.1355  0.0384  27 SER A OG  
224 N N   . LEU A 29 ? 0.8193 0.9047 0.7634 0.1592  0.0940  0.0193  28 LEU A N   
225 C CA  . LEU A 29 ? 0.8385 0.9246 0.7918 0.1653  0.0693  0.0040  28 LEU A CA  
226 C C   . LEU A 29 ? 0.9818 1.0606 0.9326 0.1578  0.0544  0.0069  28 LEU A C   
227 O O   . LEU A 29 ? 0.9264 1.0100 0.8827 0.1675  0.0370  -0.0048 28 LEU A O   
228 C CB  . LEU A 29 ? 0.8631 0.9312 0.8298 0.1598  0.0495  -0.0060 28 LEU A CB  
229 C CG  . LEU A 29 ? 0.8182 0.8981 0.7906 0.1659  0.0611  -0.0131 28 LEU A CG  
230 C CD1 . LEU A 29 ? 0.8954 0.9599 0.8835 0.1652  0.0369  -0.0279 28 LEU A CD1 
231 C CD2 . LEU A 29 ? 0.8335 0.9528 0.8050 0.1831  0.0734  -0.0230 28 LEU A CD2 
232 N N   . LYS A 30 ? 0.9919 1.0635 0.9358 0.1395  0.0581  0.0201  29 LYS A N   
233 C CA  . LYS A 30 ? 1.1630 1.2403 1.1024 0.1313  0.0461  0.0227  29 LYS A CA  
234 C C   . LYS A 30 ? 1.2049 1.3043 1.1392 0.1519  0.0593  0.0190  29 LYS A C   
235 O O   . LYS A 30 ? 1.3143 1.4198 1.2492 0.1559  0.0458  0.0136  29 LYS A O   
236 C CB  . LYS A 30 ? 1.1143 1.1960 1.0474 0.1048  0.0465  0.0347  29 LYS A CB  
237 C CG  . LYS A 30 ? 1.1242 1.2189 1.0537 0.1053  0.0717  0.0381  29 LYS A CG  
238 C CD  . LYS A 30 ? 1.2412 1.3496 1.1680 0.0782  0.0706  0.0443  29 LYS A CD  
239 C CE  . LYS A 30 ? 1.2750 1.3655 1.2052 0.0647  0.0680  0.0489  29 LYS A CE  
240 N NZ  . LYS A 30 ? 1.2235 1.3354 1.1520 0.0458  0.0772  0.0513  29 LYS A NZ  
241 N N   . GLY A 31 ? 1.2716 1.3802 1.2010 0.1637  0.0820  0.0225  30 GLY A N   
242 C CA  . GLY A 31 ? 1.3800 1.5071 1.3032 0.1825  0.0914  0.0212  30 GLY A CA  
243 C C   . GLY A 31 ? 1.4583 1.5873 1.3736 0.1881  0.1111  0.0318  30 GLY A C   
244 O O   . GLY A 31 ? 1.4643 1.5888 1.3785 0.1829  0.1164  0.0362  30 GLY A O   
245 C C   . ACE B 1  ? 1.4450 1.7467 1.4962 -0.1213 0.1277  -0.0098 0  ACE B C   
246 O O   . ACE B 1  ? 1.4005 1.6988 1.4519 -0.1120 0.1135  0.0037  0  ACE B O   
247 C CH3 . ACE B 1  ? 1.3312 1.6419 1.3879 -0.1246 0.1340  -0.0217 0  ACE B CH3 
248 N N   . GLY B 2  ? 1.3725 1.6700 1.4200 -0.1278 0.1365  -0.0150 1  GLY B N   
249 C CA  . GLY B 2  ? 1.3217 1.6051 1.3736 -0.1295 0.1513  -0.0303 1  GLY B CA  
250 C C   . GLY B 2  ? 1.2945 1.5480 1.3518 -0.1143 0.1500  -0.0246 1  GLY B C   
251 O O   . GLY B 2  ? 1.1525 1.3924 1.2132 -0.1040 0.1468  -0.0181 1  GLY B O   
252 N N   . GLU B 3  ? 1.1685 1.4137 1.2248 -0.1153 0.1529  -0.0276 2  GLU B N   
253 C CA  . GLU B 3  ? 1.1680 1.3873 1.2255 -0.1050 0.1515  -0.0220 2  GLU B CA  
254 C C   . GLU B 3  ? 0.9967 1.2184 1.0601 -0.0924 0.1404  -0.0082 2  GLU B C   
255 O O   . GLU B 3  ? 0.9148 1.1156 0.9800 -0.0825 0.1388  -0.0023 2  GLU B O   
256 C CB  . GLU B 3  ? 1.1651 1.3787 1.2159 -0.1148 0.1577  -0.0291 2  GLU B CB  
257 C CG  . GLU B 3  ? 1.3312 1.5175 1.3723 -0.1233 0.1670  -0.0399 2  GLU B CG  
258 C CD  . GLU B 3  ? 1.4673 1.6162 1.5079 -0.1110 0.1646  -0.0372 2  GLU B CD  
259 O OE1 . GLU B 3  ? 1.5433 1.6963 1.5935 -0.0979 0.1589  -0.0302 2  GLU B OE1 
260 O OE2 . GLU B 3  ? 1.5068 1.6202 1.5359 -0.1150 0.1673  -0.0428 2  GLU B OE2 
261 N N   . LEU B 4  ? 0.9670 1.2138 1.0337 -0.0927 0.1315  -0.0043 3  LEU B N   
262 C CA  . LEU B 4  ? 0.9567 1.2056 1.0301 -0.0806 0.1189  0.0057  3  LEU B CA  
263 C C   . LEU B 4  ? 0.9828 1.2198 1.0536 -0.0743 0.1129  0.0171  3  LEU B C   
264 O O   . LEU B 4  ? 0.8412 1.0646 0.9168 -0.0631 0.1077  0.0243  3  LEU B O   
265 C CB  . LEU B 4  ? 0.9639 1.2405 1.0413 -0.0808 0.1066  0.0056  3  LEU B CB  
266 C CG  . LEU B 4  ? 0.9677 1.2444 1.0553 -0.0653 0.0908  0.0125  3  LEU B CG  
267 C CD1 . LEU B 4  ? 0.9317 1.2098 1.0301 -0.0611 0.0970  0.0033  3  LEU B CD1 
268 C CD2 . LEU B 4  ? 0.9572 1.2554 1.0481 -0.0621 0.0727  0.0137  3  LEU B CD2 
269 N N   . ALA B 5  ? 0.9317 1.1767 0.9944 -0.0840 0.1142  0.0171  4  ALA B N   
270 C CA  . ALA B 5  ? 0.9133 1.1525 0.9704 -0.0838 0.1097  0.0258  4  ALA B CA  
271 C C   . ALA B 5  ? 0.8798 1.1006 0.9431 -0.0762 0.1183  0.0219  4  ALA B C   
272 O O   . ALA B 5  ? 0.8238 1.0337 0.8883 -0.0686 0.1137  0.0298  4  ALA B O   
273 C CB  . ALA B 5  ? 1.0342 1.2912 1.0804 -0.1005 0.1126  0.0220  4  ALA B CB  
274 N N   . GLN B 6  ? 0.8013 1.0163 0.8680 -0.0779 0.1296  0.0092  5  GLN B N   
275 C CA  . GLN B 6  ? 0.8640 1.0577 0.9360 -0.0687 0.1341  0.0049  5  GLN B CA  
276 C C   . GLN B 6  ? 0.8455 1.0194 0.9199 -0.0564 0.1289  0.0150  5  GLN B C   
277 O O   . GLN B 6  ? 0.7190 0.8819 0.7968 -0.0473 0.1261  0.0198  5  GLN B O   
278 C CB  . GLN B 6  ? 0.9009 1.0859 0.9727 -0.0732 0.1433  -0.0101 5  GLN B CB  
279 C CG  . GLN B 6  ? 0.9649 1.1208 1.0405 -0.0626 0.1446  -0.0164 5  GLN B CG  
280 C CD  . GLN B 6  ? 1.1784 1.3424 1.2639 -0.0548 0.1429  -0.0199 5  GLN B CD  
281 O OE1 . GLN B 6  ? 1.2596 1.4527 1.3464 -0.0635 0.1446  -0.0227 5  GLN B OE1 
282 N NE2 . GLN B 6  ? 1.1880 1.3279 1.2783 -0.0407 0.1389  -0.0196 5  GLN B NE2 
283 N N   . SER B 7  ? 0.8297 1.0045 0.9026 -0.0583 0.1281  0.0161  6  SER B N   
284 C CA  A SER B 7  ? 0.7962 0.9583 0.8714 -0.0503 0.1248  0.0219  6  SER B CA  
285 C CA  B SER B 7  ? 0.7865 0.9501 0.8619 -0.0505 0.1244  0.0221  6  SER B CA  
286 C C   . SER B 7  ? 0.7235 0.8893 0.8044 -0.0407 0.1151  0.0326  6  SER B C   
287 O O   . SER B 7  ? 0.6888 0.8400 0.7718 -0.0326 0.1138  0.0371  6  SER B O   
288 C CB  A SER B 7  ? 0.7787 0.9501 0.8528 -0.0570 0.1268  0.0168  6  SER B CB  
289 C CB  B SER B 7  ? 0.7243 0.9022 0.8006 -0.0562 0.1247  0.0176  6  SER B CB  
290 O OG  A SER B 7  ? 0.7907 0.9484 0.8544 -0.0679 0.1361  0.0083  6  SER B OG  
291 O OG  B SER B 7  ? 0.6604 0.8632 0.7441 -0.0539 0.1152  0.0195  6  SER B OG  
292 N N   . LEU B 8  ? 0.6879 0.8702 0.7684 -0.0432 0.1075  0.0367  7  LEU B N   
293 C CA  . LEU B 8  ? 0.7109 0.8920 0.7920 -0.0371 0.0953  0.0476  7  LEU B CA  
294 C C   . LEU B 8  ? 0.7011 0.8726 0.7781 -0.0370 0.0972  0.0520  7  LEU B C   
295 O O   . LEU B 8  ? 0.7626 0.9247 0.8411 -0.0301 0.0908  0.0597  7  LEU B O   
296 C CB  . LEU B 8  ? 0.7561 0.9513 0.8317 -0.0426 0.0841  0.0517  7  LEU B CB  
297 C CG  . LEU B 8  ? 0.8313 1.0411 0.9154 -0.0381 0.0757  0.0471  7  LEU B CG  
298 C CD1 . LEU B 8  ? 0.8310 1.0507 0.9071 -0.0424 0.0601  0.0531  7  LEU B CD1 
299 C CD2 . LEU B 8  ? 0.8587 1.0624 0.9550 -0.0239 0.0670  0.0485  7  LEU B CD2 
300 N N   . LYS B 9  ? 0.6779 0.8538 0.7525 -0.0439 0.1066  0.0440  8  LYS B N   
301 C CA  . LYS B 9  ? 0.7120 0.8867 0.7870 -0.0440 0.1101  0.0418  8  LYS B CA  
302 C C   . LYS B 9  ? 0.6822 0.8393 0.7654 -0.0310 0.1120  0.0407  8  LYS B C   
303 O O   . LYS B 9  ? 0.6284 0.7811 0.7133 -0.0259 0.1090  0.0455  8  LYS B O   
304 C CB  . LYS B 9  ? 0.7750 0.9634 0.8514 -0.0524 0.1200  0.0265  8  LYS B CB  
305 C CG  . LYS B 9  ? 0.9774 1.1896 1.0432 -0.0706 0.1207  0.0244  8  LYS B CG  
306 C CD  . LYS B 9  ? 1.0124 1.2427 1.0832 -0.0792 0.1319  0.0042  8  LYS B CD  
309 N N   A GLU B 10 ? 0.6543 0.7998 0.7393 -0.0277 0.1166  0.0349  9  GLU B N   
310 N N   B GLU B 10 ? 0.6854 0.8301 0.7707 -0.0272 0.1166  0.0349  9  GLU B N   
311 C CA  A GLU B 10 ? 0.6617 0.7857 0.7486 -0.0179 0.1162  0.0362  9  GLU B CA  
312 C CA  B GLU B 10 ? 0.7110 0.8344 0.7985 -0.0168 0.1158  0.0366  9  GLU B CA  
313 C C   A GLU B 10 ? 0.6020 0.7230 0.6906 -0.0121 0.1102  0.0469  9  GLU B C   
314 C C   B GLU B 10 ? 0.6309 0.7521 0.7196 -0.0119 0.1098  0.0473  9  GLU B C   
315 O O   A GLU B 10 ? 0.5816 0.6943 0.6729 -0.0047 0.1079  0.0503  9  GLU B O   
316 O O   B GLU B 10 ? 0.5936 0.7070 0.6851 -0.0045 0.1074  0.0510  9  GLU B O   
317 C CB  A GLU B 10 ? 0.6770 0.7860 0.7578 -0.0215 0.1204  0.0306  9  GLU B CB  
318 C CB  B GLU B 10 ? 0.7820 0.8864 0.8637 -0.0183 0.1193  0.0316  9  GLU B CB  
319 C CG  A GLU B 10 ? 0.7274 0.8290 0.8094 -0.0213 0.1239  0.0183  9  GLU B CG  
320 C CG  B GLU B 10 ? 0.8637 0.9439 0.9452 -0.0097 0.1179  0.0261  9  GLU B CG  
321 C CD  A GLU B 10 ? 0.8553 0.9434 0.9279 -0.0296 0.1279  0.0125  9  GLU B CD  
322 C CD  B GLU B 10 ? 0.8287 0.9092 0.9185 0.0018  0.1132  0.0284  9  GLU B CD  
323 O OE1 A GLU B 10 ? 0.9149 0.9826 0.9763 -0.0331 0.1273  0.0169  9  GLU B OE1 
324 O OE1 B GLU B 10 ? 0.6418 0.7160 0.7300 0.0061  0.1094  0.0384  9  GLU B OE1 
325 O OE2 A GLU B 10 ? 0.9485 1.0486 1.0230 -0.0361 0.1324  0.0025  9  GLU B OE2 
326 O OE2 B GLU B 10 ? 0.7111 0.8014 0.8103 0.0058  0.1138  0.0170  9  GLU B OE2 
327 N N   . LEU B 11 ? 0.6436 0.7747 0.7324 -0.0152 0.1066  0.0499  10 LEU B N   
328 C CA  . LEU B 11 ? 0.6150 0.7464 0.7089 -0.0089 0.0997  0.0558  10 LEU B CA  
329 C C   . LEU B 11 ? 0.6000 0.7292 0.6946 -0.0049 0.0931  0.0635  10 LEU B C   
330 O O   . LEU B 11 ? 0.5471 0.6680 0.6449 0.0016  0.0917  0.0666  10 LEU B O   
331 C CB  . LEU B 11 ? 0.5656 0.7124 0.6638 -0.0109 0.0949  0.0528  10 LEU B CB  
332 C CG  . LEU B 11 ? 0.5971 0.7485 0.7057 -0.0025 0.0863  0.0531  10 LEU B CG  
333 C CD1 . LEU B 11 ? 0.5921 0.7369 0.7025 -0.0012 0.0929  0.0497  10 LEU B CD1 
334 C CD2 . LEU B 11 ? 0.6246 0.7970 0.7423 -0.0017 0.0789  0.0457  10 LEU B CD2 
335 N N   . ALA B 12 ? 0.6738 0.8102 0.7622 -0.0119 0.0899  0.0663  11 ALA B N   
336 C CA  . ALA B 12 ? 0.6507 0.7841 0.7339 -0.0140 0.0849  0.0731  11 ALA B CA  
337 C C   . ALA B 12 ? 0.5446 0.6747 0.6315 -0.0103 0.0918  0.0696  11 ALA B C   
338 O O   . ALA B 12 ? 0.6021 0.7262 0.6891 -0.0072 0.0879  0.0747  11 ALA B O   
339 C CB  . ALA B 12 ? 0.6382 0.7813 0.7080 -0.0286 0.0826  0.0756  11 ALA B CB  
340 N N   . LYS B 13 ? 0.5450 0.6799 0.6350 -0.0107 0.1000  0.0598  12 LYS B N   
341 C CA  A LYS B 13 ? 0.5736 0.7057 0.6701 -0.0035 0.1032  0.0541  12 LYS B CA  
342 C CA  B LYS B 13 ? 0.5866 0.7194 0.6828 -0.0039 0.1027  0.0549  12 LYS B CA  
343 C C   . LYS B 13 ? 0.5717 0.6880 0.6716 0.0072  0.1004  0.0592  12 LYS B C   
344 O O   . LYS B 13 ? 0.4980 0.6130 0.6012 0.0122  0.0986  0.0608  12 LYS B O   
345 C CB  A LYS B 13 ? 0.6520 0.7860 0.7535 -0.0017 0.1091  0.0404  12 LYS B CB  
346 C CB  B LYS B 13 ? 0.6962 0.8377 0.7988 -0.0030 0.1089  0.0396  12 LYS B CB  
347 C CG  A LYS B 13 ? 0.6616 0.7871 0.7716 0.0108  0.1082  0.0327  12 LYS B CG  
348 C CG  B LYS B 13 ? 0.7633 0.9101 0.8754 0.0050  0.1088  0.0317  12 LYS B CG  
349 C CD  A LYS B 13 ? 0.7557 0.8782 0.8716 0.0148  0.1102  0.0177  12 LYS B CD  
350 C CD  B LYS B 13 ? 0.7542 0.9078 0.8786 0.0122  0.1111  0.0126  12 LYS B CD  
351 C CE  A LYS B 13 ? 0.7718 0.8691 0.8907 0.0302  0.1032  0.0147  12 LYS B CE  
352 C CE  B LYS B 13 ? 0.7134 0.8679 0.8499 0.0260  0.1069  0.0045  12 LYS B CE  
353 N NZ  A LYS B 13 ? 0.8166 0.9154 0.9462 0.0370  0.1023  -0.0043 12 LYS B NZ  
354 N NZ  B LYS B 13 ? 0.6203 0.7663 0.7538 0.0303  0.1026  0.0170  12 LYS B NZ  
355 N N   . SER B 14 ? 0.5649 0.6711 0.6629 0.0086  0.1007  0.0604  13 SER B N   
356 C CA  . SER B 14 ? 0.5375 0.6315 0.6358 0.0146  0.0987  0.0643  13 SER B CA  
357 C C   . SER B 14 ? 0.5311 0.6296 0.6334 0.0168  0.0939  0.0704  13 SER B C   
358 O O   . SER B 14 ? 0.5201 0.6139 0.6245 0.0217  0.0924  0.0727  13 SER B O   
359 C CB  . SER B 14 ? 0.5840 0.6734 0.6776 0.0099  0.1008  0.0631  13 SER B CB  
360 O OG  . SER B 14 ? 0.5929 0.6672 0.6791 0.0085  0.1037  0.0584  13 SER B OG  
361 N N   . LEU B 15 ? 0.4748 0.5808 0.5773 0.0131  0.0897  0.0727  14 LEU B N   
362 C CA  . LEU B 15 ? 0.5193 0.6237 0.6249 0.0161  0.0821  0.0777  14 LEU B CA  
363 C C   . LEU B 15 ? 0.4914 0.5929 0.5934 0.0145  0.0804  0.0820  14 LEU B C   
364 O O   . LEU B 15 ? 0.4802 0.5762 0.5853 0.0185  0.0769  0.0844  14 LEU B O   
365 C CB  . LEU B 15 ? 0.5888 0.6970 0.6937 0.0139  0.0734  0.0796  14 LEU B CB  
366 C CG  . LEU B 15 ? 0.5707 0.6880 0.6840 0.0168  0.0734  0.0721  14 LEU B CG  
367 C CD1 . LEU B 15 ? 0.5901 0.7127 0.7036 0.0165  0.0622  0.0732  14 LEU B CD1 
368 C CD2 . LEU B 15 ? 0.5855 0.7052 0.7100 0.0236  0.0717  0.0669  14 LEU B CD2 
369 N N   . LYS B 16 ? 0.5442 0.6527 0.6402 0.0071  0.0842  0.0803  15 LYS B N   
370 C CA  . LYS B 16 ? 0.5154 0.6279 0.6087 0.0031  0.0852  0.0803  15 LYS B CA  
371 C C   . LYS B 16 ? 0.4647 0.5779 0.5668 0.0123  0.0893  0.0753  15 LYS B C   
372 O O   . LYS B 16 ? 0.5072 0.6209 0.6108 0.0136  0.0883  0.0762  15 LYS B O   
373 C CB  . LYS B 16 ? 0.6223 0.7515 0.7108 -0.0080 0.0909  0.0734  15 LYS B CB  
374 C CG  . LYS B 16 ? 0.8263 0.9579 0.8990 -0.0242 0.0868  0.0789  15 LYS B CG  
375 C CD  . LYS B 16 ? 0.9391 1.0953 1.0071 -0.0393 0.0950  0.0681  15 LYS B CD  
376 C CE  . LYS B 16 ? 0.9920 1.1646 1.0647 -0.0427 0.1006  0.0585  15 LYS B CE  
377 N NZ  . LYS B 16 ? 0.9781 1.1405 1.0376 -0.0520 0.0953  0.0684  15 LYS B NZ  
378 N N   . GLU B 17 ? 0.4831 0.5938 0.5899 0.0193  0.0925  0.0701  16 GLU B N   
379 C CA  . GLU B 17 ? 0.4514 0.5562 0.5626 0.0288  0.0921  0.0677  16 GLU B CA  
380 C C   . GLU B 17 ? 0.4606 0.5573 0.5715 0.0313  0.0894  0.0741  16 GLU B C   
381 O O   . GLU B 17 ? 0.4882 0.5859 0.6014 0.0346  0.0881  0.0747  16 GLU B O   
382 C CB  . GLU B 17 ? 0.5354 0.6295 0.6456 0.0337  0.0927  0.0629  16 GLU B CB  
383 C CG  . GLU B 17 ? 0.6573 0.7612 0.7733 0.0355  0.0944  0.0511  16 GLU B CG  
384 C CD  . GLU B 17 ? 0.8086 0.8932 0.9222 0.0417  0.0922  0.0457  16 GLU B CD  
385 O OE1 . GLU B 17 ? 1.0015 1.0944 1.1234 0.0451  0.0926  0.0323  16 GLU B OE1 
386 O OE2 . GLU B 17 ? 0.9045 0.9664 1.0068 0.0407  0.0901  0.0532  16 GLU B OE2 
387 N N   . LEU B 18 ? 0.4314 0.5241 0.5409 0.0290  0.0887  0.0767  17 LEU B N   
388 C CA  . LEU B 18 ? 0.4230 0.5138 0.5357 0.0307  0.0865  0.0783  17 LEU B CA  
389 C C   . LEU B 18 ? 0.4233 0.5156 0.5392 0.0309  0.0824  0.0807  17 LEU B C   
390 O O   . LEU B 18 ? 0.4440 0.5362 0.5625 0.0330  0.0820  0.0805  17 LEU B O   
391 C CB  . LEU B 18 ? 0.4870 0.5811 0.6019 0.0284  0.0858  0.0756  17 LEU B CB  
392 C CG  . LEU B 18 ? 0.4919 0.5919 0.6144 0.0295  0.0844  0.0708  17 LEU B CG  
393 C CD1 . LEU B 18 ? 0.4876 0.5845 0.6043 0.0274  0.0886  0.0705  17 LEU B CD1 
394 C CD2 . LEU B 18 ? 0.5203 0.6309 0.6469 0.0266  0.0849  0.0635  17 LEU B CD2 
395 N N   . ALA B 19 ? 0.4393 0.5309 0.5517 0.0263  0.0785  0.0838  18 ALA B N   
396 C CA  . ALA B 19 ? 0.4230 0.5092 0.5326 0.0232  0.0729  0.0876  18 ALA B CA  
397 C C   . ALA B 19 ? 0.4545 0.5464 0.5630 0.0211  0.0773  0.0862  18 ALA B C   
398 O O   . ALA B 19 ? 0.4497 0.5385 0.5600 0.0218  0.0755  0.0864  18 ALA B O   
399 C CB  . ALA B 19 ? 0.5005 0.5815 0.5983 0.0136  0.0672  0.0931  18 ALA B CB  
400 N N   . TRP B 20 ? 0.4380 0.5412 0.5461 0.0199  0.0830  0.0819  19 TRP B N   
401 C CA  . TRP B 20 ? 0.4453 0.5595 0.5567 0.0209  0.0860  0.0769  19 TRP B CA  
402 C C   . TRP B 20 ? 0.4693 0.5811 0.5863 0.0297  0.0856  0.0763  19 TRP B C   
403 O O   . TRP B 20 ? 0.5042 0.6208 0.6228 0.0290  0.0854  0.0752  19 TRP B O   
404 C CB  . TRP B 20 ? 0.5303 0.6607 0.6453 0.0214  0.0903  0.0674  19 TRP B CB  
405 C CG  . TRP B 20 ? 0.6327 0.7808 0.7545 0.0233  0.0919  0.0585  19 TRP B CG  
406 C CD1 . TRP B 20 ? 0.7074 0.8592 0.8389 0.0368  0.0895  0.0517  19 TRP B CD1 
407 C CD2 . TRP B 20 ? 0.7052 0.8714 0.8243 0.0109  0.0948  0.0534  19 TRP B CD2 
408 N NE1 . TRP B 20 ? 0.7088 0.8820 0.8473 0.0365  0.0902  0.0423  19 TRP B NE1 
409 C CE2 . TRP B 20 ? 0.7394 0.9235 0.8705 0.0195  0.0949  0.0426  19 TRP B CE2 
410 C CE3 . TRP B 20 ? 0.8382 1.0022 0.9427 -0.0075 0.0954  0.0588  19 TRP B CE3 
411 C CZ2 . TRP B 20 ? 0.8476 1.0554 0.9798 0.0096  0.0983  0.0338  19 TRP B CZ2 
412 C CZ3 . TRP B 20 ? 0.8690 1.0506 0.9699 -0.0202 0.0988  0.0523  19 TRP B CZ3 
413 C CH2 . TRP B 20 ? 0.8748 1.0829 0.9912 -0.0122 0.1017  0.0380  19 TRP B CH2 
414 N N   . SER B 21 ? 0.4332 0.5376 0.5509 0.0358  0.0854  0.0768  20 SER B N   
415 C CA  . SER B 21 ? 0.4346 0.5351 0.5524 0.0405  0.0842  0.0774  20 SER B CA  
416 C C   . SER B 21 ? 0.3995 0.4994 0.5196 0.0376  0.0837  0.0787  20 SER B C   
417 O O   . SER B 21 ? 0.4711 0.5744 0.5919 0.0384  0.0835  0.0777  20 SER B O   
418 C CB  . SER B 21 ? 0.5224 0.6115 0.6341 0.0413  0.0842  0.0789  20 SER B CB  
419 O OG  . SER B 21 ? 0.5758 0.6590 0.6846 0.0458  0.0823  0.0767  20 SER B OG  
420 N N   . LEU B 22 ? 0.4263 0.5228 0.5486 0.0352  0.0821  0.0792  21 LEU B N   
421 C CA  . LEU B 22 ? 0.4906 0.5860 0.6190 0.0352  0.0791  0.0767  21 LEU B CA  
422 C C   . LEU B 22 ? 0.5368 0.6303 0.6639 0.0320  0.0772  0.0779  21 LEU B C   
423 O O   . LEU B 22 ? 0.5085 0.6044 0.6396 0.0321  0.0774  0.0744  21 LEU B O   
424 C CB  . LEU B 22 ? 0.5000 0.5903 0.6330 0.0366  0.0737  0.0753  21 LEU B CB  
425 C CG  . LEU B 22 ? 0.4925 0.5898 0.6280 0.0373  0.0772  0.0708  21 LEU B CG  
426 C CD1 . LEU B 22 ? 0.5216 0.6184 0.6645 0.0403  0.0701  0.0674  21 LEU B CD1 
427 C CD2 . LEU B 22 ? 0.4944 0.6016 0.6359 0.0365  0.0802  0.0629  21 LEU B CD2 
428 N N   . LYS B 23 ? 0.5240 0.6176 0.6435 0.0263  0.0775  0.0811  22 LYS B N   
429 C CA  . LYS B 23 ? 0.4667 0.5628 0.5817 0.0187  0.0778  0.0808  22 LYS B CA  
430 C C   . LYS B 23 ? 0.4910 0.6025 0.6107 0.0221  0.0823  0.0761  22 LYS B C   
431 O O   . LYS B 23 ? 0.5336 0.6480 0.6550 0.0201  0.0827  0.0736  22 LYS B O   
432 C CB  . LYS B 23 ? 0.5963 0.6953 0.7003 0.0073  0.0786  0.0826  22 LYS B CB  
433 C CG  . LYS B 23 ? 0.7765 0.8549 0.8700 0.0013  0.0705  0.0898  22 LYS B CG  
434 C CD  . LYS B 23 ? 0.9119 0.9921 0.9900 -0.0130 0.0706  0.0931  22 LYS B CD  
435 C CE  . LYS B 23 ? 1.0405 1.0960 1.0970 -0.0292 0.0608  0.1018  22 LYS B CE  
436 N NZ  . LYS B 23 ? 0.9439 1.0135 0.9973 -0.0396 0.0681  0.0961  22 LYS B NZ  
437 N N   . GLU B 24 ? 0.4669 0.5873 0.5892 0.0283  0.0844  0.0742  23 GLU B N   
438 C CA  . GLU B 24 ? 0.4797 0.6112 0.6058 0.0339  0.0845  0.0702  23 GLU B CA  
439 C C   . GLU B 24 ? 0.5719 0.6981 0.6981 0.0353  0.0838  0.0717  23 GLU B C   
440 O O   . GLU B 24 ? 0.5582 0.6931 0.6858 0.0343  0.0839  0.0692  23 GLU B O   
441 C CB  . GLU B 24 ? 0.5081 0.6405 0.6351 0.0425  0.0825  0.0686  23 GLU B CB  
442 C CG  . GLU B 24 ? 0.6772 0.8264 0.8091 0.0419  0.0839  0.0604  23 GLU B CG  
443 C CD  . GLU B 24 ? 0.9625 1.1134 1.0997 0.0540  0.0794  0.0541  23 GLU B CD  
444 O OE1 . GLU B 24 ? 0.9473 1.0773 1.0784 0.0583  0.0766  0.0603  23 GLU B OE1 
445 O OE2 . GLU B 24 ? 0.8278 1.0017 0.9757 0.0583  0.0783  0.0409  23 GLU B OE2 
446 N N   . LEU B 25 ? 0.5033 0.6193 0.6286 0.0357  0.0836  0.0738  24 LEU B N   
447 C CA  . LEU B 25 ? 0.5165 0.6349 0.6430 0.0336  0.0845  0.0711  24 LEU B CA  
448 C C   . LEU B 25 ? 0.5202 0.6415 0.6534 0.0305  0.0846  0.0664  24 LEU B C   
449 O O   . LEU B 25 ? 0.5345 0.6640 0.6690 0.0281  0.0859  0.0627  24 LEU B O   
450 C CB  . LEU B 25 ? 0.5054 0.6198 0.6323 0.0324  0.0854  0.0694  24 LEU B CB  
451 C CG  . LEU B 25 ? 0.5402 0.6630 0.6676 0.0270  0.0880  0.0633  24 LEU B CG  
452 C CD1 . LEU B 25 ? 0.6031 0.7272 0.7165 0.0220  0.0880  0.0669  24 LEU B CD1 
453 C CD2 . LEU B 25 ? 0.5627 0.6867 0.6924 0.0248  0.0895  0.0589  24 LEU B CD2 
454 N N   . ALA B 26 ? 0.5136 0.6250 0.6497 0.0299  0.0817  0.0667  25 ALA B N   
455 C CA  . ALA B 26 ? 0.5735 0.6785 0.7128 0.0265  0.0789  0.0630  25 ALA B CA  
456 C C   . ALA B 26 ? 0.6393 0.7527 0.7742 0.0206  0.0818  0.0626  25 ALA B C   
457 O O   . ALA B 26 ? 0.6847 0.8015 0.8230 0.0178  0.0826  0.0570  25 ALA B O   
458 C CB  . ALA B 26 ? 0.6011 0.6866 0.7364 0.0248  0.0716  0.0669  25 ALA B CB  
459 N N   . GLN B 27 ? 0.5959 0.7169 0.7247 0.0184  0.0838  0.0659  26 GLN B N   
460 C CA  A GLN B 27 ? 0.6630 0.8004 0.7900 0.0128  0.0869  0.0622  26 GLN B CA  
461 C CA  B GLN B 27 ? 0.6765 0.8130 0.8037 0.0126  0.0868  0.0620  26 GLN B CA  
462 C C   . GLN B 27 ? 0.6414 0.7938 0.7729 0.0178  0.0881  0.0587  26 GLN B C   
463 O O   . GLN B 27 ? 0.6765 0.8385 0.8091 0.0131  0.0897  0.0540  26 GLN B O   
464 C CB  A GLN B 27 ? 0.6583 0.8067 0.7814 0.0095  0.0886  0.0617  26 GLN B CB  
465 C CB  B GLN B 27 ? 0.7363 0.8834 0.8583 0.0061  0.0888  0.0610  26 GLN B CB  
466 C CG  A GLN B 27 ? 0.6757 0.8061 0.7871 -0.0027 0.0867  0.0666  26 GLN B CG  
467 C CG  B GLN B 27 ? 0.7653 0.8937 0.8750 -0.0079 0.0868  0.0650  26 GLN B CG  
468 C CD  A GLN B 27 ? 0.6907 0.8283 0.7963 -0.0085 0.0885  0.0668  26 GLN B CD  
469 C CD  B GLN B 27 ? 0.7966 0.9259 0.8982 -0.0225 0.0883  0.0613  26 GLN B CD  
470 O OE1 A GLN B 27 ? 0.6939 0.8547 0.8066 -0.0040 0.0920  0.0596  26 GLN B OE1 
471 O OE1 B GLN B 27 ? 0.8051 0.9526 0.9134 -0.0215 0.0919  0.0547  26 GLN B OE1 
472 N NE2 A GLN B 27 ? 0.7155 0.8326 0.8070 -0.0191 0.0844  0.0739  26 GLN B NE2 
473 N NE2 B GLN B 27 ? 0.8520 0.9588 0.9360 -0.0383 0.0844  0.0665  26 GLN B NE2 
474 N N   . SER B 28 ? 0.6278 0.7799 0.7593 0.0256  0.0864  0.0614  27 SER B N   
475 C CA  A SER B 28 ? 0.6201 0.7817 0.7496 0.0275  0.0850  0.0605  27 SER B CA  
476 C CA  B SER B 28 ? 0.6131 0.7751 0.7427 0.0274  0.0850  0.0603  27 SER B CA  
477 C C   . SER B 28 ? 0.6250 0.7884 0.7568 0.0212  0.0878  0.0559  27 SER B C   
478 O O   . SER B 28 ? 0.6737 0.8486 0.8032 0.0185  0.0878  0.0536  27 SER B O   
479 C CB  A SER B 28 ? 0.6398 0.7924 0.7617 0.0326  0.0810  0.0661  27 SER B CB  
480 C CB  B SER B 28 ? 0.6402 0.7941 0.7622 0.0332  0.0805  0.0659  27 SER B CB  
481 O OG  A SER B 28 ? 0.6010 0.7529 0.7216 0.0409  0.0758  0.0679  27 SER B OG  
482 O OG  B SER B 28 ? 0.6839 0.8269 0.8035 0.0294  0.0831  0.0674  27 SER B OG  
483 N N   . LEU B 29 ? 0.6248 0.7776 0.7617 0.0198  0.0891  0.0533  28 LEU B N   
484 C CA  . LEU B 29 ? 0.6697 0.8282 0.8135 0.0152  0.0914  0.0440  28 LEU B CA  
485 C C   . LEU B 29 ? 0.8330 0.9909 0.9807 0.0104  0.0918  0.0384  28 LEU B C   
486 O O   . LEU B 29 ? 0.8157 0.9853 0.9666 0.0059  0.0945  0.0307  28 LEU B O   
487 C CB  . LEU B 29 ? 0.6555 0.8058 0.8079 0.0178  0.0903  0.0386  28 LEU B CB  
488 C CG  . LEU B 29 ? 0.6944 0.8449 0.8440 0.0195  0.0908  0.0407  28 LEU B CG  
489 C CD1 . LEU B 29 ? 0.8179 0.9635 0.9805 0.0239  0.0881  0.0326  28 LEU B CD1 
490 C CD2 . LEU B 29 ? 0.7314 0.8978 0.8753 0.0114  0.0949  0.0364  28 LEU B CD2 
491 N N   . LYS B 30 ? 0.9292 1.0722 1.0739 0.0087  0.0892  0.0420  29 LYS B N   
492 C CA  . LYS B 30 ? 1.0413 1.1804 1.1820 -0.0010 0.0895  0.0389  29 LYS B CA  
493 C C   . LYS B 30 ? 1.0552 1.2220 1.1939 -0.0038 0.0943  0.0373  29 LYS B C   
494 O O   . LYS B 30 ? 1.0761 1.2538 1.2173 -0.0081 0.0967  0.0304  29 LYS B O   
495 C CB  . LYS B 30 ? 1.0707 1.1891 1.1996 -0.0083 0.0857  0.0454  29 LYS B CB  
496 C CG  . LYS B 30 ? 1.0495 1.1398 1.1762 -0.0044 0.0774  0.0510  29 LYS B CG  
500 N N   . GLY B 31 ? 1.1534 1.3318 1.2895 0.0014  0.0939  0.0421  30 GLY B N   
501 C CA  . GLY B 31 ? 1.2089 1.4131 1.3452 0.0031  0.0939  0.0395  30 GLY B CA  
502 C C   . GLY B 31 ? 1.2666 1.4877 1.4042 -0.0008 0.0952  0.0334  30 GLY B C   
503 O O   . GLY B 31 ? 1.3459 1.5643 1.4835 -0.0006 0.0953  0.0333  30 GLY B O   
504 N N   . GLY C 2  ? 1.4640 1.8789 1.4754 -0.2614 -0.1013 0.2812  1  GLY C N   
505 C CA  . GLY C 2  ? 1.3891 1.7660 1.3604 -0.2488 -0.1007 0.2584  1  GLY C CA  
506 C C   . GLY C 2  ? 1.3465 1.6744 1.3051 -0.2279 -0.0948 0.2429  1  GLY C C   
507 O O   . GLY C 2  ? 1.3594 1.6945 1.3561 -0.2133 -0.0923 0.2490  1  GLY C O   
508 N N   . GLU C 3  ? 1.3226 1.5956 1.2229 -0.2275 -0.0930 0.2234  2  GLU C N   
509 C CA  . GLU C 3  ? 1.2709 1.4876 1.1463 -0.2109 -0.0885 0.2091  2  GLU C CA  
510 C C   . GLU C 3  ? 1.2457 1.4826 1.1709 -0.2122 -0.0813 0.2236  2  GLU C C   
511 O O   . GLU C 3  ? 1.0876 1.3118 1.0312 -0.1916 -0.0787 0.2194  2  GLU C O   
512 C CB  . GLU C 3  ? 1.3496 1.4977 1.1459 -0.2227 -0.0872 0.1935  2  GLU C CB  
513 C CG  . GLU C 3  ? 1.4608 1.5599 1.1933 -0.2061 -0.0957 0.1707  2  GLU C CG  
517 N N   . LEU C 4  ? 1.2243 1.4992 1.1756 -0.2344 -0.0785 0.2394  3  LEU C N   
518 C CA  . LEU C 4  ? 1.1914 1.4761 1.1770 -0.2332 -0.0712 0.2445  3  LEU C CA  
519 C C   . LEU C 4  ? 1.1469 1.4617 1.1932 -0.2113 -0.0730 0.2564  3  LEU C C   
520 O O   . LEU C 4  ? 1.0954 1.3870 1.1510 -0.1962 -0.0672 0.2499  3  LEU C O   
521 C CB  . LEU C 4  ? 1.2959 1.6220 1.2958 -0.2603 -0.0680 0.2528  3  LEU C CB  
522 C CG  . LEU C 4  ? 1.2459 1.5787 1.2699 -0.2615 -0.0582 0.2495  3  LEU C CG  
523 C CD1 . LEU C 4  ? 1.2685 1.5988 1.2537 -0.2969 -0.0498 0.2391  3  LEU C CD1 
524 C CD2 . LEU C 4  ? 1.2351 1.6333 1.3344 -0.2479 -0.0627 0.2664  3  LEU C CD2 
525 N N   . ALA C 5  ? 1.1049 1.4660 1.1867 -0.2118 -0.0808 0.2742  4  ALA C N   
526 C CA  . ALA C 5  ? 1.0356 1.4162 1.1667 -0.1940 -0.0831 0.2876  4  ALA C CA  
527 C C   . ALA C 5  ? 0.9214 1.2717 1.0461 -0.1755 -0.0803 0.2760  4  ALA C C   
528 O O   . ALA C 5  ? 0.8899 1.2408 1.0468 -0.1617 -0.0781 0.2816  4  ALA C O   
529 C CB  . ALA C 5  ? 1.0640 1.4855 1.2174 -0.2003 -0.0936 0.3083  4  ALA C CB  
530 N N   . GLN C 6  ? 0.9490 1.2769 1.0318 -0.1751 -0.0813 0.2589  5  GLN C N   
531 C CA  . GLN C 6  ? 1.0919 1.3968 1.1616 -0.1559 -0.0798 0.2403  5  GLN C CA  
532 C C   . GLN C 6  ? 0.9643 1.2294 1.0276 -0.1417 -0.0726 0.2287  5  GLN C C   
533 O O   . GLN C 6  ? 0.9034 1.1674 0.9922 -0.1279 -0.0686 0.2273  5  GLN C O   
534 C CB  . GLN C 6  ? 1.2038 1.4932 1.2238 -0.1540 -0.0849 0.2195  5  GLN C CB  
535 C CG  . GLN C 6  ? 1.2600 1.5791 1.2844 -0.1489 -0.0886 0.2098  5  GLN C CG  
536 C CD  . GLN C 6  ? 1.4311 1.7429 1.4607 -0.1263 -0.0858 0.1906  5  GLN C CD  
537 O OE1 . GLN C 6  ? 1.4870 1.7597 1.4867 -0.1061 -0.0864 0.1702  5  GLN C OE1 
538 N NE2 . GLN C 6  ? 1.4151 1.7623 1.4778 -0.1308 -0.0831 0.1964  5  GLN C NE2 
539 N N   . SER C 7  ? 0.9915 1.2242 1.0179 -0.1502 -0.0705 0.2218  6  SER C N   
540 C CA  . SER C 7  ? 0.8608 1.0530 0.8727 -0.1452 -0.0629 0.2125  6  SER C CA  
541 C C   . SER C 7  ? 0.7709 0.9864 0.8378 -0.1404 -0.0561 0.2235  6  SER C C   
542 O O   . SER C 7  ? 0.8564 1.0493 0.9275 -0.1251 -0.0514 0.2146  6  SER C O   
543 C CB  . SER C 7  ? 1.0108 1.1750 0.9774 -0.1672 -0.0602 0.2086  6  SER C CB  
544 O OG  . SER C 7  ? 1.1728 1.2774 1.0723 -0.1571 -0.0653 0.1891  6  SER C OG  
545 N N   . LEU C 8  ? 0.7824 1.0453 0.8928 -0.1495 -0.0577 0.2428  7  LEU C N   
546 C CA  A LEU C 8  ? 0.7423 1.0276 0.9037 -0.1421 -0.0536 0.2532  7  LEU C CA  
547 C CA  B LEU C 8  ? 0.7557 1.0426 0.9184 -0.1422 -0.0538 0.2540  7  LEU C CA  
548 C C   . LEU C 8  ? 0.7119 0.9991 0.8991 -0.1252 -0.0550 0.2580  7  LEU C C   
549 O O   . LEU C 8  ? 0.7610 1.0403 0.9729 -0.1133 -0.0490 0.2570  7  LEU C O   
550 C CB  A LEU C 8  ? 0.7574 1.0920 0.9504 -0.1540 -0.0580 0.2701  7  LEU C CB  
551 C CB  B LEU C 8  ? 0.7785 1.1157 0.9740 -0.1528 -0.0596 0.2725  7  LEU C CB  
552 C CG  A LEU C 8  ? 0.7981 1.1429 0.9744 -0.1756 -0.0528 0.2627  7  LEU C CG  
553 C CG  B LEU C 8  ? 0.8264 1.1850 1.0240 -0.1692 -0.0548 0.2689  7  LEU C CG  
554 C CD1 A LEU C 8  ? 0.7530 1.1594 0.9598 -0.1872 -0.0594 0.2763  7  LEU C CD1 
555 C CD1 B LEU C 8  ? 0.7866 1.1481 1.0165 -0.1580 -0.0460 0.2633  7  LEU C CD1 
556 C CD2 A LEU C 8  ? 0.7620 1.0900 0.9432 -0.1731 -0.0406 0.2495  7  LEU C CD2 
557 C CD2 B LEU C 8  ? 0.8742 1.1987 1.0105 -0.1904 -0.0501 0.2532  7  LEU C CD2 
558 N N   . LYS C 9  ? 0.8126 1.1108 0.9928 -0.1268 -0.0617 0.2618  8  LYS C N   
559 C CA  . LYS C 9  ? 0.6808 0.9784 0.8790 -0.1165 -0.0602 0.2627  8  LYS C CA  
560 C C   . LYS C 9  ? 0.6296 0.8968 0.8098 -0.1024 -0.0534 0.2392  8  LYS C C   
561 O O   . LYS C 9  ? 0.7260 0.9839 0.9260 -0.0925 -0.0469 0.2365  8  LYS C O   
562 C CB  . LYS C 9  ? 0.8083 1.1300 1.0030 -0.1271 -0.0673 0.2715  8  LYS C CB  
567 N N   . GLU C 10 ? 0.6390 0.8860 0.7775 -0.0996 -0.0555 0.2209  9  GLU C N   
568 C CA  . GLU C 10 ? 0.8085 1.0216 0.9228 -0.0819 -0.0523 0.1975  9  GLU C CA  
569 C C   . GLU C 10 ? 0.6896 0.8767 0.8152 -0.0770 -0.0432 0.1969  9  GLU C C   
570 O O   . GLU C 10 ? 0.7047 0.8808 0.8383 -0.0643 -0.0382 0.1870  9  GLU C O   
571 C CB  . GLU C 10 ? 0.8905 1.0744 0.9487 -0.0777 -0.0592 0.1802  9  GLU C CB  
572 C CG  . GLU C 10 ? 1.0666 1.2755 1.1130 -0.0745 -0.0670 0.1704  9  GLU C CG  
573 C CD  . GLU C 10 ? 1.1513 1.3844 1.2152 -0.0600 -0.0658 0.1550  9  GLU C CD  
574 O OE1 . GLU C 10 ? 1.2699 1.5460 1.3613 -0.0715 -0.0644 0.1617  9  GLU C OE1 
575 O OE2 . GLU C 10 ? 1.1932 1.4024 1.2405 -0.0400 -0.0658 0.1356  9  GLU C OE2 
576 N N   . LEU C 11 ? 0.7296 0.9183 0.8624 -0.0899 -0.0404 0.2081  10 LEU C N   
577 C CA  . LEU C 11 ? 0.6547 0.8260 0.7970 -0.0904 -0.0305 0.2054  10 LEU C CA  
578 C C   . LEU C 11 ? 0.5803 0.7732 0.7755 -0.0818 -0.0254 0.2149  10 LEU C C   
579 O O   . LEU C 11 ? 0.5504 0.7253 0.7523 -0.0714 -0.0183 0.2057  10 LEU C O   
580 C CB  . LEU C 11 ? 0.7141 0.8957 0.8520 -0.1106 -0.0284 0.2115  10 LEU C CB  
581 C CG  . LEU C 11 ? 0.7001 0.8735 0.8449 -0.1176 -0.0169 0.2052  10 LEU C CG  
582 C CD1 . LEU C 11 ? 0.6199 0.7361 0.7156 -0.1124 -0.0136 0.1871  10 LEU C CD1 
583 C CD2 . LEU C 11 ? 0.7425 0.9417 0.8858 -0.1426 -0.0136 0.2078  10 LEU C CD2 
584 N N   . ALA C 12 ? 0.5708 0.7966 0.7955 -0.0845 -0.0310 0.2326  11 ALA C N   
585 C CA  . ALA C 12 ? 0.5026 0.7392 0.7680 -0.0765 -0.0285 0.2438  11 ALA C CA  
586 C C   . ALA C 12 ? 0.5815 0.8009 0.8437 -0.0677 -0.0240 0.2337  11 ALA C C   
587 O O   . ALA C 12 ? 0.6294 0.8375 0.9121 -0.0595 -0.0164 0.2316  11 ALA C O   
588 C CB  . ALA C 12 ? 0.5111 0.7776 0.7932 -0.0830 -0.0391 0.2659  11 ALA C CB  
589 N N   . LYS C 13 ? 0.5880 0.8089 0.8237 -0.0694 -0.0281 0.2236  12 LYS C N   
590 C CA  . LYS C 13 ? 0.6210 0.8353 0.8532 -0.0620 -0.0230 0.2080  12 LYS C CA  
591 C C   . LYS C 13 ? 0.5429 0.7296 0.7622 -0.0494 -0.0166 0.1889  12 LYS C C   
592 O O   . LYS C 13 ? 0.5574 0.7374 0.7903 -0.0436 -0.0088 0.1817  12 LYS C O   
593 C CB  . LYS C 13 ? 0.6489 0.8813 0.8541 -0.0639 -0.0295 0.1938  12 LYS C CB  
594 C CG  . LYS C 13 ? 0.7449 1.0065 0.9566 -0.0809 -0.0350 0.2099  12 LYS C CG  
595 C CD  . LYS C 13 ? 0.7306 1.0169 0.9166 -0.0828 -0.0401 0.1904  12 LYS C CD  
596 C CE  . LYS C 13 ? 0.7943 1.1094 0.9826 -0.1040 -0.0443 0.2052  12 LYS C CE  
597 N NZ  . LYS C 13 ? 0.8147 1.1592 0.9799 -0.1031 -0.0476 0.1789  12 LYS C NZ  
598 N N   . SER C 14 ? 0.5672 0.7338 0.7524 -0.0469 -0.0206 0.1796  13 SER C N   
599 C CA  A SER C 14 ? 0.6052 0.7354 0.7673 -0.0365 -0.0158 0.1623  13 SER C CA  
600 C CA  B SER C 14 ? 0.5993 0.7286 0.7601 -0.0368 -0.0160 0.1623  13 SER C CA  
601 C C   . SER C 14 ? 0.5430 0.6680 0.7383 -0.0389 -0.0040 0.1689  13 SER C C   
602 O O   . SER C 14 ? 0.5670 0.6770 0.7658 -0.0301 0.0033  0.1570  13 SER C O   
603 C CB  A SER C 14 ? 0.6398 0.7379 0.7526 -0.0386 -0.0216 0.1552  13 SER C CB  
604 C CB  B SER C 14 ? 0.6346 0.7322 0.7471 -0.0404 -0.0215 0.1566  13 SER C CB  
605 O OG  A SER C 14 ? 0.6556 0.7550 0.7364 -0.0305 -0.0330 0.1447  13 SER C OG  
606 O OG  B SER C 14 ? 0.6170 0.7233 0.7404 -0.0583 -0.0186 0.1719  13 SER C OG  
607 N N   . LEU C 15 ? 0.5089 0.6533 0.7342 -0.0484 -0.0023 0.1864  14 LEU C N   
608 C CA  . LEU C 15 ? 0.5080 0.6562 0.7716 -0.0474 0.0080  0.1913  14 LEU C CA  
609 C C   . LEU C 15 ? 0.4775 0.6272 0.7695 -0.0390 0.0127  0.1937  14 LEU C C   
610 O O   . LEU C 15 ? 0.5281 0.6637 0.8320 -0.0331 0.0227  0.1850  14 LEU C O   
611 C CB  . LEU C 15 ? 0.5698 0.7480 0.8585 -0.0556 0.0048  0.2071  14 LEU C CB  
612 C CG  . LEU C 15 ? 0.5866 0.7581 0.8393 -0.0711 0.0049  0.1993  14 LEU C CG  
613 C CD1 . LEU C 15 ? 0.6693 0.8822 0.9448 -0.0816 0.0005  0.2125  14 LEU C CD1 
614 C CD2 . LEU C 15 ? 0.5962 0.7498 0.8415 -0.0758 0.0164  0.1853  14 LEU C CD2 
615 N N   . LYS C 16 ? 0.4841 0.6466 0.7804 -0.0404 0.0068  0.2028  15 LYS C N   
616 C CA  . LYS C 16 ? 0.4455 0.6001 0.7576 -0.0370 0.0138  0.2013  15 LYS C CA  
617 C C   . LYS C 16 ? 0.4066 0.5499 0.7015 -0.0330 0.0200  0.1797  15 LYS C C   
618 O O   . LYS C 16 ? 0.5067 0.6380 0.8134 -0.0302 0.0297  0.1731  15 LYS C O   
619 C CB  . LYS C 16 ? 0.5334 0.7009 0.8455 -0.0458 0.0075  0.2145  15 LYS C CB  
620 C CG  . LYS C 16 ? 0.5947 0.7619 0.9308 -0.0450 0.0030  0.2381  15 LYS C CG  
621 C CD  . LYS C 16 ? 0.7642 0.9364 1.0898 -0.0573 -0.0052 0.2539  15 LYS C CD  
622 C CE  . LYS C 16 ? 0.9476 1.1422 1.2746 -0.0594 -0.0179 0.2694  15 LYS C CE  
623 N NZ  . LYS C 16 ? 0.9881 1.1957 1.3000 -0.0734 -0.0289 0.2854  15 LYS C NZ  
624 N N   . GLU C 17 ? 0.4272 0.5753 0.6909 -0.0312 0.0134  0.1662  16 GLU C N   
625 C CA  . GLU C 17 ? 0.5384 0.6784 0.7808 -0.0216 0.0159  0.1414  16 GLU C CA  
626 C C   . GLU C 17 ? 0.4550 0.5656 0.6957 -0.0153 0.0238  0.1339  16 GLU C C   
627 O O   . GLU C 17 ? 0.4550 0.5583 0.7018 -0.0114 0.0323  0.1223  16 GLU C O   
628 C CB  . GLU C 17 ? 0.4904 0.6349 0.6925 -0.0136 0.0028  0.1270  16 GLU C CB  
629 C CG  . GLU C 17 ? 0.6668 0.8492 0.8731 -0.0204 -0.0016 0.1259  16 GLU C CG  
630 C CD  . GLU C 17 ? 0.7449 0.9460 0.9220 -0.0073 -0.0106 0.0995  16 GLU C CD  
631 O OE1 . GLU C 17 ? 0.8011 0.9998 0.9534 -0.0028 -0.0215 0.0987  16 GLU C OE1 
632 O OE2 . GLU C 17 ? 0.9047 1.1219 1.0834 -0.0009 -0.0069 0.0793  16 GLU C OE2 
633 N N   . LEU C 18 ? 0.4684 0.5661 0.7028 -0.0189 0.0226  0.1417  17 LEU C N   
634 C CA  . LEU C 18 ? 0.4874 0.5579 0.7162 -0.0189 0.0318  0.1337  17 LEU C CA  
635 C C   . LEU C 18 ? 0.4066 0.4844 0.6782 -0.0196 0.0437  0.1391  17 LEU C C   
636 O O   . LEU C 18 ? 0.4678 0.5326 0.7418 -0.0155 0.0523  0.1268  17 LEU C O   
637 C CB  . LEU C 18 ? 0.5639 0.6268 0.7745 -0.0293 0.0287  0.1399  17 LEU C CB  
638 C CG  . LEU C 18 ? 0.5831 0.6221 0.7848 -0.0361 0.0399  0.1304  17 LEU C CG  
639 C CD1 . LEU C 18 ? 0.6067 0.6043 0.7589 -0.0294 0.0382  0.1121  17 LEU C CD1 
640 C CD2 . LEU C 18 ? 0.5659 0.6035 0.7471 -0.0526 0.0379  0.1351  17 LEU C CD2 
641 N N   . ALA C 19 ? 0.4770 0.5761 0.7832 -0.0222 0.0426  0.1572  18 ALA C N   
642 C CA  . ALA C 19 ? 0.5012 0.5989 0.8451 -0.0183 0.0525  0.1617  18 ALA C CA  
643 C C   . ALA C 19 ? 0.4998 0.5877 0.8431 -0.0172 0.0585  0.1538  18 ALA C C   
644 O O   . ALA C 19 ? 0.4711 0.5451 0.8267 -0.0145 0.0697  0.1453  18 ALA C O   
645 C CB  . ALA C 19 ? 0.5141 0.6277 0.8879 -0.0165 0.0467  0.1831  18 ALA C CB  
646 N N   . TRP C 20 ? 0.5243 0.6218 0.8491 -0.0212 0.0525  0.1511  19 TRP C N   
647 C CA  . TRP C 20 ? 0.5101 0.6043 0.8336 -0.0242 0.0610  0.1386  19 TRP C CA  
648 C C   . TRP C 20 ? 0.4810 0.5684 0.7866 -0.0177 0.0650  0.1160  19 TRP C C   
649 O O   . TRP C 20 ? 0.4561 0.5374 0.7670 -0.0193 0.0750  0.1051  19 TRP C O   
650 C CB  . TRP C 20 ? 0.6028 0.7211 0.9103 -0.0343 0.0559  0.1342  19 TRP C CB  
651 C CG  . TRP C 20 ? 0.6162 0.7409 0.9296 -0.0431 0.0484  0.1570  19 TRP C CG  
652 C CD1 . TRP C 20 ? 0.6329 0.7397 0.9658 -0.0424 0.0488  0.1774  19 TRP C CD1 
653 C CD2 . TRP C 20 ? 0.5960 0.7460 0.8942 -0.0521 0.0388  0.1604  19 TRP C CD2 
654 N NE1 . TRP C 20 ? 0.5717 0.6864 0.9008 -0.0497 0.0396  0.1943  19 TRP C NE1 
655 C CE2 . TRP C 20 ? 0.6215 0.7630 0.9299 -0.0580 0.0340  0.1855  19 TRP C CE2 
656 C CE3 . TRP C 20 ? 0.5847 0.7659 0.8620 -0.0552 0.0337  0.1426  19 TRP C CE3 
657 C CZ2 . TRP C 20 ? 0.6218 0.7810 0.9186 -0.0703 0.0253  0.1960  19 TRP C CZ2 
658 C CZ3 . TRP C 20 ? 0.5994 0.8018 0.8680 -0.0652 0.0251  0.1513  19 TRP C CZ3 
659 C CH2 . TRP C 20 ? 0.6857 0.8761 0.9636 -0.0751 0.0217  0.1790  19 TRP C CH2 
660 N N   . SER C 21 ? 0.4886 0.5743 0.7653 -0.0105 0.0558  0.1071  20 SER C N   
661 C CA  A SER C 21 ? 0.5045 0.5735 0.7570 -0.0021 0.0576  0.0867  20 SER C CA  
662 C CA  B SER C 21 ? 0.5119 0.5814 0.7656 -0.0024 0.0582  0.0865  20 SER C CA  
663 C C   . SER C 21 ? 0.4778 0.5245 0.7472 -0.0050 0.0712  0.0871  20 SER C C   
664 O O   . SER C 21 ? 0.4812 0.5186 0.7456 -0.0028 0.0785  0.0720  20 SER C O   
665 C CB  A SER C 21 ? 0.5357 0.5897 0.7423 0.0077  0.0434  0.0785  20 SER C CB  
666 C CB  B SER C 21 ? 0.5532 0.6078 0.7627 0.0073  0.0448  0.0782  20 SER C CB  
667 O OG  A SER C 21 ? 0.4482 0.4797 0.6426 0.0018  0.0419  0.0893  20 SER C OG  
668 O OG  B SER C 21 ? 0.4824 0.5613 0.6775 0.0131  0.0326  0.0729  20 SER C OG  
669 N N   . LEU C 22 ? 0.5055 0.5490 0.7927 -0.0097 0.0735  0.1013  21 LEU C N   
670 C CA  . LEU C 22 ? 0.5512 0.5818 0.8571 -0.0129 0.0871  0.0981  21 LEU C CA  
671 C C   . LEU C 22 ? 0.5483 0.5796 0.8848 -0.0117 0.0984  0.0970  21 LEU C C   
672 O O   . LEU C 22 ? 0.5319 0.5509 0.8735 -0.0123 0.1101  0.0850  21 LEU C O   
673 C CB  . LEU C 22 ? 0.5384 0.5819 0.8657 -0.0172 0.0867  0.1115  21 LEU C CB  
674 C CG  . LEU C 22 ? 0.5676 0.5985 0.8514 -0.0251 0.0800  0.1068  21 LEU C CG  
675 C CD1 . LEU C 22 ? 0.5599 0.6122 0.8547 -0.0332 0.0758  0.1193  21 LEU C CD1 
676 C CD2 . LEU C 22 ? 0.5917 0.5946 0.8448 -0.0318 0.0876  0.0905  21 LEU C CD2 
677 N N   . LYS C 23 ? 0.5745 0.6162 0.9256 -0.0122 0.0950  0.1086  22 LYS C N   
678 C CA  . LYS C 23 ? 0.5619 0.5928 0.9351 -0.0139 0.1062  0.1091  22 LYS C CA  
679 C C   . LYS C 23 ? 0.5850 0.6139 0.9394 -0.0182 0.1125  0.0894  22 LYS C C   
680 O O   . LYS C 23 ? 0.6492 0.6656 1.0113 -0.0205 0.1248  0.0798  22 LYS C O   
681 C CB  . LYS C 23 ? 0.6341 0.6655 1.0146 -0.0184 0.1009  0.1273  22 LYS C CB  
682 C CG  . LYS C 23 ? 0.8145 0.8464 1.2166 -0.0106 0.0926  0.1497  22 LYS C CG  
683 C CD  . LYS C 23 ? 0.8358 0.8511 1.2369 -0.0144 0.0870  0.1691  22 LYS C CD  
686 N N   . GLU C 24 ? 0.6125 0.6582 0.9406 -0.0184 0.1035  0.0803  23 GLU C N   
687 C CA  . GLU C 24 ? 0.5776 0.6300 0.8892 -0.0194 0.1078  0.0578  23 GLU C CA  
688 C C   . GLU C 24 ? 0.5626 0.5972 0.8623 -0.0129 0.1117  0.0449  23 GLU C C   
689 O O   . GLU C 24 ? 0.6243 0.6560 0.9222 -0.0154 0.1211  0.0295  23 GLU C O   
690 C CB  . GLU C 24 ? 0.6082 0.6910 0.8941 -0.0153 0.0936  0.0474  23 GLU C CB  
691 C CG  . GLU C 24 ? 0.8004 0.9046 1.0709 -0.0136 0.0951  0.0210  23 GLU C CG  
692 C CD  . GLU C 24 ? 0.8101 0.9568 1.0592 -0.0061 0.0805  0.0045  23 GLU C CD  
693 O OE1 . GLU C 24 ? 0.7300 0.8864 0.9822 -0.0101 0.0738  0.0184  23 GLU C OE1 
694 O OE2 . GLU C 24 ? 0.8132 0.9821 1.0417 0.0069  0.0739  -0.0220 23 GLU C OE2 
695 N N   . LEU C 25 ? 0.5307 0.5523 0.8132 -0.0068 0.1036  0.0487  24 LEU C N   
696 C CA  . LEU C 25 ? 0.5986 0.5946 0.8608 -0.0057 0.1089  0.0361  24 LEU C CA  
697 C C   . LEU C 25 ? 0.5603 0.5483 0.8578 -0.0137 0.1276  0.0372  24 LEU C C   
698 O O   . LEU C 25 ? 0.5862 0.5642 0.8789 -0.0160 0.1371  0.0228  24 LEU C O   
699 C CB  . LEU C 25 ? 0.5668 0.5442 0.8011 -0.0059 0.1000  0.0422  24 LEU C CB  
700 C CG  . LEU C 25 ? 0.6258 0.5693 0.8252 -0.0107 0.1041  0.0304  24 LEU C CG  
701 C CD1 . LEU C 25 ? 0.6315 0.5592 0.7903 -0.0004 0.0973  0.0118  24 LEU C CD1 
702 C CD2 . LEU C 25 ? 0.6569 0.5820 0.8252 -0.0173 0.0960  0.0382  24 LEU C CD2 
703 N N   . ALA C 26 ? 0.5146 0.5095 0.8473 -0.0152 0.1313  0.0532  25 ALA C N   
704 C CA  . ALA C 26 ? 0.6189 0.6068 0.9867 -0.0170 0.1477  0.0515  25 ALA C CA  
705 C C   . ALA C 26 ? 0.6652 0.6453 1.0387 -0.0200 0.1582  0.0421  25 ALA C C   
706 O O   . ALA C 26 ? 0.7262 0.6962 1.1008 -0.0234 0.1702  0.0283  25 ALA C O   
707 C CB  . ALA C 26 ? 0.6256 0.6226 1.0290 -0.0116 0.1466  0.0685  25 ALA C CB  
708 N N   . GLN C 27 ? 0.7418 0.7292 1.1095 -0.0228 0.1534  0.0459  26 GLN C N   
709 C CA  . GLN C 27 ? 0.7601 0.7425 1.1274 -0.0318 0.1646  0.0351  26 GLN C CA  
710 C C   . GLN C 27 ? 0.7302 0.7205 1.0739 -0.0342 0.1670  0.0125  26 GLN C C   
711 O O   . GLN C 27 ? 0.7598 0.7433 1.1057 -0.0418 0.1803  -0.0009 26 GLN C O   
712 C CB  . GLN C 27 ? 0.8291 0.8218 1.1910 -0.0396 0.1586  0.0442  26 GLN C CB  
713 C CG  . GLN C 27 ? 1.0580 1.0416 1.4161 -0.0563 0.1710  0.0372  26 GLN C CG  
714 C CD  . GLN C 27 ? 1.2410 1.2468 1.5830 -0.0693 0.1632  0.0415  26 GLN C CD  
715 O OE1 . GLN C 27 ? 1.4399 1.4746 1.7655 -0.0822 0.1656  0.0232  26 GLN C OE1 
716 N NE2 . GLN C 27 ? 1.2181 1.2184 1.5647 -0.0656 0.1527  0.0636  26 GLN C NE2 
717 N N   . SER C 28 ? 0.6625 0.6666 0.9791 -0.0266 0.1527  0.0068  27 SER C N   
718 C CA  . SER C 28 ? 0.6803 0.6887 0.9714 -0.0245 0.1525  -0.0155 27 SER C CA  
719 C C   . SER C 28 ? 0.7471 0.7272 1.0373 -0.0259 0.1629  -0.0203 27 SER C C   
720 O O   . SER C 28 ? 0.6907 0.6660 0.9693 -0.0286 0.1692  -0.0359 27 SER C O   
721 C CB  . SER C 28 ? 0.8145 0.8378 1.0717 -0.0110 0.1323  -0.0216 27 SER C CB  
722 O OG  . SER C 28 ? 0.9886 0.9903 1.2134 -0.0027 0.1271  -0.0325 27 SER C OG  
723 N N   . LEU C 29 ? 0.6827 0.6482 0.9828 -0.0257 0.1642  -0.0084 28 LEU C N   
724 C CA  . LEU C 29 ? 0.7775 0.7247 1.0775 -0.0319 0.1763  -0.0168 28 LEU C CA  
725 C C   . LEU C 29 ? 0.9412 0.8857 1.2788 -0.0382 0.1965  -0.0212 28 LEU C C   
726 O O   . LEU C 29 ? 0.9140 0.8481 1.2502 -0.0443 0.2078  -0.0330 28 LEU C O   
727 C CB  . LEU C 29 ? 0.6773 0.6178 0.9760 -0.0339 0.1736  -0.0074 28 LEU C CB  
728 C CG  . LEU C 29 ? 0.6844 0.6074 0.9298 -0.0335 0.1581  -0.0078 28 LEU C CG  
729 C CD1 . LEU C 29 ? 0.7096 0.6362 0.9602 -0.0387 0.1546  0.0057  28 LEU C CD1 
730 C CD2 . LEU C 29 ? 0.7058 0.6000 0.9060 -0.0394 0.1601  -0.0246 28 LEU C CD2 
731 N N   . LYS C 30 ? 0.9634 0.9115 1.3288 -0.0375 0.2004  -0.0118 29 LYS C N   
732 C CA  . LYS C 30 ? 1.0460 0.9807 1.4331 -0.0432 0.2180  -0.0187 29 LYS C CA  
733 C C   . LYS C 30 ? 1.0686 1.0084 1.4344 -0.0537 0.2225  -0.0347 29 LYS C C   
734 O O   . LYS C 30 ? 1.1256 1.0828 1.4768 -0.0571 0.2143  -0.0351 29 LYS C O   
735 C CB  . LYS C 30 ? 1.1305 1.0533 1.5436 -0.0384 0.2190  -0.0022 29 LYS C CB  
736 C CG  . LYS C 30 ? 1.0618 0.9879 1.5016 -0.0252 0.2160  0.0080  29 LYS C CG  
737 C CD  . LYS C 30 ? 1.1892 1.0936 1.6529 -0.0155 0.2189  0.0187  29 LYS C CD  
740 N N   . GLY C 31 ? 1.0194 0.9508 1.3830 -0.0601 0.2356  -0.0513 30 GLY C N   
# 
